data_6WBL
#
_entry.id   6WBL
#
loop_
_entity.id
_entity.type
_entity.pdbx_description
1 polymer Pannexin-1
2 non-polymer CARBENOXOLONE
#
_entity_poly.entity_id   1
_entity_poly.type   'polypeptide(L)'
_entity_poly.pdbx_seq_one_letter_code
;MAIAQLATEYVFSDFLLKEPTEPKFKGLRLELAVDKMVTCIAVGLPLLLISLAFAQEISIGTQISCFSPSSFSWRQAAFV
DSYCWAAVQQKNSLQSESGNLPLWLHKFFPYILLLFAILLYLPPLFWRFAAAPHICSDLKFIMEELDKVYNRAIKAAKSA
RDLDMRDGACSVPGVTENLGQSLWEVSESHFKYPIVEQYLKTKKNSNNLIIKYISCRLLTLIIILLACIYLGYYFSLSSL
SDEFVCSIKSGILRNDSTVPDQFQCKLIAVGIFQLLSVINLVVYVLLAPVVVYTLFVPFRQKTDVLKVYEILPTFDVLHF
KSEGYNDLSLYNLFLEENISEVKSYKCLKVLENIKSSGQGIDPMLLLTNL
;
_entity_poly.pdbx_strand_id   A,B,C,D,E,F,G
#
# COMPACT_ATOMS: atom_id res chain seq x y z
N LEU A 28 -13.05 -20.38 -14.33
CA LEU A 28 -13.35 -19.18 -15.08
C LEU A 28 -12.11 -18.34 -15.31
N ARG A 29 -10.98 -19.01 -15.54
CA ARG A 29 -9.71 -18.35 -15.78
C ARG A 29 -9.74 -17.50 -17.05
N LEU A 30 -10.38 -18.05 -18.08
CA LEU A 30 -10.52 -17.39 -19.39
C LEU A 30 -9.18 -17.01 -20.02
N GLU A 31 -8.19 -17.88 -19.87
CA GLU A 31 -6.85 -17.68 -20.40
C GLU A 31 -6.11 -19.00 -20.32
N LEU A 32 -5.83 -19.60 -21.48
CA LEU A 32 -5.15 -20.88 -21.51
C LEU A 32 -3.74 -20.75 -20.95
N ALA A 33 -3.31 -21.79 -20.23
CA ALA A 33 -2.03 -21.74 -19.53
C ALA A 33 -0.89 -21.37 -20.49
N VAL A 34 -0.90 -21.93 -21.70
CA VAL A 34 0.14 -21.59 -22.65
C VAL A 34 0.00 -20.14 -23.08
N ASP A 35 -1.22 -19.64 -23.21
CA ASP A 35 -1.41 -18.24 -23.55
C ASP A 35 -1.00 -17.33 -22.40
N LYS A 36 -1.32 -17.73 -21.17
CA LYS A 36 -0.92 -16.93 -20.02
C LYS A 36 0.60 -16.86 -19.92
N MET A 37 1.29 -17.97 -20.15
CA MET A 37 2.74 -17.94 -20.07
C MET A 37 3.36 -17.19 -21.24
N VAL A 38 2.78 -17.30 -22.44
CA VAL A 38 3.30 -16.52 -23.56
C VAL A 38 3.15 -15.04 -23.29
N THR A 39 2.01 -14.63 -22.75
CA THR A 39 1.82 -13.22 -22.39
C THR A 39 2.81 -12.81 -21.33
N CYS A 40 2.94 -13.60 -20.27
CA CYS A 40 3.85 -13.27 -19.18
C CYS A 40 5.26 -13.09 -19.70
N ILE A 41 5.74 -14.02 -20.52
CA ILE A 41 7.08 -13.89 -21.07
C ILE A 41 7.19 -12.67 -21.97
N ALA A 42 6.36 -12.60 -23.01
CA ALA A 42 6.50 -11.57 -24.03
C ALA A 42 6.33 -10.17 -23.44
N VAL A 43 5.70 -10.06 -22.27
CA VAL A 43 5.50 -8.74 -21.68
C VAL A 43 6.54 -8.45 -20.61
N GLY A 44 6.78 -9.41 -19.72
CA GLY A 44 7.68 -9.15 -18.60
C GLY A 44 9.14 -9.18 -19.00
N LEU A 45 9.48 -9.93 -20.05
CA LEU A 45 10.87 -9.99 -20.48
C LEU A 45 11.39 -8.64 -20.97
N PRO A 46 10.69 -7.92 -21.85
CA PRO A 46 11.19 -6.58 -22.18
C PRO A 46 11.20 -5.65 -20.98
N LEU A 47 10.24 -5.77 -20.07
CA LEU A 47 10.25 -4.93 -18.88
C LEU A 47 11.42 -5.29 -17.96
N LEU A 48 11.62 -6.59 -17.72
CA LEU A 48 12.75 -7.01 -16.91
C LEU A 48 14.07 -6.57 -17.52
N LEU A 49 14.17 -6.65 -18.85
CA LEU A 49 15.40 -6.26 -19.52
C LEU A 49 15.61 -4.76 -19.46
N ILE A 50 14.55 -3.96 -19.58
CA ILE A 50 14.67 -2.53 -19.36
C ILE A 50 15.19 -2.26 -17.96
N SER A 51 14.60 -2.90 -16.96
CA SER A 51 15.01 -2.66 -15.58
C SER A 51 16.43 -3.12 -15.34
N LEU A 52 16.88 -4.17 -16.02
CA LEU A 52 18.26 -4.61 -15.88
C LEU A 52 19.23 -3.66 -16.57
N ALA A 53 18.86 -3.13 -17.73
CA ALA A 53 19.78 -2.30 -18.49
C ALA A 53 20.21 -1.06 -17.72
N PHE A 54 19.44 -0.72 -16.67
CA PHE A 54 19.73 0.47 -15.84
C PHE A 54 19.86 0.07 -14.37
N ALA A 55 20.46 -1.09 -14.12
CA ALA A 55 20.66 -1.58 -12.73
C ALA A 55 21.63 -0.66 -11.99
N GLN A 56 21.40 -0.45 -10.69
CA GLN A 56 22.25 0.43 -9.85
C GLN A 56 23.72 0.03 -10.05
N GLU A 57 23.96 -1.12 -10.70
CA GLU A 57 25.26 -1.60 -10.96
C GLU A 57 25.57 -1.68 -12.49
N ILE A 58 24.69 -1.28 -13.46
CA ILE A 58 25.22 -1.46 -14.81
C ILE A 58 25.46 -0.10 -15.46
N SER A 59 24.68 0.90 -15.07
CA SER A 59 24.89 2.27 -15.55
C SER A 59 26.06 2.89 -14.81
N ILE A 60 27.04 3.40 -15.57
CA ILE A 60 28.16 4.08 -14.94
C ILE A 60 27.78 5.52 -14.58
N GLY A 61 26.82 6.08 -15.30
CA GLY A 61 26.47 7.47 -15.11
C GLY A 61 25.60 7.99 -16.23
N THR A 62 26.02 9.10 -16.84
CA THR A 62 25.28 9.64 -17.97
C THR A 62 25.27 8.66 -19.13
N GLN A 63 24.37 8.92 -20.09
CA GLN A 63 24.25 8.04 -21.23
C GLN A 63 25.21 8.44 -22.34
N ILE A 64 25.80 9.63 -22.24
CA ILE A 64 26.72 10.13 -23.25
C ILE A 64 27.88 10.83 -22.54
N SER A 65 29.06 10.74 -23.12
CA SER A 65 30.25 11.44 -22.63
C SER A 65 31.03 11.91 -23.85
N CYS A 66 31.56 13.12 -23.80
CA CYS A 66 32.04 13.77 -25.00
C CYS A 66 33.50 14.19 -24.99
N PHE A 67 34.18 14.14 -23.85
CA PHE A 67 35.60 14.49 -23.79
C PHE A 67 35.89 15.88 -24.34
N SER A 68 35.44 16.91 -23.65
CA SER A 68 35.84 18.27 -23.95
C SER A 68 37.31 18.45 -23.67
N PRO A 69 37.95 19.49 -24.19
CA PRO A 69 39.36 19.74 -23.88
C PRO A 69 39.56 20.01 -22.40
N SER A 70 40.83 19.99 -22.00
CA SER A 70 41.15 20.22 -20.59
C SER A 70 40.90 21.66 -20.19
N SER A 71 41.00 22.58 -21.14
CA SER A 71 40.79 24.00 -20.84
C SER A 71 39.33 24.28 -20.52
N PHE A 72 38.43 23.46 -21.05
CA PHE A 72 37.00 23.66 -20.80
C PHE A 72 36.70 23.52 -19.32
N SER A 73 35.84 24.39 -18.82
CA SER A 73 35.40 24.28 -17.45
C SER A 73 34.44 23.11 -17.29
N TRP A 74 34.04 22.87 -16.04
CA TRP A 74 33.08 21.81 -15.78
C TRP A 74 31.77 22.06 -16.51
N ARG A 75 31.28 23.30 -16.46
CA ARG A 75 29.99 23.60 -17.06
C ARG A 75 30.08 23.62 -18.57
N GLN A 76 31.24 24.01 -19.12
CA GLN A 76 31.40 23.96 -20.57
C GLN A 76 31.38 22.52 -21.07
N ALA A 77 32.03 21.62 -20.33
CA ALA A 77 31.97 20.21 -20.68
C ALA A 77 30.57 19.65 -20.55
N ALA A 78 29.85 20.07 -19.50
CA ALA A 78 28.45 19.66 -19.39
C ALA A 78 27.63 20.16 -20.57
N PHE A 79 27.91 21.38 -21.02
CA PHE A 79 27.22 21.90 -22.20
C PHE A 79 27.53 21.05 -23.42
N VAL A 80 28.80 20.67 -23.60
CA VAL A 80 29.15 19.86 -24.76
C VAL A 80 28.42 18.53 -24.72
N ASP A 81 28.41 17.88 -23.55
CA ASP A 81 27.71 16.61 -23.41
C ASP A 81 26.24 16.75 -23.75
N SER A 82 25.55 17.72 -23.13
CA SER A 82 24.11 17.86 -23.34
C SER A 82 23.81 18.28 -24.77
N TYR A 83 24.65 19.14 -25.35
CA TYR A 83 24.45 19.58 -26.72
C TYR A 83 24.54 18.41 -27.67
N CYS A 84 25.55 17.56 -27.50
CA CYS A 84 25.69 16.44 -28.43
C CYS A 84 24.59 15.42 -28.22
N TRP A 85 24.18 15.22 -26.97
CA TRP A 85 23.03 14.37 -26.69
C TRP A 85 21.80 14.85 -27.44
N ALA A 86 21.55 16.15 -27.41
CA ALA A 86 20.40 16.69 -28.13
C ALA A 86 20.69 16.77 -29.63
N ALA A 87 21.95 16.67 -30.01
CA ALA A 87 22.38 16.86 -31.39
C ALA A 87 22.49 15.56 -32.15
N VAL A 88 22.27 14.41 -31.52
CA VAL A 88 22.16 13.18 -32.30
C VAL A 88 20.99 13.27 -33.27
N GLN A 89 20.04 14.17 -33.02
CA GLN A 89 18.94 14.38 -33.95
C GLN A 89 19.34 15.29 -35.10
N GLN A 90 19.86 16.48 -34.78
CA GLN A 90 20.25 17.44 -35.80
C GLN A 90 21.40 16.86 -36.62
N LYS A 91 21.10 16.47 -37.86
CA LYS A 91 22.08 15.71 -38.65
C LYS A 91 23.26 16.57 -39.07
N ASN A 92 23.08 17.90 -39.09
CA ASN A 92 24.15 18.77 -39.56
C ASN A 92 25.30 18.82 -38.56
N SER A 93 24.99 18.70 -37.26
CA SER A 93 26.01 18.91 -36.25
C SER A 93 26.97 17.73 -36.15
N LEU A 94 26.44 16.51 -36.15
CA LEU A 94 27.22 15.33 -35.84
C LEU A 94 27.61 14.63 -37.14
N GLN A 95 28.83 14.09 -37.16
CA GLN A 95 29.34 13.30 -38.27
C GLN A 95 29.72 11.91 -37.74
N SER A 96 29.00 10.89 -38.19
CA SER A 96 29.25 9.53 -37.75
C SER A 96 29.50 8.63 -38.95
N GLU A 97 30.43 7.69 -38.79
CA GLU A 97 30.76 6.80 -39.89
C GLU A 97 29.59 5.89 -40.26
N SER A 98 28.85 5.40 -39.27
CA SER A 98 27.74 4.49 -39.56
C SER A 98 26.53 5.24 -40.10
N GLY A 99 26.32 6.47 -39.63
CA GLY A 99 25.18 7.27 -40.03
C GLY A 99 24.40 7.80 -38.84
N ASN A 100 23.40 8.61 -39.15
CA ASN A 100 22.60 9.23 -38.10
C ASN A 100 21.53 8.26 -37.58
N LEU A 101 21.11 7.32 -38.42
CA LEU A 101 20.12 6.34 -37.99
C LEU A 101 20.60 5.50 -36.81
N PRO A 102 21.84 4.98 -36.79
CA PRO A 102 22.29 4.29 -35.58
C PRO A 102 22.26 5.19 -34.36
N LEU A 103 22.56 6.47 -34.52
CA LEU A 103 22.53 7.38 -33.38
C LEU A 103 21.12 7.53 -32.85
N TRP A 104 20.15 7.74 -33.75
CA TRP A 104 18.75 7.77 -33.34
C TRP A 104 18.37 6.51 -32.60
N LEU A 105 18.77 5.35 -33.13
CA LEU A 105 18.38 4.09 -32.52
C LEU A 105 19.05 3.91 -31.16
N HIS A 106 20.26 4.44 -30.99
CA HIS A 106 20.95 4.29 -29.73
C HIS A 106 20.35 5.20 -28.66
N LYS A 107 19.96 6.42 -29.04
CA LYS A 107 19.36 7.30 -28.06
C LYS A 107 17.98 6.81 -27.63
N PHE A 108 17.19 6.30 -28.57
CA PHE A 108 15.84 5.83 -28.23
C PHE A 108 15.74 4.37 -27.76
N PHE A 109 16.78 3.88 -27.08
CA PHE A 109 16.94 2.45 -26.82
C PHE A 109 15.90 1.74 -25.94
N PRO A 110 15.53 2.39 -24.81
CA PRO A 110 14.58 1.88 -23.83
C PRO A 110 13.11 2.06 -24.22
N TYR A 111 12.82 3.11 -24.97
CA TYR A 111 11.46 3.38 -25.40
C TYR A 111 10.93 2.26 -26.29
N ILE A 112 11.79 1.76 -27.17
CA ILE A 112 11.44 0.70 -28.09
C ILE A 112 11.03 -0.60 -27.39
N LEU A 113 11.57 -0.85 -26.21
CA LEU A 113 11.23 -2.09 -25.50
C LEU A 113 9.92 -1.97 -24.74
N LEU A 114 9.69 -0.81 -24.10
CA LEU A 114 8.41 -0.61 -23.43
C LEU A 114 7.26 -0.60 -24.43
N LEU A 115 7.49 -0.04 -25.62
CA LEU A 115 6.47 -0.05 -26.65
C LEU A 115 6.14 -1.47 -27.06
N PHE A 116 7.15 -2.31 -27.21
CA PHE A 116 6.90 -3.70 -27.55
C PHE A 116 6.16 -4.42 -26.43
N ALA A 117 6.53 -4.13 -25.18
CA ALA A 117 5.82 -4.74 -24.06
C ALA A 117 4.34 -4.34 -24.07
N ILE A 118 4.06 -3.07 -24.32
CA ILE A 118 2.68 -2.60 -24.34
C ILE A 118 1.90 -3.23 -25.49
N LEU A 119 2.47 -3.21 -26.69
CA LEU A 119 1.80 -3.81 -27.83
C LEU A 119 1.58 -5.30 -27.63
N LEU A 120 2.49 -5.98 -26.92
CA LEU A 120 2.30 -7.40 -26.68
C LEU A 120 1.28 -7.64 -25.57
N TYR A 121 1.09 -6.66 -24.69
CA TYR A 121 0.06 -6.77 -23.67
C TYR A 121 -1.32 -6.45 -24.23
N LEU A 122 -1.38 -5.71 -25.33
CA LEU A 122 -2.68 -5.29 -25.87
C LEU A 122 -3.58 -6.45 -26.29
N PRO A 123 -3.14 -7.46 -27.04
CA PRO A 123 -4.05 -8.53 -27.44
C PRO A 123 -4.58 -9.33 -26.25
N PRO A 124 -3.76 -9.67 -25.25
CA PRO A 124 -4.34 -10.32 -24.06
C PRO A 124 -5.35 -9.44 -23.36
N LEU A 125 -5.15 -8.12 -23.36
CA LEU A 125 -6.13 -7.23 -22.76
C LEU A 125 -7.43 -7.24 -23.54
N PHE A 126 -7.34 -7.18 -24.86
CA PHE A 126 -8.55 -7.26 -25.69
C PHE A 126 -9.27 -8.57 -25.47
N TRP A 127 -8.52 -9.64 -25.27
CA TRP A 127 -9.12 -10.96 -25.05
C TRP A 127 -9.86 -10.98 -23.72
N ARG A 128 -9.18 -10.63 -22.64
CA ARG A 128 -9.77 -10.63 -21.31
C ARG A 128 -10.94 -9.65 -21.15
N PHE A 129 -10.81 -8.46 -21.71
CA PHE A 129 -11.88 -7.46 -21.58
C PHE A 129 -13.21 -7.83 -22.22
N ALA A 130 -13.18 -8.39 -23.43
CA ALA A 130 -14.42 -8.74 -24.11
C ALA A 130 -14.66 -10.23 -24.35
N ALA A 131 -13.67 -10.93 -24.90
CA ALA A 131 -13.79 -12.34 -25.22
C ALA A 131 -14.01 -13.25 -24.01
N ALA A 132 -13.29 -12.97 -22.92
CA ALA A 132 -13.37 -13.78 -21.71
C ALA A 132 -14.79 -14.09 -21.23
N PRO A 133 -15.57 -13.05 -20.91
CA PRO A 133 -16.94 -13.30 -20.42
C PRO A 133 -17.81 -14.18 -21.32
N HIS A 134 -17.75 -13.98 -22.64
CA HIS A 134 -18.56 -14.78 -23.55
C HIS A 134 -18.23 -16.27 -23.51
N ILE A 135 -16.94 -16.60 -23.47
CA ILE A 135 -16.50 -17.99 -23.43
C ILE A 135 -16.93 -18.73 -22.17
N CYS A 136 -16.85 -18.03 -21.04
CA CYS A 136 -17.18 -18.61 -19.74
C CYS A 136 -18.63 -19.08 -19.58
N SER A 137 -19.57 -18.22 -19.93
CA SER A 137 -20.99 -18.55 -19.79
C SER A 137 -21.33 -19.83 -20.53
N ASP A 138 -20.88 -19.94 -21.79
CA ASP A 138 -21.17 -21.14 -22.57
C ASP A 138 -20.57 -22.39 -21.95
N LEU A 139 -19.34 -22.29 -21.44
CA LEU A 139 -18.68 -23.45 -20.87
C LEU A 139 -19.34 -23.88 -19.58
N LYS A 140 -19.73 -22.91 -18.75
CA LYS A 140 -20.44 -23.24 -17.52
C LYS A 140 -21.77 -23.89 -17.84
N PHE A 141 -22.48 -23.39 -18.85
CA PHE A 141 -23.73 -24.01 -19.25
C PHE A 141 -23.51 -25.43 -19.76
N ILE A 142 -22.46 -25.65 -20.54
CA ILE A 142 -22.19 -26.98 -21.07
C ILE A 142 -21.86 -27.95 -19.94
N MET A 143 -21.07 -27.50 -18.96
CA MET A 143 -20.75 -28.36 -17.83
C MET A 143 -22.00 -28.67 -17.01
N GLU A 144 -22.85 -27.69 -16.76
CA GLU A 144 -24.09 -27.94 -16.04
C GLU A 144 -24.97 -28.93 -16.80
N GLU A 145 -25.09 -28.76 -18.11
CA GLU A 145 -25.92 -29.65 -18.91
C GLU A 145 -25.35 -31.07 -18.91
N LEU A 146 -24.03 -31.20 -18.92
CA LEU A 146 -23.42 -32.53 -18.88
C LEU A 146 -23.68 -33.21 -17.54
N ASP A 147 -23.52 -32.46 -16.44
CA ASP A 147 -23.85 -33.03 -15.14
C ASP A 147 -25.31 -33.43 -15.07
N LYS A 148 -26.19 -32.63 -15.65
CA LYS A 148 -27.62 -32.94 -15.63
C LYS A 148 -27.93 -34.19 -16.43
N VAL A 149 -27.34 -34.32 -17.62
CA VAL A 149 -27.60 -35.50 -18.44
C VAL A 149 -27.05 -36.75 -17.77
N TYR A 150 -25.90 -36.61 -17.09
CA TYR A 150 -25.36 -37.75 -16.35
C TYR A 150 -26.30 -38.17 -15.22
N ASN A 151 -26.79 -37.18 -14.45
CA ASN A 151 -27.72 -37.49 -13.38
C ASN A 151 -28.98 -38.16 -13.92
N ARG A 152 -29.51 -37.66 -15.02
CA ARG A 152 -30.73 -38.25 -15.58
C ARG A 152 -30.47 -39.66 -16.11
N ALA A 153 -29.30 -39.88 -16.70
CA ALA A 153 -28.97 -41.22 -17.20
C ALA A 153 -28.87 -42.22 -16.05
N ILE A 154 -28.22 -41.83 -14.95
CA ILE A 154 -28.09 -42.77 -13.84
C ILE A 154 -29.41 -42.94 -13.11
N LYS A 155 -30.26 -41.91 -13.12
CA LYS A 155 -31.59 -42.05 -12.53
C LYS A 155 -32.45 -43.00 -13.34
N ALA A 156 -32.37 -42.92 -14.67
CA ALA A 156 -33.07 -43.87 -15.52
C ALA A 156 -32.51 -45.28 -15.31
N ALA A 157 -31.19 -45.40 -15.20
CA ALA A 157 -30.59 -46.71 -14.95
C ALA A 157 -30.97 -47.22 -13.56
N LYS A 158 -31.02 -46.32 -12.57
CA LYS A 158 -31.40 -46.75 -11.22
C LYS A 158 -32.85 -47.21 -11.18
N SER A 159 -33.74 -46.52 -11.89
CA SER A 159 -35.13 -46.94 -11.95
C SER A 159 -35.26 -48.28 -12.66
N ALA A 160 -34.42 -48.53 -13.67
CA ALA A 160 -34.43 -49.82 -14.33
C ALA A 160 -33.95 -50.93 -13.39
N ARG A 161 -32.95 -50.63 -12.56
CA ARG A 161 -32.48 -51.61 -11.60
C ARG A 161 -33.54 -51.91 -10.54
N ASP A 162 -34.42 -50.95 -10.27
CA ASP A 162 -35.49 -51.14 -9.31
C ASP A 162 -36.66 -51.89 -9.94
N PHE A 191 -39.41 -35.72 -23.27
CA PHE A 191 -38.18 -34.94 -23.34
C PHE A 191 -37.10 -35.69 -24.12
N LYS A 192 -35.99 -35.98 -23.43
CA LYS A 192 -34.85 -36.70 -24.02
C LYS A 192 -34.34 -36.00 -25.26
N TYR A 193 -33.96 -34.73 -25.12
CA TYR A 193 -33.45 -33.93 -26.21
C TYR A 193 -31.96 -33.68 -26.00
N PRO A 194 -31.11 -33.99 -26.98
CA PRO A 194 -29.68 -33.68 -26.83
C PRO A 194 -29.42 -32.18 -26.96
N ILE A 195 -29.67 -31.44 -25.88
CA ILE A 195 -29.59 -29.98 -25.96
C ILE A 195 -28.14 -29.54 -26.07
N VAL A 196 -27.23 -30.17 -25.31
CA VAL A 196 -25.84 -29.75 -25.35
C VAL A 196 -25.21 -30.15 -26.68
N GLU A 197 -25.62 -31.28 -27.24
CA GLU A 197 -25.12 -31.69 -28.54
C GLU A 197 -25.57 -30.70 -29.62
N GLN A 198 -26.83 -30.26 -29.54
CA GLN A 198 -27.31 -29.27 -30.50
C GLN A 198 -26.61 -27.93 -30.32
N TYR A 199 -26.32 -27.57 -29.07
CA TYR A 199 -25.60 -26.32 -28.82
C TYR A 199 -24.21 -26.36 -29.43
N LEU A 200 -23.51 -27.48 -29.28
CA LEU A 200 -22.18 -27.61 -29.87
C LEU A 200 -22.25 -27.66 -31.38
N LYS A 201 -23.28 -28.33 -31.92
CA LYS A 201 -23.50 -28.28 -33.36
C LYS A 201 -23.66 -26.85 -33.85
N THR A 202 -24.33 -26.01 -33.06
CA THR A 202 -24.47 -24.61 -33.42
C THR A 202 -23.12 -23.89 -33.34
N LYS A 203 -22.39 -24.16 -32.27
CA LYS A 203 -21.05 -23.53 -32.03
C LYS A 203 -20.18 -23.72 -33.29
N LYS A 204 -20.33 -24.86 -33.96
CA LYS A 204 -19.54 -25.16 -35.20
C LYS A 204 -19.91 -24.17 -36.30
N ASN A 205 -21.18 -23.79 -36.39
CA ASN A 205 -21.70 -22.88 -37.45
C ASN A 205 -21.04 -21.50 -37.38
N SER A 206 -20.83 -20.95 -36.18
CA SER A 206 -20.22 -19.59 -36.07
C SER A 206 -18.73 -19.68 -35.75
N ASN A 207 -17.88 -19.19 -36.67
CA ASN A 207 -16.41 -19.19 -36.49
C ASN A 207 -15.96 -17.86 -35.87
N ASN A 208 -16.92 -16.94 -35.64
CA ASN A 208 -16.61 -15.61 -35.08
C ASN A 208 -16.00 -15.76 -33.67
N LEU A 209 -16.54 -16.70 -32.88
CA LEU A 209 -16.04 -16.94 -31.50
C LEU A 209 -14.59 -17.42 -31.57
N ILE A 210 -14.28 -18.28 -32.55
CA ILE A 210 -12.90 -18.83 -32.73
C ILE A 210 -12.08 -17.88 -33.61
N ILE A 211 -12.60 -16.68 -33.86
CA ILE A 211 -11.90 -15.71 -34.70
C ILE A 211 -11.32 -14.60 -33.83
N LYS A 212 -12.01 -14.24 -32.74
CA LYS A 212 -11.41 -13.31 -31.79
C LYS A 212 -10.13 -13.88 -31.20
N TYR A 213 -10.15 -15.17 -30.84
CA TYR A 213 -8.99 -15.80 -30.24
C TYR A 213 -7.82 -15.88 -31.20
N ILE A 214 -8.07 -16.38 -32.42
CA ILE A 214 -6.97 -16.51 -33.37
C ILE A 214 -6.53 -15.15 -33.85
N SER A 215 -7.38 -14.13 -33.75
CA SER A 215 -6.97 -12.79 -34.12
C SER A 215 -6.04 -12.19 -33.07
N CYS A 216 -6.38 -12.36 -31.79
CA CYS A 216 -5.46 -11.87 -30.77
C CYS A 216 -4.15 -12.63 -30.81
N ARG A 217 -4.21 -13.94 -31.05
CA ARG A 217 -2.97 -14.71 -31.18
C ARG A 217 -2.17 -14.29 -32.40
N LEU A 218 -2.86 -13.95 -33.49
CA LEU A 218 -2.15 -13.55 -34.70
C LEU A 218 -1.50 -12.19 -34.54
N LEU A 219 -2.18 -11.26 -33.87
CA LEU A 219 -1.53 -9.99 -33.57
C LEU A 219 -0.37 -10.18 -32.61
N THR A 220 -0.49 -11.08 -31.64
CA THR A 220 0.64 -11.38 -30.77
C THR A 220 1.81 -11.91 -31.57
N LEU A 221 1.55 -12.81 -32.51
CA LEU A 221 2.64 -13.35 -33.33
C LEU A 221 3.24 -12.28 -34.23
N ILE A 222 2.41 -11.41 -34.80
CA ILE A 222 2.92 -10.36 -35.68
C ILE A 222 3.80 -9.39 -34.89
N ILE A 223 3.37 -9.01 -33.70
CA ILE A 223 4.16 -8.10 -32.89
C ILE A 223 5.43 -8.78 -32.41
N ILE A 224 5.36 -10.06 -32.08
CA ILE A 224 6.56 -10.78 -31.67
C ILE A 224 7.56 -10.85 -32.82
N LEU A 225 7.07 -11.06 -34.04
CA LEU A 225 7.97 -11.13 -35.19
C LEU A 225 8.56 -9.76 -35.50
N LEU A 226 7.77 -8.70 -35.37
CA LEU A 226 8.31 -7.36 -35.57
C LEU A 226 9.34 -7.04 -34.51
N ALA A 227 9.11 -7.48 -33.27
CA ALA A 227 10.10 -7.27 -32.22
C ALA A 227 11.36 -8.07 -32.50
N CYS A 228 11.22 -9.30 -32.98
CA CYS A 228 12.39 -10.07 -33.38
C CYS A 228 13.17 -9.38 -34.47
N ILE A 229 12.48 -8.83 -35.46
CA ILE A 229 13.16 -8.13 -36.54
C ILE A 229 13.90 -6.92 -36.00
N TYR A 230 13.23 -6.12 -35.18
CA TYR A 230 13.88 -4.93 -34.64
C TYR A 230 15.08 -5.28 -33.77
N LEU A 231 14.94 -6.30 -32.92
CA LEU A 231 16.02 -6.67 -32.01
C LEU A 231 17.19 -7.27 -32.76
N GLY A 232 16.90 -8.05 -33.81
CA GLY A 232 17.97 -8.58 -34.62
C GLY A 232 18.70 -7.50 -35.39
N TYR A 233 17.97 -6.49 -35.85
CA TYR A 233 18.63 -5.35 -36.48
C TYR A 233 19.47 -4.59 -35.47
N TYR A 234 18.90 -4.26 -34.31
CA TYR A 234 19.60 -3.47 -33.31
C TYR A 234 20.86 -4.18 -32.83
N PHE A 235 20.75 -5.48 -32.55
CA PHE A 235 21.92 -6.25 -32.15
C PHE A 235 22.94 -6.31 -33.28
N SER A 236 22.45 -6.23 -34.51
CA SER A 236 23.30 -6.27 -35.69
C SER A 236 24.02 -4.93 -35.82
N LEU A 237 24.17 -4.24 -34.69
CA LEU A 237 24.83 -2.96 -34.64
C LEU A 237 26.32 -3.11 -34.87
N SER A 238 26.92 -2.05 -35.39
CA SER A 238 28.35 -2.01 -35.67
C SER A 238 29.21 -2.16 -34.41
N SER A 239 28.70 -1.58 -33.31
CA SER A 239 29.30 -1.52 -31.96
C SER A 239 30.43 -0.50 -31.86
N LEU A 240 30.43 0.40 -32.85
CA LEU A 240 31.38 1.48 -32.95
C LEU A 240 30.51 2.67 -33.32
N SER A 241 29.26 2.38 -33.69
CA SER A 241 28.33 3.44 -34.07
C SER A 241 27.91 4.26 -32.86
N ASP A 242 28.25 3.81 -31.66
CA ASP A 242 27.99 4.61 -30.47
C ASP A 242 29.01 5.72 -30.30
N GLU A 243 30.08 5.73 -31.07
CA GLU A 243 31.05 6.81 -31.07
C GLU A 243 30.78 7.71 -32.26
N PHE A 244 30.40 8.95 -31.99
CA PHE A 244 30.11 9.89 -33.05
C PHE A 244 30.84 11.19 -32.76
N VAL A 245 31.23 11.86 -33.83
CA VAL A 245 31.91 13.14 -33.72
C VAL A 245 30.86 14.23 -33.72
N CYS A 246 30.95 15.13 -32.76
CA CYS A 246 29.94 16.16 -32.55
C CYS A 246 30.61 17.52 -32.51
N SER A 247 29.95 18.51 -33.08
CA SER A 247 30.51 19.85 -33.24
C SER A 247 29.53 20.88 -32.71
N ILE A 248 29.88 21.54 -31.61
CA ILE A 248 29.02 22.61 -31.09
C ILE A 248 29.45 23.92 -31.74
N LYS A 249 29.01 24.13 -32.98
CA LYS A 249 29.42 25.31 -33.74
C LYS A 249 28.27 25.91 -34.52
N SER A 250 27.04 25.79 -34.03
CA SER A 250 25.93 26.52 -34.60
C SER A 250 25.67 27.78 -33.78
N GLY A 251 25.05 28.77 -34.42
CA GLY A 251 24.79 30.02 -33.73
C GLY A 251 26.05 30.86 -33.57
N ILE A 252 26.11 31.59 -32.46
CA ILE A 252 27.24 32.48 -32.23
C ILE A 252 28.53 31.71 -31.98
N LEU A 253 28.44 30.41 -31.70
CA LEU A 253 29.65 29.63 -31.49
C LEU A 253 30.32 29.26 -32.80
N ARG A 254 29.67 29.58 -33.93
CA ARG A 254 30.14 29.10 -35.22
C ARG A 254 31.56 29.57 -35.51
N ASN A 255 31.80 30.88 -35.41
CA ASN A 255 33.13 31.40 -35.73
C ASN A 255 33.97 31.59 -34.48
N ASP A 256 33.48 31.12 -33.33
CA ASP A 256 34.27 31.16 -32.10
C ASP A 256 35.53 30.33 -32.25
N SER A 257 36.59 30.75 -31.55
CA SER A 257 37.89 30.11 -31.71
C SER A 257 38.32 29.29 -30.52
N THR A 258 37.89 29.63 -29.30
CA THR A 258 38.31 28.88 -28.13
C THR A 258 37.72 27.48 -28.12
N VAL A 259 36.56 27.31 -28.75
CA VAL A 259 35.89 26.02 -28.81
C VAL A 259 36.47 25.21 -29.95
N PRO A 260 36.86 23.96 -29.73
CA PRO A 260 37.45 23.15 -30.81
C PRO A 260 36.41 22.82 -31.87
N ASP A 261 36.92 22.37 -33.02
CA ASP A 261 36.04 22.15 -34.17
C ASP A 261 35.06 21.02 -33.93
N GLN A 262 35.50 19.96 -33.26
CA GLN A 262 34.65 18.79 -33.07
C GLN A 262 35.07 18.04 -31.82
N PHE A 263 34.10 17.34 -31.24
CA PHE A 263 34.29 16.59 -30.01
C PHE A 263 34.05 15.11 -30.28
N GLN A 264 34.80 14.26 -29.59
CA GLN A 264 34.63 12.82 -29.71
C GLN A 264 33.68 12.37 -28.61
N CYS A 265 32.42 12.17 -28.96
CA CYS A 265 31.42 11.70 -28.02
C CYS A 265 31.21 10.20 -28.18
N LYS A 266 30.82 9.55 -27.09
CA LYS A 266 30.50 8.13 -27.10
C LYS A 266 29.22 7.91 -26.32
N LEU A 267 28.30 7.14 -26.90
CA LEU A 267 27.05 6.81 -26.23
C LEU A 267 27.29 5.61 -25.33
N ILE A 268 27.41 5.86 -24.04
CA ILE A 268 27.64 4.82 -23.06
C ILE A 268 26.42 3.92 -22.82
N ALA A 269 26.68 2.77 -22.21
CA ALA A 269 25.66 1.75 -21.90
C ALA A 269 24.88 1.28 -23.13
N VAL A 270 25.58 1.12 -24.24
CA VAL A 270 24.96 0.64 -25.47
C VAL A 270 25.17 -0.85 -25.51
N GLY A 271 26.39 -1.27 -25.22
CA GLY A 271 26.76 -2.68 -25.19
C GLY A 271 25.80 -3.48 -24.34
N ILE A 272 25.36 -2.93 -23.22
CA ILE A 272 24.34 -3.58 -22.40
C ILE A 272 23.04 -3.69 -23.19
N PHE A 273 22.69 -2.66 -23.95
CA PHE A 273 21.48 -2.71 -24.75
C PHE A 273 21.55 -3.83 -25.77
N GLN A 274 22.70 -4.00 -26.41
CA GLN A 274 22.81 -5.05 -27.43
C GLN A 274 22.83 -6.43 -26.80
N LEU A 275 23.54 -6.59 -25.68
CA LEU A 275 23.54 -7.87 -24.99
C LEU A 275 22.15 -8.23 -24.49
N LEU A 276 21.33 -7.25 -24.14
CA LEU A 276 19.98 -7.56 -23.69
C LEU A 276 19.05 -7.76 -24.88
N SER A 277 19.32 -7.08 -25.99
CA SER A 277 18.50 -7.24 -27.18
C SER A 277 18.66 -8.63 -27.77
N VAL A 278 19.87 -9.19 -27.69
CA VAL A 278 20.06 -10.54 -28.21
C VAL A 278 19.35 -11.55 -27.31
N ILE A 279 19.32 -11.29 -26.01
CA ILE A 279 18.57 -12.16 -25.10
C ILE A 279 17.09 -12.10 -25.42
N ASN A 280 16.56 -10.89 -25.57
CA ASN A 280 15.16 -10.72 -25.94
C ASN A 280 14.85 -11.39 -27.27
N LEU A 281 15.75 -11.28 -28.24
CA LEU A 281 15.53 -11.90 -29.54
C LEU A 281 15.53 -13.41 -29.44
N VAL A 282 16.43 -13.98 -28.65
CA VAL A 282 16.47 -15.43 -28.48
C VAL A 282 15.18 -15.91 -27.83
N VAL A 283 14.77 -15.26 -26.75
CA VAL A 283 13.54 -15.68 -26.08
C VAL A 283 12.33 -15.50 -26.99
N TYR A 284 12.36 -14.47 -27.84
CA TYR A 284 11.21 -14.23 -28.70
C TYR A 284 11.15 -15.22 -29.85
N VAL A 285 12.30 -15.65 -30.38
CA VAL A 285 12.28 -16.64 -31.45
C VAL A 285 12.05 -18.03 -30.87
N LEU A 286 12.21 -18.18 -29.56
CA LEU A 286 11.75 -19.40 -28.91
C LEU A 286 10.26 -19.34 -28.64
N LEU A 287 9.73 -18.13 -28.44
CA LEU A 287 8.32 -17.97 -28.11
C LEU A 287 7.44 -18.03 -29.36
N ALA A 288 7.96 -17.57 -30.49
CA ALA A 288 7.15 -17.53 -31.71
C ALA A 288 6.63 -18.90 -32.14
N PRO A 289 7.42 -19.99 -32.10
CA PRO A 289 6.82 -21.29 -32.41
C PRO A 289 5.70 -21.66 -31.46
N VAL A 290 5.79 -21.26 -30.19
CA VAL A 290 4.73 -21.55 -29.24
C VAL A 290 3.45 -20.85 -29.66
N VAL A 291 3.55 -19.59 -30.08
CA VAL A 291 2.36 -18.86 -30.52
C VAL A 291 1.81 -19.46 -31.79
N VAL A 292 2.69 -19.86 -32.72
CA VAL A 292 2.22 -20.47 -33.96
C VAL A 292 1.48 -21.77 -33.67
N TYR A 293 1.99 -22.57 -32.74
CA TYR A 293 1.30 -23.80 -32.36
C TYR A 293 -0.03 -23.48 -31.69
N THR A 294 -0.05 -22.43 -30.88
CA THR A 294 -1.29 -22.03 -30.23
C THR A 294 -2.27 -21.63 -31.31
N LEU A 295 -1.76 -21.04 -32.38
CA LEU A 295 -2.59 -20.60 -33.50
C LEU A 295 -3.25 -21.79 -34.18
N PHE A 296 -2.51 -22.88 -34.35
CA PHE A 296 -3.06 -24.09 -34.97
C PHE A 296 -3.99 -24.70 -33.95
N VAL A 297 -5.16 -24.09 -33.79
CA VAL A 297 -6.13 -24.54 -32.80
C VAL A 297 -6.79 -25.87 -33.15
N PRO A 298 -7.09 -26.22 -34.44
CA PRO A 298 -7.72 -27.51 -34.68
C PRO A 298 -6.78 -28.67 -34.39
N PHE A 299 -5.51 -28.50 -34.77
CA PHE A 299 -4.52 -29.55 -34.54
C PHE A 299 -4.40 -29.89 -33.07
N ARG A 300 -4.56 -28.90 -32.19
CA ARG A 300 -4.47 -29.14 -30.76
C ARG A 300 -5.72 -29.80 -30.18
N GLN A 301 -6.86 -29.69 -30.86
CA GLN A 301 -8.06 -30.38 -30.40
C GLN A 301 -7.87 -31.88 -30.55
N LYS A 302 -7.61 -32.55 -29.44
CA LYS A 302 -7.32 -33.98 -29.45
C LYS A 302 -7.89 -34.61 -28.20
N THR A 303 -7.87 -35.95 -28.17
CA THR A 303 -8.43 -36.72 -27.06
C THR A 303 -9.89 -36.31 -26.81
N ASP A 304 -10.74 -36.60 -27.80
CA ASP A 304 -12.13 -36.13 -27.82
C ASP A 304 -12.79 -36.34 -26.47
N VAL A 305 -13.11 -35.23 -25.80
CA VAL A 305 -13.50 -35.27 -24.40
C VAL A 305 -14.92 -35.79 -24.26
N LEU A 306 -15.79 -35.44 -25.21
CA LEU A 306 -17.18 -35.88 -25.13
C LEU A 306 -17.34 -37.35 -25.51
N LYS A 307 -16.30 -37.96 -26.11
CA LYS A 307 -16.38 -39.37 -26.47
C LYS A 307 -16.65 -40.24 -25.25
N VAL A 308 -16.22 -39.78 -24.07
CA VAL A 308 -16.47 -40.54 -22.86
C VAL A 308 -17.93 -40.52 -22.46
N TYR A 309 -18.69 -39.52 -22.91
CA TYR A 309 -20.10 -39.42 -22.60
C TYR A 309 -20.97 -40.26 -23.52
N GLU A 310 -20.39 -40.87 -24.55
CA GLU A 310 -21.20 -41.57 -25.54
C GLU A 310 -21.77 -42.88 -24.98
N ILE A 311 -21.35 -43.26 -23.77
CA ILE A 311 -21.77 -44.53 -23.18
C ILE A 311 -22.99 -44.31 -22.31
N LEU A 312 -23.61 -43.13 -22.41
CA LEU A 312 -24.80 -42.84 -21.64
C LEU A 312 -26.03 -43.00 -22.52
N PRO A 313 -27.10 -43.65 -22.03
CA PRO A 313 -28.31 -43.75 -22.83
C PRO A 313 -28.97 -42.40 -23.07
N THR A 314 -28.99 -41.53 -22.07
CA THR A 314 -29.59 -40.20 -22.18
C THR A 314 -28.76 -39.26 -23.03
N PHE A 315 -27.68 -39.73 -23.63
CA PHE A 315 -26.80 -38.93 -24.46
C PHE A 315 -26.68 -39.59 -25.83
N ASP A 316 -26.93 -38.81 -26.87
CA ASP A 316 -26.85 -39.34 -28.23
C ASP A 316 -25.42 -39.80 -28.54
N VAL A 317 -25.31 -40.80 -29.40
CA VAL A 317 -24.01 -41.35 -29.75
C VAL A 317 -23.44 -40.52 -30.89
N LEU A 318 -22.81 -39.40 -30.56
CA LEU A 318 -22.23 -38.49 -31.54
C LEU A 318 -21.23 -37.57 -30.88
N HIS A 319 -19.98 -37.64 -31.32
CA HIS A 319 -19.00 -36.65 -30.89
C HIS A 319 -19.18 -35.34 -31.64
N PHE A 320 -19.01 -35.39 -32.96
CA PHE A 320 -19.29 -34.24 -33.84
C PHE A 320 -18.50 -33.00 -33.40
N LYS A 321 -17.21 -33.18 -33.16
CA LYS A 321 -16.37 -32.06 -32.74
C LYS A 321 -14.96 -32.26 -33.28
N SER A 322 -14.70 -31.68 -34.46
CA SER A 322 -13.40 -31.75 -35.11
C SER A 322 -13.37 -30.96 -36.41
N GLU A 323 -12.17 -30.79 -36.97
CA GLU A 323 -11.95 -30.36 -38.35
C GLU A 323 -12.58 -29.01 -38.70
N GLY A 324 -12.11 -27.91 -38.11
CA GLY A 324 -12.60 -26.61 -38.52
C GLY A 324 -11.89 -25.47 -37.85
N TYR A 325 -11.81 -24.36 -38.58
CA TYR A 325 -11.40 -23.07 -38.03
C TYR A 325 -12.67 -22.39 -37.54
N ASN A 326 -13.35 -23.03 -36.59
CA ASN A 326 -14.62 -22.55 -36.09
C ASN A 326 -14.61 -22.63 -34.58
N ASP A 327 -15.56 -21.93 -33.96
CA ASP A 327 -15.56 -21.79 -32.51
C ASP A 327 -15.69 -23.14 -31.81
N LEU A 328 -16.12 -24.18 -32.54
CA LEU A 328 -16.27 -25.49 -31.94
C LEU A 328 -14.92 -26.05 -31.49
N SER A 329 -13.88 -25.82 -32.28
CA SER A 329 -12.56 -26.33 -31.90
C SER A 329 -12.04 -25.60 -30.66
N LEU A 330 -12.26 -24.29 -30.59
CA LEU A 330 -11.88 -23.53 -29.41
C LEU A 330 -12.62 -24.03 -28.19
N TYR A 331 -13.92 -24.29 -28.33
CA TYR A 331 -14.69 -24.82 -27.22
C TYR A 331 -14.22 -26.21 -26.84
N ASN A 332 -13.76 -26.98 -27.82
CA ASN A 332 -13.19 -28.29 -27.52
C ASN A 332 -11.94 -28.16 -26.68
N LEU A 333 -11.07 -27.21 -27.01
CA LEU A 333 -9.89 -26.98 -26.20
C LEU A 333 -10.26 -26.55 -24.78
N PHE A 334 -11.17 -25.61 -24.66
CA PHE A 334 -11.53 -25.12 -23.32
C PHE A 334 -12.25 -26.20 -22.51
N LEU A 335 -13.00 -27.07 -23.19
CA LEU A 335 -13.62 -28.19 -22.50
C LEU A 335 -12.58 -29.20 -22.05
N GLU A 336 -11.60 -29.50 -22.91
CA GLU A 336 -10.52 -30.39 -22.54
C GLU A 336 -9.77 -29.85 -21.33
N GLU A 337 -9.68 -28.53 -21.21
CA GLU A 337 -8.99 -27.95 -20.07
C GLU A 337 -9.84 -28.01 -18.81
N ASN A 338 -11.06 -27.46 -18.86
CA ASN A 338 -11.88 -27.27 -17.68
C ASN A 338 -12.76 -28.47 -17.36
N ILE A 339 -12.59 -29.58 -18.08
CA ILE A 339 -13.52 -30.70 -17.93
C ILE A 339 -13.17 -31.52 -16.69
N SER A 340 -11.95 -31.38 -16.18
CA SER A 340 -11.56 -32.13 -15.00
C SER A 340 -12.35 -31.67 -13.77
N GLU A 341 -12.88 -30.45 -13.81
CA GLU A 341 -13.72 -29.98 -12.72
C GLU A 341 -15.08 -30.69 -12.73
N VAL A 342 -15.47 -31.24 -13.88
CA VAL A 342 -16.77 -31.90 -13.99
C VAL A 342 -16.70 -33.29 -13.38
N LYS A 343 -17.46 -33.50 -12.31
CA LYS A 343 -17.44 -34.77 -11.61
C LYS A 343 -17.95 -35.90 -12.49
N SER A 344 -19.05 -35.64 -13.21
CA SER A 344 -19.60 -36.65 -14.10
C SER A 344 -18.58 -37.09 -15.14
N TYR A 345 -17.81 -36.14 -15.68
CA TYR A 345 -16.76 -36.50 -16.61
C TYR A 345 -15.71 -37.39 -15.93
N LYS A 346 -15.37 -37.08 -14.68
CA LYS A 346 -14.38 -37.88 -13.98
C LYS A 346 -14.84 -39.32 -13.83
N CYS A 347 -16.08 -39.52 -13.36
CA CYS A 347 -16.58 -40.87 -13.20
C CYS A 347 -16.71 -41.59 -14.53
N LEU A 348 -17.17 -40.89 -15.57
CA LEU A 348 -17.30 -41.52 -16.87
C LEU A 348 -15.93 -41.93 -17.41
N LYS A 349 -14.90 -41.12 -17.16
CA LYS A 349 -13.57 -41.49 -17.61
C LYS A 349 -13.02 -42.67 -16.82
N VAL A 350 -13.36 -42.75 -15.53
CA VAL A 350 -13.05 -43.96 -14.78
C VAL A 350 -13.65 -45.19 -15.43
N LEU A 351 -14.94 -45.14 -15.76
CA LEU A 351 -15.56 -46.28 -16.43
C LEU A 351 -14.93 -46.56 -17.79
N GLU A 352 -14.58 -45.51 -18.53
CA GLU A 352 -14.01 -45.70 -19.85
C GLU A 352 -12.64 -46.36 -19.78
N ASN A 353 -11.83 -45.97 -18.78
CA ASN A 353 -10.52 -46.59 -18.61
C ASN A 353 -10.66 -48.05 -18.19
N ILE A 354 -11.62 -48.34 -17.31
CA ILE A 354 -11.88 -49.73 -16.94
C ILE A 354 -12.30 -50.54 -18.15
N LYS A 355 -13.05 -49.91 -19.06
CA LYS A 355 -13.53 -50.60 -20.26
C LYS A 355 -12.38 -51.05 -21.15
N SER A 356 -11.18 -50.51 -20.94
CA SER A 356 -10.02 -50.98 -21.70
C SER A 356 -9.77 -52.46 -21.45
N SER A 357 -9.94 -52.90 -20.20
CA SER A 357 -9.85 -54.33 -19.90
C SER A 357 -11.06 -55.07 -20.44
N GLY A 358 -12.23 -54.43 -20.36
CA GLY A 358 -13.46 -55.04 -20.85
C GLY A 358 -14.04 -56.12 -19.98
N GLN A 359 -13.75 -56.10 -18.67
CA GLN A 359 -14.23 -57.17 -17.79
C GLN A 359 -15.75 -57.16 -17.67
N GLY A 360 -16.31 -56.06 -17.16
CA GLY A 360 -17.74 -56.03 -16.90
C GLY A 360 -18.53 -55.36 -18.02
N ILE A 361 -19.30 -54.33 -17.68
CA ILE A 361 -20.15 -53.65 -18.64
C ILE A 361 -20.35 -52.20 -18.18
N ASP A 362 -20.60 -51.31 -19.14
CA ASP A 362 -20.71 -49.88 -18.85
C ASP A 362 -21.93 -49.55 -17.99
N PRO A 363 -23.14 -49.99 -18.35
CA PRO A 363 -24.30 -49.59 -17.51
C PRO A 363 -24.26 -50.21 -16.13
N MET A 364 -23.77 -51.43 -15.99
CA MET A 364 -23.67 -52.06 -14.67
C MET A 364 -22.71 -51.29 -13.78
N LEU A 365 -21.53 -50.99 -14.30
CA LEU A 365 -20.52 -50.26 -13.55
C LEU A 365 -21.05 -48.91 -13.07
N LEU A 366 -21.81 -48.25 -13.94
CA LEU A 366 -22.38 -46.94 -13.60
C LEU A 366 -23.35 -47.06 -12.42
N LEU A 367 -24.16 -48.11 -12.44
CA LEU A 367 -25.13 -48.33 -11.37
C LEU A 367 -24.42 -48.55 -10.03
N THR A 368 -23.33 -49.31 -10.06
CA THR A 368 -22.56 -49.59 -8.86
C THR A 368 -21.97 -48.32 -8.27
N ASN A 369 -21.48 -47.45 -9.13
CA ASN A 369 -20.88 -46.18 -8.70
C ASN A 369 -21.88 -45.28 -7.98
N LEU A 370 -23.11 -45.24 -8.51
CA LEU A 370 -24.18 -44.43 -7.95
C LEU A 370 -23.74 -42.99 -7.69
N LEU B 28 -21.81 -4.23 -11.45
CA LEU B 28 -22.18 -2.86 -11.77
C LEU B 28 -20.94 -2.03 -12.15
N ARG B 29 -20.33 -2.38 -13.28
CA ARG B 29 -19.15 -1.68 -13.75
C ARG B 29 -19.45 -0.22 -14.08
N LEU B 30 -20.62 0.00 -14.67
CA LEU B 30 -21.10 1.34 -15.06
C LEU B 30 -20.13 2.09 -15.98
N GLU B 31 -19.52 1.36 -16.90
CA GLU B 31 -18.57 1.91 -17.87
C GLU B 31 -18.37 0.88 -18.97
N LEU B 32 -18.74 1.23 -20.20
CA LEU B 32 -18.60 0.30 -21.30
C LEU B 32 -17.12 0.01 -21.56
N ALA B 33 -16.85 -1.24 -21.93
CA ALA B 33 -15.46 -1.67 -22.09
C ALA B 33 -14.70 -0.78 -23.06
N VAL B 34 -15.35 -0.38 -24.15
CA VAL B 34 -14.68 0.52 -25.09
C VAL B 34 -14.46 1.88 -24.46
N ASP B 35 -15.41 2.34 -23.63
CA ASP B 35 -15.21 3.60 -22.95
C ASP B 35 -14.14 3.51 -21.88
N LYS B 36 -14.10 2.39 -21.15
CA LYS B 36 -13.05 2.20 -20.16
C LYS B 36 -11.67 2.18 -20.80
N MET B 37 -11.54 1.51 -21.96
CA MET B 37 -10.25 1.47 -22.61
C MET B 37 -9.88 2.81 -23.25
N VAL B 38 -10.86 3.54 -23.78
CA VAL B 38 -10.56 4.87 -24.31
C VAL B 38 -10.09 5.79 -23.19
N THR B 39 -10.74 5.74 -22.03
CA THR B 39 -10.30 6.54 -20.90
C THR B 39 -8.90 6.12 -20.47
N CYS B 40 -8.67 4.81 -20.31
CA CYS B 40 -7.37 4.33 -19.89
C CYS B 40 -6.28 4.80 -20.82
N ILE B 41 -6.48 4.68 -22.12
CA ILE B 41 -5.47 5.13 -23.08
C ILE B 41 -5.29 6.63 -22.99
N ALA B 42 -6.38 7.39 -23.21
CA ALA B 42 -6.28 8.84 -23.33
C ALA B 42 -5.74 9.48 -22.05
N VAL B 43 -5.82 8.78 -20.92
CA VAL B 43 -5.33 9.36 -19.68
C VAL B 43 -3.94 8.85 -19.35
N GLY B 44 -3.72 7.53 -19.44
CA GLY B 44 -2.46 6.97 -19.03
C GLY B 44 -1.35 7.22 -20.03
N LEU B 45 -1.69 7.37 -21.31
CA LEU B 45 -0.66 7.60 -22.32
C LEU B 45 0.07 8.93 -22.10
N PRO B 46 -0.61 10.06 -21.91
CA PRO B 46 0.15 11.27 -21.58
C PRO B 46 0.91 11.16 -20.28
N LEU B 47 0.38 10.45 -19.28
CA LEU B 47 1.11 10.27 -18.04
C LEU B 47 2.33 9.38 -18.25
N LEU B 48 2.16 8.27 -18.94
CA LEU B 48 3.29 7.40 -19.22
C LEU B 48 4.35 8.13 -20.03
N LEU B 49 3.93 8.96 -20.98
CA LEU B 49 4.88 9.70 -21.80
C LEU B 49 5.59 10.78 -20.99
N ILE B 50 4.89 11.45 -20.08
CA ILE B 50 5.57 12.36 -19.17
C ILE B 50 6.62 11.61 -18.36
N SER B 51 6.26 10.47 -17.80
CA SER B 51 7.20 9.72 -16.98
C SER B 51 8.38 9.21 -17.79
N LEU B 52 8.16 8.89 -19.07
CA LEU B 52 9.25 8.46 -19.93
C LEU B 52 10.16 9.63 -20.30
N ALA B 53 9.59 10.80 -20.55
CA ALA B 53 10.39 11.93 -21.01
C ALA B 53 11.47 12.32 -20.02
N PHE B 54 11.35 11.85 -18.77
CA PHE B 54 12.34 12.13 -17.75
C PHE B 54 12.83 10.87 -17.06
N ALA B 55 12.94 9.78 -17.83
CA ALA B 55 13.53 8.56 -17.32
C ALA B 55 15.03 8.87 -17.16
N GLN B 56 15.68 8.26 -16.17
CA GLN B 56 17.09 8.59 -15.90
C GLN B 56 18.02 8.36 -17.10
N GLU B 57 17.82 7.27 -17.81
CA GLU B 57 18.65 7.00 -18.98
C GLU B 57 18.42 8.06 -20.07
N ILE B 58 17.16 8.44 -20.26
CA ILE B 58 16.76 9.42 -21.28
C ILE B 58 17.28 10.86 -21.15
N SER B 59 17.28 11.42 -19.94
CA SER B 59 17.72 12.79 -19.73
C SER B 59 19.21 12.88 -19.46
N ILE B 60 19.81 14.05 -19.67
CA ILE B 60 21.25 14.16 -19.41
C ILE B 60 21.49 14.97 -18.15
N GLY B 61 20.57 15.86 -17.80
CA GLY B 61 20.77 16.75 -16.68
C GLY B 61 19.76 17.88 -16.69
N THR B 62 20.25 19.11 -16.62
CA THR B 62 19.36 20.26 -16.66
C THR B 62 18.61 20.31 -17.98
N GLN B 63 17.55 21.13 -18.01
CA GLN B 63 16.75 21.25 -19.21
C GLN B 63 17.30 22.31 -20.15
N ILE B 64 18.24 23.12 -19.68
CA ILE B 64 18.82 24.19 -20.47
C ILE B 64 20.31 24.25 -20.16
N SER B 65 21.11 24.60 -21.16
CA SER B 65 22.54 24.80 -21.01
C SER B 65 22.93 25.97 -21.90
N CYS B 66 23.80 26.85 -21.39
CA CYS B 66 23.97 28.15 -22.02
C CYS B 66 25.38 28.48 -22.47
N PHE B 67 26.38 27.69 -22.09
CA PHE B 67 27.75 27.93 -22.54
C PHE B 67 28.25 29.33 -22.21
N SER B 68 28.42 29.62 -20.93
CA SER B 68 29.10 30.84 -20.51
C SER B 68 30.55 30.80 -20.95
N PRO B 69 31.23 31.95 -20.97
CA PRO B 69 32.66 31.95 -21.30
C PRO B 69 33.47 31.16 -20.28
N SER B 70 34.73 30.89 -20.65
CA SER B 70 35.60 30.12 -19.77
C SER B 70 35.97 30.91 -18.54
N SER B 71 36.01 32.24 -18.65
CA SER B 71 36.38 33.08 -17.51
C SER B 71 35.31 33.05 -16.44
N PHE B 72 34.07 32.79 -16.83
CA PHE B 72 32.98 32.74 -15.85
C PHE B 72 33.20 31.63 -14.84
N SER B 73 32.92 31.94 -13.58
CA SER B 73 33.01 30.93 -12.55
C SER B 73 31.85 29.94 -12.67
N TRP B 74 31.89 28.91 -11.82
CA TRP B 74 30.81 27.92 -11.82
C TRP B 74 29.48 28.58 -11.51
N ARG B 75 29.46 29.46 -10.51
CA ARG B 75 28.21 30.07 -10.09
C ARG B 75 27.73 31.11 -11.09
N GLN B 76 28.66 31.78 -11.77
CA GLN B 76 28.26 32.71 -12.82
C GLN B 76 27.60 31.98 -13.98
N ALA B 77 28.16 30.83 -14.35
CA ALA B 77 27.54 30.02 -15.40
C ALA B 77 26.18 29.49 -14.95
N ALA B 78 26.06 29.09 -13.69
CA ALA B 78 24.76 28.68 -13.17
C ALA B 78 23.76 29.84 -13.24
N PHE B 79 24.23 31.06 -12.94
CA PHE B 79 23.35 32.21 -13.06
C PHE B 79 22.90 32.41 -14.50
N VAL B 80 23.83 32.27 -15.45
CA VAL B 80 23.44 32.45 -16.84
C VAL B 80 22.40 31.43 -17.25
N ASP B 81 22.63 30.16 -16.88
CA ASP B 81 21.67 29.11 -17.21
C ASP B 81 20.29 29.43 -16.63
N SER B 82 20.23 29.71 -15.33
CA SER B 82 18.94 29.94 -14.68
C SER B 82 18.29 31.21 -15.20
N TYR B 83 19.08 32.25 -15.47
CA TYR B 83 18.53 33.49 -15.99
C TYR B 83 17.89 33.25 -17.35
N CYS B 84 18.56 32.53 -18.23
CA CYS B 84 18.01 32.33 -19.56
C CYS B 84 16.79 31.41 -19.50
N TRP B 85 16.83 30.41 -18.61
CA TRP B 85 15.66 29.58 -18.38
C TRP B 85 14.46 30.42 -17.98
N ALA B 86 14.66 31.36 -17.06
CA ALA B 86 13.55 32.23 -16.66
C ALA B 86 13.28 33.30 -17.71
N ALA B 87 14.22 33.50 -18.63
CA ALA B 87 14.14 34.56 -19.61
C ALA B 87 13.54 34.12 -20.93
N VAL B 88 13.23 32.84 -21.10
CA VAL B 88 12.45 32.45 -22.27
C VAL B 88 11.10 33.15 -22.28
N GLN B 89 10.65 33.64 -21.12
CA GLN B 89 9.41 34.40 -21.06
C GLN B 89 9.63 35.85 -21.45
N GLN B 90 10.57 36.52 -20.81
CA GLN B 90 10.83 37.93 -21.06
C GLN B 90 11.35 38.06 -22.50
N LYS B 91 10.52 38.60 -23.39
CA LYS B 91 10.84 38.58 -24.81
C LYS B 91 11.99 39.52 -25.14
N ASN B 92 12.24 40.52 -24.29
CA ASN B 92 13.27 41.50 -24.59
C ASN B 92 14.67 40.89 -24.48
N SER B 93 14.83 39.92 -23.57
CA SER B 93 16.18 39.42 -23.28
C SER B 93 16.67 38.48 -24.38
N LEU B 94 15.83 37.58 -24.84
CA LEU B 94 16.25 36.51 -25.74
C LEU B 94 15.90 36.85 -27.17
N GLN B 95 16.78 36.48 -28.09
CA GLN B 95 16.56 36.66 -29.53
C GLN B 95 16.66 35.29 -30.19
N SER B 96 15.54 34.82 -30.73
CA SER B 96 15.49 33.51 -31.37
C SER B 96 14.99 33.67 -32.80
N GLU B 97 15.56 32.87 -33.71
CA GLU B 97 15.17 32.95 -35.11
C GLU B 97 13.72 32.51 -35.31
N SER B 98 13.28 31.47 -34.61
CA SER B 98 11.92 30.97 -34.81
C SER B 98 10.90 31.87 -34.11
N GLY B 99 11.28 32.46 -32.98
CA GLY B 99 10.38 33.31 -32.21
C GLY B 99 10.32 32.89 -30.75
N ASN B 100 9.57 33.68 -29.99
CA ASN B 100 9.45 33.42 -28.56
C ASN B 100 8.41 32.35 -28.28
N LEU B 101 7.43 32.20 -29.17
CA LEU B 101 6.42 31.17 -29.00
C LEU B 101 7.01 29.77 -28.97
N PRO B 102 7.93 29.38 -29.87
CA PRO B 102 8.56 28.07 -29.71
C PRO B 102 9.26 27.90 -28.38
N LEU B 103 9.87 28.97 -27.88
CA LEU B 103 10.55 28.89 -26.59
C LEU B 103 9.56 28.61 -25.47
N TRP B 104 8.46 29.35 -25.45
CA TRP B 104 7.39 29.09 -24.50
C TRP B 104 6.93 27.64 -24.58
N LEU B 105 6.72 27.15 -25.80
CA LEU B 105 6.21 25.80 -25.97
C LEU B 105 7.24 24.76 -25.52
N HIS B 106 8.52 25.06 -25.69
CA HIS B 106 9.55 24.11 -25.30
C HIS B 106 9.70 24.06 -23.79
N LYS B 107 9.60 25.21 -23.12
CA LYS B 107 9.72 25.21 -21.66
C LYS B 107 8.51 24.53 -21.02
N PHE B 108 7.31 24.78 -21.52
CA PHE B 108 6.12 24.19 -20.92
C PHE B 108 5.65 22.86 -21.53
N PHE B 109 6.60 22.00 -21.89
CA PHE B 109 6.28 20.72 -22.49
C PHE B 109 5.56 19.79 -21.52
N PRO B 110 6.14 19.59 -20.33
CA PRO B 110 5.61 18.71 -19.28
C PRO B 110 4.26 19.17 -18.74
N TYR B 111 4.08 20.47 -18.54
CA TYR B 111 2.84 21.00 -18.01
C TYR B 111 1.65 20.73 -18.91
N ILE B 112 1.86 20.86 -20.22
CA ILE B 112 0.80 20.64 -21.19
C ILE B 112 0.28 19.20 -21.18
N LEU B 113 1.20 18.24 -21.05
CA LEU B 113 0.85 16.83 -21.06
C LEU B 113 -0.07 16.42 -19.91
N LEU B 114 0.19 16.95 -18.72
CA LEU B 114 -0.62 16.62 -17.55
C LEU B 114 -2.02 17.20 -17.66
N LEU B 115 -2.10 18.44 -18.14
CA LEU B 115 -3.38 19.13 -18.30
C LEU B 115 -4.30 18.35 -19.22
N PHE B 116 -3.75 17.83 -20.31
CA PHE B 116 -4.57 17.03 -21.22
C PHE B 116 -5.04 15.75 -20.55
N ALA B 117 -4.17 15.12 -19.76
CA ALA B 117 -4.58 13.92 -19.04
C ALA B 117 -5.72 14.23 -18.08
N ILE B 118 -5.62 15.33 -17.35
CA ILE B 118 -6.67 15.70 -16.40
C ILE B 118 -7.98 16.00 -17.12
N LEU B 119 -7.92 16.83 -18.17
CA LEU B 119 -9.13 17.16 -18.91
C LEU B 119 -9.76 15.92 -19.54
N LEU B 120 -8.93 14.94 -19.92
CA LEU B 120 -9.48 13.73 -20.51
C LEU B 120 -10.05 12.81 -19.43
N TYR B 121 -9.56 12.98 -18.21
CA TYR B 121 -10.03 12.17 -17.08
C TYR B 121 -11.22 12.85 -16.40
N LEU B 122 -11.41 14.13 -16.69
CA LEU B 122 -12.50 14.90 -16.10
C LEU B 122 -13.91 14.41 -16.50
N PRO B 123 -14.10 14.06 -17.78
CA PRO B 123 -15.41 13.61 -18.25
C PRO B 123 -15.87 12.32 -17.57
N PRO B 124 -14.93 11.36 -17.41
CA PRO B 124 -15.18 10.08 -16.75
C PRO B 124 -15.56 10.29 -15.29
N LEU B 125 -14.90 11.23 -14.64
CA LEU B 125 -15.19 11.50 -13.23
C LEU B 125 -16.63 11.98 -13.08
N PHE B 126 -17.08 12.84 -13.99
CA PHE B 126 -18.45 13.32 -13.95
C PHE B 126 -19.40 12.15 -14.19
N TRP B 127 -19.04 11.31 -15.16
CA TRP B 127 -19.80 10.12 -15.48
C TRP B 127 -19.81 9.15 -14.32
N ARG B 128 -18.67 9.04 -13.65
CA ARG B 128 -18.56 8.12 -12.52
C ARG B 128 -19.51 8.50 -11.39
N PHE B 129 -19.64 9.79 -11.11
CA PHE B 129 -20.54 10.21 -10.03
C PHE B 129 -21.93 10.69 -10.45
N ALA B 130 -21.99 11.66 -11.36
CA ALA B 130 -23.29 12.18 -11.81
C ALA B 130 -24.16 11.23 -12.65
N ALA B 131 -23.54 10.57 -13.62
CA ALA B 131 -24.20 9.63 -14.52
C ALA B 131 -24.74 8.31 -13.96
N ALA B 132 -24.00 7.74 -13.00
CA ALA B 132 -24.33 6.41 -12.45
C ALA B 132 -25.70 6.23 -11.79
N PRO B 133 -26.16 7.21 -11.00
CA PRO B 133 -27.45 6.99 -10.33
C PRO B 133 -28.59 6.79 -11.33
N HIS B 134 -28.59 7.58 -12.39
CA HIS B 134 -29.62 7.49 -13.43
C HIS B 134 -29.63 6.16 -14.18
N ILE B 135 -28.45 5.61 -14.47
CA ILE B 135 -28.35 4.38 -15.24
C ILE B 135 -28.20 3.06 -14.46
N CYS B 136 -27.24 2.99 -13.54
CA CYS B 136 -26.98 1.78 -12.78
C CYS B 136 -28.24 1.28 -12.09
N SER B 137 -28.96 2.17 -11.43
CA SER B 137 -30.22 1.78 -10.79
C SER B 137 -31.20 1.23 -11.81
N ASP B 138 -31.38 1.94 -12.93
CA ASP B 138 -32.31 1.48 -13.96
C ASP B 138 -31.89 0.13 -14.53
N LEU B 139 -30.60 -0.07 -14.78
CA LEU B 139 -30.15 -1.32 -15.37
C LEU B 139 -30.30 -2.47 -14.39
N LYS B 140 -30.00 -2.24 -13.11
CA LYS B 140 -30.19 -3.28 -12.11
C LYS B 140 -31.67 -3.63 -11.99
N PHE B 141 -32.55 -2.63 -12.05
CA PHE B 141 -33.98 -2.91 -11.99
C PHE B 141 -34.42 -3.70 -13.21
N ILE B 142 -33.92 -3.35 -14.39
CA ILE B 142 -34.30 -4.07 -15.61
C ILE B 142 -33.83 -5.51 -15.55
N MET B 143 -32.62 -5.74 -15.06
CA MET B 143 -32.13 -7.10 -14.95
C MET B 143 -32.95 -7.90 -13.94
N GLU B 144 -33.27 -7.31 -12.79
CA GLU B 144 -34.11 -7.99 -11.82
C GLU B 144 -35.48 -8.32 -12.40
N GLU B 145 -36.09 -7.38 -13.13
CA GLU B 145 -37.40 -7.61 -13.72
C GLU B 145 -37.34 -8.69 -14.78
N LEU B 146 -36.23 -8.75 -15.53
CA LEU B 146 -36.10 -9.80 -16.54
C LEU B 146 -35.96 -11.17 -15.88
N ASP B 147 -35.15 -11.27 -14.83
CA ASP B 147 -35.05 -12.53 -14.10
C ASP B 147 -36.40 -12.93 -13.54
N LYS B 148 -37.16 -11.96 -13.03
CA LYS B 148 -38.47 -12.26 -12.44
C LYS B 148 -39.44 -12.76 -13.51
N VAL B 149 -39.48 -12.10 -14.67
CA VAL B 149 -40.40 -12.53 -15.72
C VAL B 149 -40.01 -13.90 -16.24
N TYR B 150 -38.70 -14.19 -16.30
CA TYR B 150 -38.27 -15.52 -16.69
C TYR B 150 -38.73 -16.58 -15.69
N ASN B 151 -38.53 -16.30 -14.40
CA ASN B 151 -38.98 -17.23 -13.37
C ASN B 151 -40.48 -17.46 -13.45
N ARG B 152 -41.26 -16.39 -13.64
CA ARG B 152 -42.70 -16.54 -13.71
C ARG B 152 -43.12 -17.32 -14.95
N ALA B 153 -42.43 -17.09 -16.08
CA ALA B 153 -42.76 -17.82 -17.29
C ALA B 153 -42.49 -19.31 -17.13
N ILE B 154 -41.37 -19.67 -16.51
CA ILE B 154 -41.06 -21.09 -16.37
C ILE B 154 -41.95 -21.71 -15.29
N LYS B 155 -42.37 -20.92 -14.30
CA LYS B 155 -43.30 -21.44 -13.31
C LYS B 155 -44.66 -21.71 -13.93
N ALA B 156 -45.13 -20.82 -14.80
CA ALA B 156 -46.37 -21.06 -15.52
C ALA B 156 -46.23 -22.28 -16.43
N ALA B 157 -45.08 -22.41 -17.10
CA ALA B 157 -44.85 -23.57 -17.95
C ALA B 157 -44.74 -24.84 -17.12
N LYS B 158 -44.11 -24.76 -15.95
CA LYS B 158 -44.00 -25.93 -15.09
C LYS B 158 -45.36 -26.37 -14.57
N SER B 159 -46.21 -25.41 -14.21
CA SER B 159 -47.56 -25.74 -13.76
C SER B 159 -48.38 -26.35 -14.89
N ALA B 160 -48.14 -25.91 -16.13
CA ALA B 160 -48.82 -26.51 -17.27
C ALA B 160 -48.34 -27.94 -17.49
N ARG B 161 -47.05 -28.20 -17.29
CA ARG B 161 -46.53 -29.55 -17.42
C ARG B 161 -47.09 -30.46 -16.34
N ASP B 162 -47.45 -29.90 -15.19
CA ASP B 162 -48.02 -30.67 -14.11
C ASP B 162 -49.51 -30.91 -14.33
N PHE B 191 -52.61 -10.03 -12.99
CA PHE B 191 -51.35 -9.35 -13.24
C PHE B 191 -50.97 -9.43 -14.72
N LYS B 192 -49.81 -10.04 -14.99
CA LYS B 192 -49.31 -10.22 -16.36
C LYS B 192 -49.17 -8.88 -17.07
N TYR B 193 -48.40 -7.97 -16.47
CA TYR B 193 -48.18 -6.65 -17.03
C TYR B 193 -46.75 -6.54 -17.52
N PRO B 194 -46.51 -6.15 -18.78
CA PRO B 194 -45.13 -5.96 -19.24
C PRO B 194 -44.52 -4.71 -18.65
N ILE B 195 -44.06 -4.79 -17.39
CA ILE B 195 -43.59 -3.60 -16.70
C ILE B 195 -42.25 -3.14 -17.27
N VAL B 196 -41.35 -4.07 -17.57
CA VAL B 196 -40.05 -3.70 -18.10
C VAL B 196 -40.18 -3.16 -19.52
N GLU B 197 -41.11 -3.72 -20.29
CA GLU B 197 -41.34 -3.20 -21.63
C GLU B 197 -41.89 -1.79 -21.58
N GLN B 198 -42.78 -1.52 -20.63
CA GLN B 198 -43.30 -0.17 -20.46
C GLN B 198 -42.11 0.72 -20.14
N TYR B 199 -41.15 0.16 -19.40
CA TYR B 199 -39.93 0.84 -19.01
C TYR B 199 -39.08 1.19 -20.24
N LEU B 200 -39.07 0.28 -21.21
CA LEU B 200 -38.30 0.46 -22.45
C LEU B 200 -38.76 1.69 -23.23
N LYS B 201 -40.08 1.93 -23.24
CA LYS B 201 -40.65 3.08 -23.93
C LYS B 201 -40.14 4.39 -23.34
N THR B 202 -39.99 4.43 -22.02
CA THR B 202 -39.51 5.62 -21.32
C THR B 202 -38.10 5.99 -21.76
N LYS B 203 -37.26 4.97 -21.96
CA LYS B 203 -35.84 5.15 -22.37
C LYS B 203 -35.78 6.07 -23.60
N LYS B 204 -36.50 5.71 -24.67
CA LYS B 204 -36.54 6.52 -25.91
C LYS B 204 -37.17 7.89 -25.62
N ASN B 205 -38.23 7.89 -24.81
CA ASN B 205 -38.98 9.12 -24.44
C ASN B 205 -38.03 10.16 -23.84
N SER B 206 -37.31 9.79 -22.77
CA SER B 206 -36.37 10.75 -22.13
C SER B 206 -34.95 10.49 -22.66
N ASN B 207 -34.40 11.48 -23.37
CA ASN B 207 -33.03 11.37 -23.95
C ASN B 207 -32.04 12.05 -23.00
N ASN B 208 -32.52 12.56 -21.87
CA ASN B 208 -31.65 13.28 -20.90
C ASN B 208 -30.58 12.32 -20.37
N LEU B 209 -30.95 11.08 -20.05
CA LEU B 209 -29.96 10.10 -19.55
C LEU B 209 -28.92 9.83 -20.65
N ILE B 210 -29.41 9.66 -21.89
CA ILE B 210 -28.52 9.43 -23.07
C ILE B 210 -27.68 10.69 -23.29
N ILE B 211 -28.30 11.86 -23.14
CA ILE B 211 -27.62 13.17 -23.34
C ILE B 211 -26.34 13.21 -22.49
N LYS B 212 -26.43 12.80 -21.22
CA LYS B 212 -25.25 12.83 -20.36
C LYS B 212 -24.11 12.01 -20.97
N TYR B 213 -24.43 10.82 -21.47
CA TYR B 213 -23.42 9.94 -22.02
C TYR B 213 -22.80 10.53 -23.28
N ILE B 214 -23.61 10.97 -24.23
CA ILE B 214 -23.06 11.51 -25.46
C ILE B 214 -22.38 12.85 -25.20
N SER B 215 -22.76 13.53 -24.12
CA SER B 215 -22.08 14.78 -23.78
C SER B 215 -20.68 14.51 -23.23
N CYS B 216 -20.56 13.53 -22.33
CA CYS B 216 -19.23 13.20 -21.85
C CYS B 216 -18.36 12.65 -22.97
N ARG B 217 -18.94 11.84 -23.86
CA ARG B 217 -18.17 11.35 -25.01
C ARG B 217 -17.79 12.49 -25.95
N LEU B 218 -18.67 13.48 -26.11
CA LEU B 218 -18.37 14.58 -27.01
C LEU B 218 -17.29 15.48 -26.44
N LEU B 219 -17.31 15.72 -25.13
CA LEU B 219 -16.21 16.45 -24.51
C LEU B 219 -14.91 15.67 -24.60
N THR B 220 -14.98 14.35 -24.43
CA THR B 220 -13.77 13.54 -24.61
C THR B 220 -13.23 13.68 -26.03
N LEU B 221 -14.11 13.66 -27.02
CA LEU B 221 -13.66 13.79 -28.40
C LEU B 221 -13.09 15.18 -28.66
N ILE B 222 -13.73 16.22 -28.11
CA ILE B 222 -13.26 17.58 -28.32
C ILE B 222 -11.88 17.76 -27.70
N ILE B 223 -11.69 17.24 -26.49
CA ILE B 223 -10.40 17.38 -25.82
C ILE B 223 -9.34 16.55 -26.54
N ILE B 224 -9.73 15.37 -27.05
CA ILE B 224 -8.77 14.57 -27.81
C ILE B 224 -8.37 15.29 -29.08
N LEU B 225 -9.31 15.95 -29.74
CA LEU B 225 -8.97 16.66 -30.97
C LEU B 225 -8.10 17.89 -30.68
N LEU B 226 -8.39 18.59 -29.58
CA LEU B 226 -7.54 19.71 -29.19
C LEU B 226 -6.14 19.23 -28.84
N ALA B 227 -6.03 18.07 -28.19
CA ALA B 227 -4.73 17.52 -27.89
C ALA B 227 -4.00 17.11 -29.16
N CYS B 228 -4.73 16.53 -30.13
CA CYS B 228 -4.11 16.21 -31.41
C CYS B 228 -3.60 17.46 -32.09
N ILE B 229 -4.38 18.54 -32.06
CA ILE B 229 -3.95 19.78 -32.70
C ILE B 229 -2.70 20.32 -32.01
N TYR B 230 -2.70 20.35 -30.69
CA TYR B 230 -1.55 20.86 -29.97
C TYR B 230 -0.31 20.01 -30.21
N LEU B 231 -0.47 18.68 -30.19
CA LEU B 231 0.69 17.81 -30.36
C LEU B 231 1.21 17.86 -31.78
N GLY B 232 0.32 17.99 -32.76
CA GLY B 232 0.76 18.13 -34.13
C GLY B 232 1.48 19.45 -34.35
N TYR B 233 1.02 20.51 -33.70
CA TYR B 233 1.75 21.77 -33.77
C TYR B 233 3.11 21.66 -33.10
N TYR B 234 3.14 21.12 -31.89
CA TYR B 234 4.39 21.03 -31.13
C TYR B 234 5.41 20.17 -31.86
N PHE B 235 4.99 19.02 -32.38
CA PHE B 235 5.88 18.18 -33.16
C PHE B 235 6.33 18.90 -34.43
N SER B 236 5.55 19.87 -34.91
CA SER B 236 5.92 20.58 -36.12
C SER B 236 6.96 21.66 -35.88
N LEU B 237 7.40 21.78 -34.63
CA LEU B 237 8.39 22.77 -34.24
C LEU B 237 9.74 22.56 -34.94
N SER B 238 10.50 23.64 -35.04
CA SER B 238 11.57 23.78 -36.01
C SER B 238 12.69 22.76 -35.83
N SER B 239 12.96 22.43 -34.55
CA SER B 239 14.01 21.51 -34.03
C SER B 239 15.40 22.16 -34.02
N LEU B 240 15.37 23.49 -34.16
CA LEU B 240 16.53 24.34 -34.12
C LEU B 240 16.07 25.49 -33.24
N SER B 241 14.76 25.50 -33.01
CA SER B 241 14.13 26.52 -32.18
C SER B 241 14.47 26.31 -30.71
N ASP B 242 15.07 25.18 -30.36
CA ASP B 242 15.54 24.97 -29.01
C ASP B 242 16.83 25.69 -28.72
N GLU B 243 17.48 26.23 -29.74
CA GLU B 243 18.68 27.05 -29.56
C GLU B 243 18.29 28.50 -29.67
N PHE B 244 18.44 29.24 -28.57
CA PHE B 244 18.09 30.64 -28.56
C PHE B 244 19.24 31.42 -27.95
N VAL B 245 19.41 32.64 -28.43
CA VAL B 245 20.45 33.54 -27.94
C VAL B 245 19.87 34.32 -26.77
N CYS B 246 20.59 34.35 -25.66
CA CYS B 246 20.11 34.95 -24.43
C CYS B 246 21.13 35.94 -23.92
N SER B 247 20.65 37.06 -23.38
CA SER B 247 21.51 38.15 -22.97
C SER B 247 21.17 38.55 -21.54
N ILE B 248 22.09 38.31 -20.61
CA ILE B 248 21.87 38.74 -19.23
C ILE B 248 22.41 40.15 -19.08
N LYS B 249 21.64 41.14 -19.54
CA LYS B 249 22.10 42.52 -19.52
C LYS B 249 20.99 43.48 -19.11
N SER B 250 20.06 43.04 -18.27
CA SER B 250 19.11 43.95 -17.66
C SER B 250 19.57 44.32 -16.27
N GLY B 251 19.10 45.48 -15.78
CA GLY B 251 19.52 45.93 -14.47
C GLY B 251 20.94 46.46 -14.49
N ILE B 252 21.64 46.27 -13.37
CA ILE B 252 23.00 46.79 -13.24
C ILE B 252 23.98 46.07 -14.16
N LEU B 253 23.59 44.92 -14.72
CA LEU B 253 24.48 44.22 -15.63
C LEU B 253 24.46 44.84 -17.01
N ARG B 254 23.59 45.82 -17.23
CA ARG B 254 23.38 46.34 -18.58
C ARG B 254 24.66 46.91 -19.17
N ASN B 255 25.31 47.82 -18.45
CA ASN B 255 26.52 48.43 -19.00
C ASN B 255 27.78 47.75 -18.48
N ASP B 256 27.62 46.62 -17.78
CA ASP B 256 28.78 45.84 -17.35
C ASP B 256 29.57 45.35 -18.55
N SER B 257 30.88 45.20 -18.36
CA SER B 257 31.76 44.86 -19.48
C SER B 257 32.32 43.45 -19.41
N THR B 258 32.49 42.89 -18.21
CA THR B 258 33.06 41.55 -18.11
C THR B 258 32.10 40.50 -18.64
N VAL B 259 30.80 40.77 -18.58
CA VAL B 259 29.79 39.85 -19.07
C VAL B 259 29.62 40.02 -20.57
N PRO B 260 29.66 38.95 -21.36
CA PRO B 260 29.51 39.09 -22.80
C PRO B 260 28.11 39.53 -23.19
N ASP B 261 27.98 39.99 -24.43
CA ASP B 261 26.74 40.58 -24.88
C ASP B 261 25.61 39.57 -24.91
N GLN B 262 25.90 38.34 -25.33
CA GLN B 262 24.86 37.33 -25.50
C GLN B 262 25.45 35.95 -25.34
N PHE B 263 24.60 35.01 -24.90
CA PHE B 263 24.99 33.64 -24.66
C PHE B 263 24.21 32.72 -25.58
N GLN B 264 24.85 31.64 -26.01
CA GLN B 264 24.20 30.65 -26.87
C GLN B 264 23.63 29.55 -25.97
N CYS B 265 22.33 29.63 -25.69
CA CYS B 265 21.66 28.63 -24.89
C CYS B 265 20.95 27.62 -25.77
N LYS B 266 20.81 26.40 -25.27
CA LYS B 266 20.08 25.35 -25.96
C LYS B 266 19.16 24.65 -24.97
N LEU B 267 17.92 24.45 -25.36
CA LEU B 267 16.97 23.73 -24.51
C LEU B 267 17.12 22.25 -24.77
N ILE B 268 17.65 21.54 -23.77
CA ILE B 268 17.79 20.09 -23.87
C ILE B 268 16.44 19.39 -23.58
N ALA B 269 16.40 18.09 -23.83
CA ALA B 269 15.21 17.24 -23.62
C ALA B 269 13.94 17.70 -24.38
N VAL B 270 14.16 18.31 -25.53
CA VAL B 270 13.09 18.76 -26.42
C VAL B 270 12.91 17.79 -27.57
N GLY B 271 13.99 17.19 -28.05
CA GLY B 271 13.86 16.13 -29.02
C GLY B 271 13.05 14.96 -28.48
N ILE B 272 13.27 14.62 -27.21
CA ILE B 272 12.47 13.60 -26.56
C ILE B 272 11.02 14.04 -26.48
N PHE B 273 10.78 15.32 -26.19
CA PHE B 273 9.43 15.83 -26.13
C PHE B 273 8.72 15.69 -27.48
N GLN B 274 9.43 15.97 -28.56
CA GLN B 274 8.81 15.90 -29.88
C GLN B 274 8.57 14.45 -30.29
N LEU B 275 9.54 13.58 -30.01
CA LEU B 275 9.37 12.16 -30.31
C LEU B 275 8.23 11.56 -29.51
N LEU B 276 7.99 12.06 -28.29
CA LEU B 276 6.87 11.54 -27.53
C LEU B 276 5.56 12.19 -27.93
N SER B 277 5.62 13.44 -28.38
CA SER B 277 4.41 14.12 -28.83
C SER B 277 3.87 13.49 -30.10
N VAL B 278 4.76 13.03 -30.97
CA VAL B 278 4.27 12.37 -32.19
C VAL B 278 3.65 11.02 -31.85
N ILE B 279 4.18 10.34 -30.84
CA ILE B 279 3.57 9.08 -30.40
C ILE B 279 2.19 9.34 -29.83
N ASN B 280 2.09 10.34 -28.95
CA ASN B 280 0.80 10.72 -28.39
C ASN B 280 -0.18 11.12 -29.49
N LEU B 281 0.28 11.86 -30.49
CA LEU B 281 -0.61 12.27 -31.58
C LEU B 281 -1.08 11.08 -32.39
N VAL B 282 -0.19 10.12 -32.67
CA VAL B 282 -0.60 8.94 -33.41
C VAL B 282 -1.64 8.15 -32.63
N VAL B 283 -1.38 7.91 -31.35
CA VAL B 283 -2.33 7.15 -30.55
C VAL B 283 -3.65 7.90 -30.44
N TYR B 284 -3.60 9.24 -30.39
CA TYR B 284 -4.83 10.00 -30.23
C TYR B 284 -5.64 10.04 -31.51
N VAL B 285 -4.98 10.08 -32.67
CA VAL B 285 -5.74 10.06 -33.92
C VAL B 285 -6.19 8.64 -34.25
N LEU B 286 -5.61 7.65 -33.58
CA LEU B 286 -6.19 6.31 -33.64
C LEU B 286 -7.36 6.18 -32.67
N LEU B 287 -7.33 6.94 -31.59
CA LEU B 287 -8.38 6.84 -30.58
C LEU B 287 -9.61 7.64 -30.97
N ALA B 288 -9.43 8.74 -31.69
CA ALA B 288 -10.56 9.60 -32.05
C ALA B 288 -11.62 8.87 -32.87
N PRO B 289 -11.31 8.03 -33.86
CA PRO B 289 -12.39 7.28 -34.52
C PRO B 289 -13.13 6.36 -33.57
N VAL B 290 -12.44 5.82 -32.56
CA VAL B 290 -13.12 4.97 -31.60
C VAL B 290 -14.14 5.77 -30.80
N VAL B 291 -13.77 6.99 -30.40
CA VAL B 291 -14.72 7.83 -29.66
C VAL B 291 -15.87 8.24 -30.56
N VAL B 292 -15.59 8.56 -31.83
CA VAL B 292 -16.65 8.95 -32.75
C VAL B 292 -17.63 7.80 -32.94
N TYR B 293 -17.00 6.68 -33.32
CA TYR B 293 -17.66 5.39 -33.54
C TYR B 293 -18.61 5.27 -32.39
N THR B 294 -18.07 5.54 -31.20
CA THR B 294 -18.78 5.57 -29.95
C THR B 294 -19.89 6.64 -29.86
N LEU B 295 -19.64 7.83 -30.40
CA LEU B 295 -20.62 8.91 -30.34
C LEU B 295 -21.93 8.54 -31.03
N PHE B 296 -21.86 7.85 -32.15
CA PHE B 296 -23.06 7.44 -32.87
C PHE B 296 -23.60 6.15 -32.25
N VAL B 297 -24.28 6.30 -31.12
CA VAL B 297 -24.86 5.16 -30.40
C VAL B 297 -25.94 4.42 -31.17
N PRO B 298 -26.83 5.16 -31.85
CA PRO B 298 -27.90 4.56 -32.63
C PRO B 298 -27.39 3.50 -33.60
N PHE B 299 -26.16 3.71 -34.10
CA PHE B 299 -25.54 2.77 -35.02
C PHE B 299 -24.93 1.59 -34.28
N ARG B 300 -24.40 1.82 -33.08
CA ARG B 300 -23.80 0.75 -32.31
C ARG B 300 -24.82 -0.16 -31.65
N GLN B 301 -26.05 0.31 -31.46
CA GLN B 301 -27.09 -0.55 -30.91
C GLN B 301 -27.45 -1.63 -31.93
N LYS B 302 -26.96 -2.85 -31.67
CA LYS B 302 -27.13 -3.93 -32.62
C LYS B 302 -27.30 -5.23 -31.83
N THR B 303 -27.67 -6.28 -32.55
CA THR B 303 -27.92 -7.60 -31.95
C THR B 303 -28.93 -7.47 -30.81
N ASP B 304 -30.17 -7.11 -31.19
CA ASP B 304 -31.22 -6.78 -30.23
C ASP B 304 -31.29 -7.79 -29.10
N VAL B 305 -30.95 -7.36 -27.90
CA VAL B 305 -30.72 -8.25 -26.78
C VAL B 305 -32.04 -8.79 -26.24
N LEU B 306 -33.07 -7.95 -26.25
CA LEU B 306 -34.37 -8.38 -25.72
C LEU B 306 -35.09 -9.31 -26.69
N LYS B 307 -34.63 -9.39 -27.94
CA LYS B 307 -35.28 -10.27 -28.91
C LYS B 307 -35.24 -11.72 -28.43
N VAL B 308 -34.26 -12.07 -27.62
CA VAL B 308 -34.19 -13.43 -27.11
C VAL B 308 -35.28 -13.70 -26.08
N TYR B 309 -35.81 -12.66 -25.44
CA TYR B 309 -36.87 -12.81 -24.46
C TYR B 309 -38.25 -12.93 -25.08
N GLU B 310 -38.38 -12.75 -26.40
CA GLU B 310 -39.68 -12.71 -27.02
C GLU B 310 -40.33 -14.10 -27.06
N ILE B 311 -39.57 -15.13 -26.69
CA ILE B 311 -40.07 -16.50 -26.77
C ILE B 311 -40.69 -16.91 -25.44
N LEU B 312 -40.91 -15.94 -24.56
CA LEU B 312 -41.52 -16.22 -23.28
C LEU B 312 -42.99 -15.84 -23.31
N PRO B 313 -43.89 -16.68 -22.78
CA PRO B 313 -45.31 -16.30 -22.75
C PRO B 313 -45.57 -15.12 -21.84
N THR B 314 -44.89 -15.05 -20.69
CA THR B 314 -45.06 -13.97 -19.74
C THR B 314 -44.43 -12.66 -20.21
N PHE B 315 -43.89 -12.64 -21.43
CA PHE B 315 -43.24 -11.46 -21.99
C PHE B 315 -43.91 -11.13 -23.32
N ASP B 316 -44.33 -9.88 -23.47
CA ASP B 316 -44.98 -9.45 -24.70
C ASP B 316 -44.03 -9.59 -25.87
N VAL B 317 -44.60 -9.83 -27.05
CA VAL B 317 -43.78 -10.00 -28.25
C VAL B 317 -43.52 -8.63 -28.86
N LEU B 318 -42.50 -7.94 -28.35
CA LEU B 318 -42.16 -6.61 -28.81
C LEU B 318 -40.74 -6.27 -28.38
N HIS B 319 -39.87 -6.01 -29.35
CA HIS B 319 -38.55 -5.47 -29.03
C HIS B 319 -38.63 -3.99 -28.73
N PHE B 320 -39.06 -3.19 -29.71
CA PHE B 320 -39.31 -1.76 -29.53
C PHE B 320 -38.09 -1.04 -28.97
N LYS B 321 -36.93 -1.29 -29.57
CA LYS B 321 -35.70 -0.65 -29.11
C LYS B 321 -34.78 -0.43 -30.30
N SER B 322 -34.87 0.76 -30.91
CA SER B 322 -34.05 1.15 -32.04
C SER B 322 -34.33 2.57 -32.49
N GLU B 323 -33.49 3.09 -33.38
CA GLU B 323 -33.74 4.29 -34.18
C GLU B 323 -34.02 5.54 -33.37
N GLY B 324 -33.06 6.04 -32.60
CA GLY B 324 -33.26 7.31 -31.93
C GLY B 324 -32.02 7.80 -31.22
N TYR B 325 -31.92 9.13 -31.15
CA TYR B 325 -30.96 9.82 -30.29
C TYR B 325 -31.64 10.01 -28.95
N ASN B 326 -32.02 8.90 -28.32
CA ASN B 326 -32.76 8.94 -27.07
C ASN B 326 -32.14 7.93 -26.11
N ASP B 327 -32.49 8.07 -24.83
CA ASP B 327 -31.84 7.28 -23.79
C ASP B 327 -32.06 5.79 -24.00
N LEU B 328 -33.04 5.42 -24.82
CA LEU B 328 -33.31 4.01 -25.05
C LEU B 328 -32.14 3.33 -25.75
N SER B 329 -31.50 4.02 -26.70
CA SER B 329 -30.37 3.44 -27.39
C SER B 329 -29.18 3.25 -26.44
N LEU B 330 -28.96 4.23 -25.58
CA LEU B 330 -27.90 4.10 -24.57
C LEU B 330 -28.18 2.93 -23.65
N TYR B 331 -29.44 2.79 -23.21
CA TYR B 331 -29.79 1.65 -22.37
C TYR B 331 -29.63 0.35 -23.12
N ASN B 332 -29.89 0.36 -24.43
CA ASN B 332 -29.66 -0.83 -25.23
C ASN B 332 -28.20 -1.22 -25.23
N LEU B 333 -27.31 -0.24 -25.39
CA LEU B 333 -25.88 -0.53 -25.33
C LEU B 333 -25.49 -1.09 -23.97
N PHE B 334 -25.94 -0.45 -22.90
CA PHE B 334 -25.54 -0.90 -21.57
C PHE B 334 -26.14 -2.27 -21.25
N LEU B 335 -27.32 -2.56 -21.78
CA LEU B 335 -27.91 -3.88 -21.62
C LEU B 335 -27.12 -4.92 -22.41
N GLU B 336 -26.74 -4.59 -23.63
CA GLU B 336 -25.92 -5.49 -24.42
C GLU B 336 -24.62 -5.80 -23.72
N GLU B 337 -24.09 -4.83 -22.96
CA GLU B 337 -22.84 -5.07 -22.24
C GLU B 337 -23.07 -5.92 -21.00
N ASN B 338 -23.96 -5.49 -20.11
CA ASN B 338 -24.12 -6.10 -18.80
C ASN B 338 -25.11 -7.27 -18.79
N ILE B 339 -25.59 -7.69 -19.97
CA ILE B 339 -26.65 -8.69 -20.00
C ILE B 339 -26.10 -10.09 -19.80
N SER B 340 -24.79 -10.25 -20.00
CA SER B 340 -24.19 -11.57 -19.82
C SER B 340 -24.21 -11.99 -18.36
N GLU B 341 -24.32 -11.02 -17.45
CA GLU B 341 -24.44 -11.35 -16.03
C GLU B 341 -25.82 -11.94 -15.74
N VAL B 342 -26.80 -11.67 -16.59
CA VAL B 342 -28.16 -12.14 -16.36
C VAL B 342 -28.26 -13.61 -16.75
N LYS B 343 -28.53 -14.47 -15.76
CA LYS B 343 -28.60 -15.91 -16.00
C LYS B 343 -29.75 -16.25 -16.94
N SER B 344 -30.91 -15.64 -16.71
CA SER B 344 -32.06 -15.89 -17.56
C SER B 344 -31.74 -15.57 -19.02
N TYR B 345 -31.03 -14.46 -19.26
CA TYR B 345 -30.61 -14.14 -20.61
C TYR B 345 -29.72 -15.22 -21.18
N LYS B 346 -28.80 -15.75 -20.36
CA LYS B 346 -27.89 -16.79 -20.84
C LYS B 346 -28.67 -18.02 -21.28
N CYS B 347 -29.58 -18.51 -20.44
CA CYS B 347 -30.36 -19.68 -20.81
C CYS B 347 -31.24 -19.42 -22.02
N LEU B 348 -31.85 -18.25 -22.08
CA LEU B 348 -32.70 -17.93 -23.24
C LEU B 348 -31.87 -17.87 -24.51
N LYS B 349 -30.64 -17.37 -24.43
CA LYS B 349 -29.79 -17.34 -25.62
C LYS B 349 -29.35 -18.74 -26.02
N VAL B 350 -29.13 -19.61 -25.03
CA VAL B 350 -28.90 -21.02 -25.34
C VAL B 350 -30.06 -21.59 -26.13
N LEU B 351 -31.29 -21.40 -25.67
CA LEU B 351 -32.45 -21.89 -26.42
C LEU B 351 -32.55 -21.25 -27.80
N GLU B 352 -32.24 -19.95 -27.89
CA GLU B 352 -32.37 -19.26 -29.18
C GLU B 352 -31.36 -19.80 -30.18
N ASN B 353 -30.14 -20.09 -29.73
CA ASN B 353 -29.12 -20.64 -30.62
C ASN B 353 -29.50 -22.04 -31.07
N ILE B 354 -30.05 -22.85 -30.14
CA ILE B 354 -30.53 -24.17 -30.51
C ILE B 354 -31.65 -24.07 -31.55
N LYS B 355 -32.48 -23.04 -31.42
CA LYS B 355 -33.60 -22.84 -32.34
C LYS B 355 -33.12 -22.62 -33.78
N SER B 356 -31.84 -22.29 -33.96
CA SER B 356 -31.30 -22.15 -35.31
C SER B 356 -31.42 -23.47 -36.08
N SER B 357 -31.17 -24.59 -35.40
CA SER B 357 -31.40 -25.89 -36.03
C SER B 357 -32.89 -26.17 -36.16
N GLY B 358 -33.67 -25.75 -35.17
CA GLY B 358 -35.11 -25.96 -35.20
C GLY B 358 -35.56 -27.37 -34.91
N GLN B 359 -34.77 -28.15 -34.17
CA GLN B 359 -35.13 -29.54 -33.92
C GLN B 359 -36.37 -29.66 -33.05
N GLY B 360 -36.32 -29.13 -31.83
CA GLY B 360 -37.43 -29.30 -30.91
C GLY B 360 -38.37 -28.12 -30.88
N ILE B 361 -38.58 -27.53 -29.70
CA ILE B 361 -39.51 -26.43 -29.53
C ILE B 361 -39.07 -25.59 -28.34
N ASP B 362 -39.41 -24.30 -28.36
CA ASP B 362 -38.96 -23.36 -27.35
C ASP B 362 -39.54 -23.68 -25.97
N PRO B 363 -40.86 -23.83 -25.82
CA PRO B 363 -41.38 -24.07 -24.46
C PRO B 363 -40.95 -25.40 -23.88
N MET B 364 -40.85 -26.44 -24.72
CA MET B 364 -40.40 -27.74 -24.22
C MET B 364 -38.97 -27.66 -23.70
N LEU B 365 -38.08 -27.08 -24.50
CA LEU B 365 -36.69 -26.94 -24.12
C LEU B 365 -36.56 -26.25 -22.77
N LEU B 366 -37.37 -25.21 -22.56
CA LEU B 366 -37.35 -24.47 -21.31
C LEU B 366 -37.76 -25.37 -20.15
N LEU B 367 -38.76 -26.21 -20.38
CA LEU B 367 -39.23 -27.12 -19.35
C LEU B 367 -38.14 -28.10 -18.94
N THR B 368 -37.39 -28.58 -19.92
CA THR B 368 -36.31 -29.52 -19.67
C THR B 368 -35.24 -28.87 -18.81
N ASN B 369 -34.94 -27.61 -19.10
CA ASN B 369 -33.92 -26.86 -18.36
C ASN B 369 -34.31 -26.68 -16.90
N LEU B 370 -35.59 -26.41 -16.67
CA LEU B 370 -36.12 -26.21 -15.31
C LEU B 370 -35.27 -25.23 -14.50
N GLU C 31 -23.40 14.37 -1.00
CA GLU C 31 -22.83 15.54 -1.65
C GLU C 31 -23.25 15.53 -3.10
N LEU C 32 -23.99 16.55 -3.52
CA LEU C 32 -24.50 16.60 -4.88
C LEU C 32 -23.35 16.54 -5.88
N ALA C 33 -23.61 15.86 -7.00
CA ALA C 33 -22.55 15.62 -7.98
C ALA C 33 -21.90 16.92 -8.42
N VAL C 34 -22.68 17.97 -8.62
CA VAL C 34 -22.10 19.25 -9.02
C VAL C 34 -21.28 19.82 -7.87
N ASP C 35 -21.73 19.62 -6.63
CA ASP C 35 -20.95 20.09 -5.50
C ASP C 35 -19.68 19.27 -5.32
N LYS C 36 -19.76 17.95 -5.53
CA LYS C 36 -18.57 17.12 -5.44
C LYS C 36 -17.55 17.51 -6.50
N MET C 37 -18.01 17.79 -7.72
CA MET C 37 -17.05 18.18 -8.76
C MET C 37 -16.51 19.59 -8.54
N VAL C 38 -17.32 20.52 -8.02
CA VAL C 38 -16.80 21.84 -7.71
C VAL C 38 -15.74 21.75 -6.63
N THR C 39 -15.98 20.95 -5.59
CA THR C 39 -14.98 20.75 -4.57
C THR C 39 -13.72 20.13 -5.14
N CYS C 40 -13.88 19.06 -5.92
CA CYS C 40 -12.72 18.38 -6.50
C CYS C 40 -11.89 19.33 -7.32
N ILE C 41 -12.53 20.13 -8.18
CA ILE C 41 -11.78 21.09 -8.99
C ILE C 41 -11.12 22.14 -8.11
N ALA C 42 -11.92 22.86 -7.32
CA ALA C 42 -11.41 24.01 -6.57
C ALA C 42 -10.33 23.61 -5.58
N VAL C 43 -10.27 22.32 -5.22
CA VAL C 43 -9.25 21.90 -4.26
C VAL C 43 -8.06 21.28 -4.96
N GLY C 44 -8.31 20.36 -5.90
CA GLY C 44 -7.22 19.65 -6.54
C GLY C 44 -6.46 20.48 -7.54
N LEU C 45 -7.12 21.46 -8.15
CA LEU C 45 -6.45 22.30 -9.14
C LEU C 45 -5.32 23.11 -8.52
N PRO C 46 -5.51 23.83 -7.41
CA PRO C 46 -4.35 24.49 -6.81
C PRO C 46 -3.28 23.50 -6.35
N LEU C 47 -3.67 22.32 -5.87
CA LEU C 47 -2.68 21.33 -5.48
C LEU C 47 -1.93 20.78 -6.68
N LEU C 48 -2.66 20.44 -7.74
CA LEU C 48 -2.00 19.97 -8.95
C LEU C 48 -1.07 21.03 -9.52
N LEU C 49 -1.50 22.29 -9.47
CA LEU C 49 -0.66 23.36 -9.99
C LEU C 49 0.57 23.60 -9.13
N ILE C 50 0.43 23.49 -7.81
CA ILE C 50 1.62 23.53 -6.95
C ILE C 50 2.58 22.42 -7.33
N SER C 51 2.07 21.21 -7.48
CA SER C 51 2.93 20.08 -7.80
C SER C 51 3.58 20.23 -9.17
N LEU C 52 2.89 20.89 -10.10
CA LEU C 52 3.47 21.10 -11.43
C LEU C 52 4.76 21.91 -11.27
N ALA C 53 4.62 23.13 -10.76
CA ALA C 53 5.75 24.01 -10.50
C ALA C 53 6.63 23.43 -9.40
N PHE C 54 5.98 22.83 -8.41
CA PHE C 54 6.64 22.24 -7.24
C PHE C 54 7.61 21.11 -7.56
N ALA C 55 7.28 20.29 -8.55
CA ALA C 55 8.13 19.16 -8.90
C ALA C 55 9.55 19.61 -9.27
N GLN C 56 10.53 18.83 -8.79
CA GLN C 56 11.94 19.11 -9.01
C GLN C 56 12.35 19.07 -10.48
N GLU C 57 11.78 18.13 -11.23
CA GLU C 57 12.11 18.00 -12.64
C GLU C 57 11.73 19.26 -13.42
N ILE C 58 10.56 19.82 -13.10
CA ILE C 58 10.10 21.03 -13.77
C ILE C 58 11.04 22.20 -13.48
N SER C 59 11.50 22.29 -12.24
CA SER C 59 12.40 23.35 -11.82
C SER C 59 13.79 23.21 -12.42
N ILE C 60 14.43 24.35 -12.70
CA ILE C 60 15.78 24.34 -13.25
C ILE C 60 16.78 24.12 -12.13
N GLY C 61 16.47 24.66 -10.96
CA GLY C 61 17.31 24.53 -9.79
C GLY C 61 16.79 25.36 -8.64
N THR C 62 17.65 26.20 -8.08
CA THR C 62 17.24 27.08 -6.99
C THR C 62 16.15 28.04 -7.45
N GLN C 63 15.48 28.66 -6.48
CA GLN C 63 14.42 29.59 -6.80
C GLN C 63 14.95 30.99 -7.03
N ILE C 64 16.20 31.24 -6.66
CA ILE C 64 16.82 32.55 -6.80
C ILE C 64 18.26 32.36 -7.26
N SER C 65 18.75 33.29 -8.08
CA SER C 65 20.14 33.31 -8.52
C SER C 65 20.58 34.77 -8.54
N CYS C 66 21.80 35.03 -8.10
CA CYS C 66 22.19 36.41 -7.79
C CYS C 66 23.40 36.93 -8.55
N PHE C 67 24.14 36.08 -9.25
CA PHE C 67 25.29 36.54 -10.03
C PHE C 67 26.30 37.32 -9.20
N SER C 68 26.98 36.65 -8.27
CA SER C 68 28.10 37.22 -7.58
C SER C 68 29.24 37.47 -8.56
N PRO C 69 30.21 38.31 -8.20
CA PRO C 69 31.37 38.51 -9.08
C PRO C 69 32.15 37.23 -9.28
N SER C 70 33.05 37.27 -10.28
CA SER C 70 33.86 36.09 -10.58
C SER C 70 34.86 35.81 -9.47
N SER C 71 35.29 36.84 -8.76
CA SER C 71 36.27 36.66 -7.69
C SER C 71 35.67 35.91 -6.52
N PHE C 72 34.35 35.99 -6.34
CA PHE C 72 33.70 35.31 -5.24
C PHE C 72 33.86 33.81 -5.37
N SER C 73 34.12 33.16 -4.24
CA SER C 73 34.20 31.72 -4.24
C SER C 73 32.81 31.11 -4.37
N TRP C 74 32.77 29.78 -4.47
CA TRP C 74 31.50 29.08 -4.56
C TRP C 74 30.64 29.37 -3.33
N ARG C 75 31.25 29.30 -2.15
CA ARG C 75 30.47 29.47 -0.93
C ARG C 75 30.07 30.93 -0.72
N GLN C 76 30.89 31.86 -1.18
CA GLN C 76 30.50 33.27 -1.10
C GLN C 76 29.31 33.55 -1.99
N ALA C 77 29.29 32.97 -3.19
CA ALA C 77 28.13 33.11 -4.06
C ALA C 77 26.89 32.45 -3.46
N ALA C 78 27.07 31.28 -2.84
CA ALA C 78 25.96 30.66 -2.14
C ALA C 78 25.43 31.55 -1.02
N PHE C 79 26.34 32.22 -0.31
CA PHE C 79 25.91 33.14 0.72
C PHE C 79 25.13 34.29 0.13
N VAL C 80 25.57 34.83 -1.00
CA VAL C 80 24.84 35.94 -1.61
C VAL C 80 23.45 35.49 -2.01
N ASP C 81 23.34 34.32 -2.64
CA ASP C 81 22.04 33.80 -3.04
C ASP C 81 21.12 33.65 -1.83
N SER C 82 21.59 32.96 -0.80
CA SER C 82 20.73 32.69 0.36
C SER C 82 20.41 33.99 1.11
N TYR C 83 21.36 34.90 1.19
CA TYR C 83 21.12 36.17 1.85
C TYR C 83 20.03 36.95 1.15
N CYS C 84 20.10 37.03 -0.18
CA CYS C 84 19.10 37.81 -0.90
C CYS C 84 17.74 37.12 -0.84
N TRP C 85 17.74 35.79 -0.90
CA TRP C 85 16.49 35.05 -0.71
C TRP C 85 15.84 35.39 0.61
N ALA C 86 16.63 35.44 1.68
CA ALA C 86 16.09 35.81 2.99
C ALA C 86 15.85 37.31 3.08
N ALA C 87 16.44 38.07 2.19
CA ALA C 87 16.40 39.53 2.23
C ALA C 87 15.30 40.12 1.40
N VAL C 88 14.54 39.31 0.65
CA VAL C 88 13.34 39.86 0.02
C VAL C 88 12.38 40.39 1.07
N GLN C 89 12.52 39.94 2.32
CA GLN C 89 11.69 40.47 3.40
C GLN C 89 12.24 41.79 3.94
N GLN C 90 13.51 41.81 4.31
CA GLN C 90 14.13 43.01 4.88
C GLN C 90 14.16 44.08 3.80
N LYS C 91 13.31 45.09 3.94
CA LYS C 91 13.12 46.06 2.86
C LYS C 91 14.34 46.96 2.68
N ASN C 92 15.17 47.07 3.72
CA ASN C 92 16.32 47.98 3.64
C ASN C 92 17.39 47.44 2.69
N SER C 93 17.52 46.11 2.61
CA SER C 93 18.62 45.53 1.86
C SER C 93 18.39 45.60 0.36
N LEU C 94 17.19 45.28 -0.10
CA LEU C 94 16.92 45.11 -1.51
C LEU C 94 16.25 46.37 -2.07
N GLN C 95 16.61 46.73 -3.30
CA GLN C 95 16.00 47.85 -4.01
C GLN C 95 15.42 47.32 -5.30
N SER C 96 14.10 47.37 -5.43
CA SER C 96 13.41 46.87 -6.60
C SER C 96 12.55 47.98 -7.20
N GLU C 97 12.50 48.02 -8.53
CA GLU C 97 11.71 49.05 -9.20
C GLU C 97 10.22 48.91 -8.92
N SER C 98 9.71 47.67 -8.90
CA SER C 98 8.28 47.47 -8.69
C SER C 98 7.90 47.66 -7.23
N GLY C 99 8.80 47.29 -6.31
CA GLY C 99 8.54 47.39 -4.89
C GLY C 99 8.82 46.08 -4.18
N ASN C 100 8.68 46.13 -2.85
CA ASN C 100 8.95 44.95 -2.04
C ASN C 100 7.76 44.00 -2.02
N LEU C 101 6.56 44.53 -2.23
CA LEU C 101 5.37 43.68 -2.27
C LEU C 101 5.44 42.63 -3.39
N PRO C 102 5.84 42.96 -4.62
CA PRO C 102 6.00 41.90 -5.62
C PRO C 102 7.01 40.86 -5.18
N LEU C 103 8.07 41.26 -4.49
CA LEU C 103 9.07 40.30 -4.03
C LEU C 103 8.46 39.34 -3.01
N TRP C 104 7.74 39.89 -2.05
CA TRP C 104 7.11 39.05 -1.02
C TRP C 104 6.04 38.15 -1.62
N LEU C 105 5.44 38.58 -2.72
CA LEU C 105 4.39 37.83 -3.39
C LEU C 105 4.85 36.47 -3.93
N HIS C 106 6.05 36.43 -4.50
CA HIS C 106 6.58 35.21 -5.08
C HIS C 106 6.77 34.09 -4.04
N LYS C 107 7.33 34.45 -2.89
CA LYS C 107 7.57 33.48 -1.83
C LYS C 107 6.24 33.05 -1.24
N PHE C 108 5.30 33.98 -1.25
CA PHE C 108 3.96 33.75 -0.75
C PHE C 108 3.16 32.73 -1.55
N PHE C 109 3.33 32.73 -2.87
CA PHE C 109 2.52 31.90 -3.78
C PHE C 109 2.50 30.39 -3.58
N PRO C 110 3.65 29.77 -3.27
CA PRO C 110 3.58 28.32 -3.06
C PRO C 110 2.66 27.98 -1.88
N TYR C 111 2.74 28.75 -0.80
CA TYR C 111 1.91 28.55 0.37
C TYR C 111 0.53 29.19 0.18
N ILE C 112 0.44 30.20 -0.68
CA ILE C 112 -0.84 30.87 -0.89
C ILE C 112 -1.80 29.95 -1.65
N LEU C 113 -1.29 29.21 -2.63
CA LEU C 113 -2.16 28.26 -3.33
C LEU C 113 -2.63 27.16 -2.40
N LEU C 114 -1.75 26.64 -1.55
CA LEU C 114 -2.18 25.64 -0.58
C LEU C 114 -3.20 26.21 0.40
N LEU C 115 -3.03 27.48 0.77
CA LEU C 115 -3.99 28.12 1.65
C LEU C 115 -5.36 28.19 0.98
N PHE C 116 -5.38 28.54 -0.30
CA PHE C 116 -6.64 28.58 -1.03
C PHE C 116 -7.25 27.19 -1.14
N ALA C 117 -6.43 26.17 -1.37
CA ALA C 117 -6.94 24.82 -1.43
C ALA C 117 -7.57 24.41 -0.10
N ILE C 118 -6.91 24.73 1.00
CA ILE C 118 -7.44 24.38 2.31
C ILE C 118 -8.73 25.12 2.60
N LEU C 119 -8.75 26.43 2.38
CA LEU C 119 -9.97 27.20 2.62
C LEU C 119 -11.11 26.74 1.73
N LEU C 120 -10.80 26.26 0.52
CA LEU C 120 -11.86 25.77 -0.36
C LEU C 120 -12.31 24.37 0.07
N TYR C 121 -11.44 23.63 0.74
CA TYR C 121 -11.84 22.33 1.27
C TYR C 121 -12.63 22.46 2.56
N LEU C 122 -12.50 23.58 3.26
CA LEU C 122 -13.17 23.73 4.56
C LEU C 122 -14.70 23.67 4.48
N PRO C 123 -15.38 24.38 3.57
CA PRO C 123 -16.85 24.30 3.55
C PRO C 123 -17.37 22.90 3.23
N PRO C 124 -16.79 22.18 2.26
CA PRO C 124 -17.23 20.79 2.08
C PRO C 124 -16.99 19.93 3.29
N LEU C 125 -15.93 20.19 4.05
CA LEU C 125 -15.70 19.44 5.29
C LEU C 125 -16.76 19.75 6.33
N PHE C 126 -17.09 21.04 6.48
CA PHE C 126 -18.14 21.42 7.41
C PHE C 126 -19.47 20.79 7.02
N TRP C 127 -19.71 20.72 5.71
CA TRP C 127 -20.96 20.17 5.17
C TRP C 127 -21.11 18.69 5.52
N ARG C 128 -20.13 17.88 5.16
CA ARG C 128 -20.21 16.46 5.44
C ARG C 128 -20.27 16.21 6.94
N PHE C 129 -19.45 16.94 7.69
CA PHE C 129 -19.42 16.79 9.14
C PHE C 129 -20.72 17.17 9.84
N ALA C 130 -21.33 18.28 9.43
CA ALA C 130 -22.58 18.73 10.07
C ALA C 130 -23.85 18.59 9.22
N ALA C 131 -23.81 19.09 8.00
CA ALA C 131 -25.02 19.18 7.17
C ALA C 131 -25.62 17.83 6.76
N ALA C 132 -24.76 16.88 6.38
CA ALA C 132 -25.23 15.56 5.94
C ALA C 132 -25.97 14.80 7.03
N PRO C 133 -25.43 14.82 8.25
CA PRO C 133 -26.04 14.13 9.40
C PRO C 133 -27.50 14.53 9.59
N HIS C 134 -27.82 15.79 9.37
CA HIS C 134 -29.18 16.27 9.54
C HIS C 134 -30.04 15.93 8.34
N ILE C 135 -29.48 16.11 7.14
CA ILE C 135 -30.24 15.80 5.93
C ILE C 135 -30.24 14.29 5.69
N CYS C 136 -29.22 13.60 6.15
CA CYS C 136 -29.12 12.16 5.92
C CYS C 136 -30.19 11.41 6.69
N SER C 137 -30.35 11.73 7.98
CA SER C 137 -31.38 11.08 8.78
C SER C 137 -32.76 11.34 8.19
N ASP C 138 -33.05 12.61 7.86
CA ASP C 138 -34.35 12.95 7.30
C ASP C 138 -34.60 12.24 5.97
N LEU C 139 -33.58 12.18 5.12
CA LEU C 139 -33.77 11.56 3.81
C LEU C 139 -33.97 10.06 3.94
N LYS C 140 -33.20 9.42 4.83
CA LYS C 140 -33.39 8.00 5.06
C LYS C 140 -34.78 7.72 5.61
N PHE C 141 -35.26 8.57 6.52
CA PHE C 141 -36.61 8.40 7.03
C PHE C 141 -37.66 8.58 5.95
N ILE C 142 -37.47 9.56 5.07
CA ILE C 142 -38.43 9.80 3.99
C ILE C 142 -38.46 8.61 3.04
N MET C 143 -37.28 8.07 2.71
CA MET C 143 -37.25 6.91 1.82
C MET C 143 -37.91 5.70 2.47
N GLU C 144 -37.64 5.46 3.75
CA GLU C 144 -38.31 4.35 4.44
C GLU C 144 -39.82 4.54 4.47
N GLU C 145 -40.28 5.76 4.74
CA GLU C 145 -41.71 6.01 4.78
C GLU C 145 -42.34 5.84 3.40
N LEU C 146 -41.63 6.22 2.34
CA LEU C 146 -42.16 6.03 1.01
C LEU C 146 -42.25 4.56 0.65
N ASP C 147 -41.23 3.77 0.98
CA ASP C 147 -41.31 2.33 0.77
C ASP C 147 -42.47 1.73 1.55
N LYS C 148 -42.68 2.20 2.78
CA LYS C 148 -43.76 1.67 3.61
C LYS C 148 -45.12 2.00 3.03
N VAL C 149 -45.30 3.24 2.58
CA VAL C 149 -46.60 3.62 2.02
C VAL C 149 -46.85 2.87 0.72
N TYR C 150 -45.80 2.62 -0.06
CA TYR C 150 -45.96 1.82 -1.27
C TYR C 150 -46.39 0.39 -0.93
N ASN C 151 -45.72 -0.22 0.05
CA ASN C 151 -46.08 -1.57 0.47
C ASN C 151 -47.52 -1.62 0.95
N ARG C 152 -47.94 -0.63 1.75
CA ARG C 152 -49.29 -0.63 2.26
C ARG C 152 -50.31 -0.42 1.15
N ALA C 153 -49.98 0.41 0.17
CA ALA C 153 -50.89 0.64 -0.94
C ALA C 153 -51.08 -0.62 -1.76
N ILE C 154 -49.99 -1.35 -2.03
CA ILE C 154 -50.12 -2.56 -2.84
C ILE C 154 -50.78 -3.67 -2.02
N LYS C 155 -50.58 -3.67 -0.70
CA LYS C 155 -51.26 -4.64 0.14
C LYS C 155 -52.76 -4.39 0.16
N ALA C 156 -53.17 -3.13 0.25
CA ALA C 156 -54.58 -2.80 0.16
C ALA C 156 -55.13 -3.17 -1.22
N ALA C 157 -54.37 -2.91 -2.27
CA ALA C 157 -54.79 -3.28 -3.61
C ALA C 157 -54.84 -4.80 -3.77
N LYS C 158 -53.87 -5.51 -3.18
CA LYS C 158 -53.89 -6.96 -3.26
C LYS C 158 -55.08 -7.56 -2.52
N SER C 159 -55.42 -6.99 -1.36
CA SER C 159 -56.58 -7.46 -0.62
C SER C 159 -57.86 -7.19 -1.39
N ALA C 160 -57.90 -6.07 -2.13
CA ALA C 160 -59.06 -5.79 -2.97
C ALA C 160 -59.17 -6.78 -4.12
N ARG C 161 -58.03 -7.16 -4.69
CA ARG C 161 -58.04 -8.16 -5.76
C ARG C 161 -58.49 -9.52 -5.24
N ASP C 162 -58.25 -9.79 -3.97
CA ASP C 162 -58.67 -11.05 -3.35
C ASP C 162 -60.15 -11.01 -2.99
N PRO C 194 -50.99 10.80 6.08
CA PRO C 194 -49.85 11.18 5.24
C PRO C 194 -48.72 11.74 6.07
N ILE C 195 -47.95 10.85 6.70
CA ILE C 195 -46.92 11.32 7.63
C ILE C 195 -45.76 11.96 6.88
N VAL C 196 -45.35 11.39 5.75
CA VAL C 196 -44.23 11.95 5.01
C VAL C 196 -44.63 13.26 4.37
N GLU C 197 -45.88 13.37 3.92
CA GLU C 197 -46.37 14.63 3.36
C GLU C 197 -46.38 15.72 4.42
N GLN C 198 -46.80 15.38 5.63
CA GLN C 198 -46.79 16.37 6.71
C GLN C 198 -45.37 16.75 7.09
N TYR C 199 -44.45 15.77 7.07
CA TYR C 199 -43.05 16.07 7.38
C TYR C 199 -42.47 17.04 6.37
N LEU C 200 -42.75 16.83 5.08
CA LEU C 200 -42.26 17.73 4.05
C LEU C 200 -42.92 19.10 4.16
N LYS C 201 -44.22 19.13 4.49
CA LYS C 201 -44.89 20.40 4.75
C LYS C 201 -44.18 21.15 5.88
N THR C 202 -43.71 20.43 6.89
CA THR C 202 -42.96 21.07 7.96
C THR C 202 -41.62 21.59 7.46
N LYS C 203 -40.94 20.75 6.67
CA LYS C 203 -39.60 21.08 6.11
C LYS C 203 -39.66 22.46 5.44
N LYS C 204 -40.81 22.82 4.87
CA LYS C 204 -40.99 24.14 4.21
C LYS C 204 -40.85 25.27 5.23
N ASN C 205 -41.36 25.06 6.45
CA ASN C 205 -41.37 26.09 7.53
C ASN C 205 -39.95 26.49 7.96
N SER C 206 -39.02 25.54 8.06
CA SER C 206 -37.65 25.90 8.53
C SER C 206 -36.63 25.85 7.39
N ASN C 207 -35.96 26.99 7.13
CA ASN C 207 -34.94 27.09 6.06
C ASN C 207 -33.56 26.75 6.64
N ASN C 208 -33.50 26.50 7.95
CA ASN C 208 -32.21 26.46 8.69
C ASN C 208 -31.35 25.31 8.14
N LEU C 209 -31.96 24.17 7.84
CA LEU C 209 -31.23 23.01 7.29
C LEU C 209 -30.62 23.38 5.94
N ILE C 210 -31.38 24.11 5.11
CA ILE C 210 -30.90 24.53 3.76
C ILE C 210 -29.93 25.71 3.94
N ILE C 211 -30.03 26.44 5.05
CA ILE C 211 -29.17 27.58 5.32
C ILE C 211 -27.74 27.11 5.53
N LYS C 212 -27.56 25.93 6.13
CA LYS C 212 -26.23 25.35 6.20
C LYS C 212 -25.65 25.13 4.81
N TYR C 213 -26.47 24.59 3.90
CA TYR C 213 -26.01 24.30 2.55
C TYR C 213 -25.66 25.57 1.79
N ILE C 214 -26.56 26.56 1.78
CA ILE C 214 -26.28 27.77 1.05
C ILE C 214 -25.17 28.57 1.72
N SER C 215 -24.95 28.35 3.03
CA SER C 215 -23.85 29.03 3.68
C SER C 215 -22.51 28.42 3.28
N CYS C 216 -22.42 27.09 3.23
CA CYS C 216 -21.17 26.49 2.76
C CYS C 216 -20.92 26.83 1.30
N ARG C 217 -21.99 26.85 0.48
CA ARG C 217 -21.82 27.25 -0.91
C ARG C 217 -21.41 28.72 -1.03
N LEU C 218 -21.93 29.57 -0.16
CA LEU C 218 -21.60 30.98 -0.23
C LEU C 218 -20.17 31.24 0.21
N LEU C 219 -19.70 30.53 1.24
CA LEU C 219 -18.30 30.63 1.59
C LEU C 219 -17.40 30.07 0.50
N THR C 220 -17.82 29.00 -0.16
CA THR C 220 -17.06 28.50 -1.29
C THR C 220 -16.96 29.55 -2.39
N LEU C 221 -18.07 30.21 -2.69
CA LEU C 221 -18.06 31.25 -3.72
C LEU C 221 -17.20 32.43 -3.31
N ILE C 222 -17.28 32.83 -2.04
CA ILE C 222 -16.48 33.97 -1.58
C ILE C 222 -15.00 33.65 -1.65
N ILE C 223 -14.61 32.44 -1.24
CA ILE C 223 -13.20 32.07 -1.30
C ILE C 223 -12.74 31.93 -2.74
N ILE C 224 -13.61 31.42 -3.62
CA ILE C 224 -13.26 31.31 -5.02
C ILE C 224 -13.06 32.70 -5.63
N LEU C 225 -13.91 33.66 -5.25
CA LEU C 225 -13.76 35.00 -5.80
C LEU C 225 -12.52 35.68 -5.25
N LEU C 226 -12.21 35.46 -3.97
CA LEU C 226 -10.97 36.00 -3.42
C LEU C 226 -9.75 35.39 -4.09
N ALA C 227 -9.81 34.09 -4.39
CA ALA C 227 -8.73 33.45 -5.11
C ALA C 227 -8.61 33.99 -6.52
N CYS C 228 -9.73 34.23 -7.19
CA CYS C 228 -9.69 34.85 -8.51
C CYS C 228 -9.05 36.23 -8.44
N ILE C 229 -9.41 37.02 -7.43
CA ILE C 229 -8.83 38.35 -7.30
C ILE C 229 -7.33 38.26 -7.08
N TYR C 230 -6.91 37.38 -6.17
CA TYR C 230 -5.48 37.25 -5.90
C TYR C 230 -4.72 36.76 -7.13
N LEU C 231 -5.30 35.77 -7.80
CA LEU C 231 -4.70 35.16 -9.02
C LEU C 231 -4.52 36.23 -10.09
N GLY C 232 -5.51 37.10 -10.26
CA GLY C 232 -5.42 38.17 -11.28
C GLY C 232 -4.25 39.10 -11.00
N TYR C 233 -4.07 39.48 -9.73
CA TYR C 233 -2.93 40.36 -9.35
C TYR C 233 -1.62 39.61 -9.62
N TYR C 234 -1.60 38.31 -9.27
CA TYR C 234 -0.42 37.44 -9.48
C TYR C 234 -0.17 37.25 -10.98
N PHE C 235 -1.26 37.09 -11.75
CA PHE C 235 -1.16 36.84 -13.23
C PHE C 235 -0.49 38.03 -13.93
N SER C 236 -0.86 39.25 -13.57
CA SER C 236 -0.24 40.45 -14.22
C SER C 236 0.89 40.98 -13.34
N LEU C 237 2.14 40.62 -13.68
CA LEU C 237 3.32 41.08 -12.91
C LEU C 237 4.36 41.64 -13.89
N SER C 238 4.94 42.80 -13.57
CA SER C 238 5.98 43.40 -14.45
C SER C 238 7.15 42.42 -14.56
N SER C 239 7.03 41.28 -13.89
CA SER C 239 8.10 40.24 -13.88
C SER C 239 9.51 40.80 -13.75
N LEU C 240 9.61 42.10 -13.49
CA LEU C 240 10.90 42.74 -13.28
C LEU C 240 11.30 42.67 -11.80
N SER C 241 10.37 42.23 -10.97
CA SER C 241 10.57 42.10 -9.52
C SER C 241 11.66 41.09 -9.16
N ASP C 242 11.72 39.99 -9.90
CA ASP C 242 12.74 38.97 -9.66
C ASP C 242 14.11 39.49 -10.04
N GLU C 243 14.13 40.59 -10.79
CA GLU C 243 15.37 41.22 -11.24
C GLU C 243 15.85 42.31 -10.27
N PHE C 244 15.11 42.50 -9.19
CA PHE C 244 15.45 43.52 -8.20
C PHE C 244 16.83 43.26 -7.57
N VAL C 245 17.56 44.33 -7.35
CA VAL C 245 18.90 44.25 -6.77
C VAL C 245 18.90 43.86 -5.29
N CYS C 246 20.06 43.45 -4.80
CA CYS C 246 20.23 43.04 -3.41
C CYS C 246 21.64 43.40 -2.97
N SER C 247 21.76 43.83 -1.72
CA SER C 247 23.02 44.32 -1.19
C SER C 247 23.32 43.62 0.13
N ILE C 248 24.36 42.80 0.16
CA ILE C 248 24.76 42.15 1.40
C ILE C 248 25.76 43.05 2.11
N LYS C 249 25.26 44.10 2.76
CA LYS C 249 26.12 45.08 3.41
C LYS C 249 25.59 45.51 4.78
N SER C 250 24.90 44.62 5.48
CA SER C 250 24.56 44.87 6.86
C SER C 250 25.56 44.17 7.77
N GLY C 251 25.69 44.67 8.99
CA GLY C 251 26.63 44.09 9.92
C GLY C 251 28.06 44.46 9.57
N ILE C 252 28.98 43.54 9.85
CA ILE C 252 30.39 43.80 9.62
C ILE C 252 30.72 43.91 8.14
N LEU C 253 29.82 43.47 7.26
CA LEU C 253 30.07 43.58 5.83
C LEU C 253 29.81 44.98 5.32
N ARG C 254 29.28 45.85 6.18
CA ARG C 254 28.83 47.17 5.73
C ARG C 254 29.96 47.97 5.10
N ASN C 255 31.07 48.11 5.81
CA ASN C 255 32.17 48.91 5.27
C ASN C 255 33.23 48.04 4.60
N ASP C 256 32.94 46.74 4.43
CA ASP C 256 33.85 45.87 3.71
C ASP C 256 33.99 46.34 2.27
N SER C 257 35.16 46.08 1.68
CA SER C 257 35.47 46.59 0.35
C SER C 257 35.50 45.51 -0.72
N THR C 258 35.87 44.28 -0.38
CA THR C 258 35.96 43.22 -1.39
C THR C 258 34.58 42.86 -1.92
N VAL C 259 33.55 43.03 -1.11
CA VAL C 259 32.18 42.72 -1.51
C VAL C 259 31.61 43.89 -2.30
N PRO C 260 31.02 43.65 -3.46
CA PRO C 260 30.46 44.76 -4.25
C PRO C 260 29.25 45.37 -3.57
N ASP C 261 28.89 46.56 -4.04
CA ASP C 261 27.83 47.32 -3.38
C ASP C 261 26.48 46.62 -3.49
N GLN C 262 26.19 46.02 -4.64
CA GLN C 262 24.89 45.43 -4.88
C GLN C 262 24.99 44.30 -5.90
N PHE C 263 24.08 43.35 -5.78
CA PHE C 263 24.05 42.17 -6.64
C PHE C 263 22.75 42.17 -7.43
N GLN C 264 22.81 41.67 -8.66
CA GLN C 264 21.63 41.55 -9.50
C GLN C 264 21.06 40.16 -9.33
N CYS C 265 20.03 40.04 -8.50
CA CYS C 265 19.36 38.77 -8.28
C CYS C 265 18.11 38.67 -9.13
N LYS C 266 17.74 37.44 -9.47
CA LYS C 266 16.51 37.17 -10.21
C LYS C 266 15.80 35.99 -9.58
N LEU C 267 14.51 36.14 -9.36
CA LEU C 267 13.69 35.09 -8.75
C LEU C 267 13.38 33.96 -9.74
N ILE C 268 13.94 32.79 -9.45
CA ILE C 268 13.74 31.61 -10.30
C ILE C 268 12.31 31.07 -10.24
N ALA C 269 11.86 30.50 -11.35
CA ALA C 269 10.53 29.89 -11.48
C ALA C 269 9.35 30.79 -11.17
N VAL C 270 9.42 32.05 -11.57
CA VAL C 270 8.32 32.99 -11.35
C VAL C 270 7.35 32.86 -12.51
N GLY C 271 7.89 32.93 -13.72
CA GLY C 271 7.13 32.79 -14.94
C GLY C 271 6.21 31.59 -14.92
N ILE C 272 6.70 30.48 -14.37
CA ILE C 272 5.86 29.29 -14.20
C ILE C 272 4.73 29.60 -13.24
N PHE C 273 5.01 30.34 -12.17
CA PHE C 273 3.97 30.71 -11.23
C PHE C 273 2.88 31.52 -11.90
N GLN C 274 3.26 32.47 -12.76
CA GLN C 274 2.26 33.31 -13.41
C GLN C 274 1.47 32.52 -14.44
N LEU C 275 2.16 31.68 -15.22
CA LEU C 275 1.46 30.85 -16.19
C LEU C 275 0.50 29.88 -15.50
N LEU C 276 0.82 29.44 -14.29
CA LEU C 276 -0.11 28.55 -13.59
C LEU C 276 -1.20 29.34 -12.89
N SER C 277 -0.89 30.56 -12.48
CA SER C 277 -1.90 31.39 -11.83
C SER C 277 -2.99 31.80 -12.81
N VAL C 278 -2.60 32.03 -14.07
CA VAL C 278 -3.63 32.37 -15.05
C VAL C 278 -4.51 31.16 -15.36
N ILE C 279 -3.93 29.97 -15.33
CA ILE C 279 -4.73 28.75 -15.52
C ILE C 279 -5.71 28.59 -14.37
N ASN C 280 -5.21 28.73 -13.14
CA ASN C 280 -6.07 28.66 -11.98
C ASN C 280 -7.17 29.71 -12.02
N LEU C 281 -6.83 30.93 -12.45
CA LEU C 281 -7.84 31.99 -12.53
C LEU C 281 -8.90 31.68 -13.58
N VAL C 282 -8.48 31.13 -14.73
CA VAL C 282 -9.45 30.77 -15.77
C VAL C 282 -10.39 29.69 -15.25
N VAL C 283 -9.83 28.64 -14.66
CA VAL C 283 -10.67 27.56 -14.15
C VAL C 283 -11.59 28.08 -13.04
N TYR C 284 -11.11 29.02 -12.23
CA TYR C 284 -11.91 29.50 -11.13
C TYR C 284 -13.03 30.41 -11.60
N VAL C 285 -12.80 31.21 -12.64
CA VAL C 285 -13.86 32.06 -13.16
C VAL C 285 -14.82 31.24 -14.02
N LEU C 286 -14.40 30.04 -14.43
CA LEU C 286 -15.36 29.12 -15.01
C LEU C 286 -16.15 28.39 -13.94
N LEU C 287 -15.55 28.22 -12.76
CA LEU C 287 -16.20 27.49 -11.67
C LEU C 287 -17.19 28.36 -10.92
N ALA C 288 -16.89 29.66 -10.81
CA ALA C 288 -17.76 30.55 -10.05
C ALA C 288 -19.19 30.60 -10.54
N PRO C 289 -19.47 30.64 -11.85
CA PRO C 289 -20.88 30.55 -12.26
C PRO C 289 -21.54 29.26 -11.85
N VAL C 290 -20.79 28.16 -11.81
CA VAL C 290 -21.35 26.89 -11.37
C VAL C 290 -21.76 26.97 -9.92
N VAL C 291 -20.93 27.58 -9.07
CA VAL C 291 -21.29 27.73 -7.67
C VAL C 291 -22.48 28.66 -7.51
N VAL C 292 -22.51 29.75 -8.28
CA VAL C 292 -23.63 30.68 -8.19
C VAL C 292 -24.93 29.98 -8.58
N TYR C 293 -24.89 29.15 -9.62
CA TYR C 293 -26.07 28.40 -10.00
C TYR C 293 -26.46 27.40 -8.93
N THR C 294 -25.46 26.76 -8.34
CA THR C 294 -25.67 25.81 -7.27
C THR C 294 -26.07 26.56 -6.01
N LEU C 295 -25.69 27.83 -5.93
CA LEU C 295 -26.05 28.67 -4.80
C LEU C 295 -27.56 28.85 -4.74
N PHE C 296 -28.17 28.99 -5.92
CA PHE C 296 -29.63 29.15 -6.03
C PHE C 296 -30.30 27.77 -6.04
N VAL C 297 -30.64 27.28 -4.85
CA VAL C 297 -31.27 25.98 -4.67
C VAL C 297 -32.67 25.79 -5.28
N PRO C 298 -33.51 26.83 -5.18
CA PRO C 298 -34.90 26.75 -5.70
C PRO C 298 -35.01 26.50 -7.21
N PHE C 299 -34.14 27.13 -7.99
CA PHE C 299 -34.18 26.97 -9.44
C PHE C 299 -33.94 25.53 -9.91
N ARG C 300 -33.01 24.84 -9.26
CA ARG C 300 -32.66 23.48 -9.65
C ARG C 300 -33.71 22.40 -9.30
N GLN C 301 -34.71 22.77 -8.52
CA GLN C 301 -35.74 21.81 -8.13
C GLN C 301 -36.72 21.62 -9.27
N LYS C 302 -36.59 20.51 -9.99
CA LYS C 302 -37.40 20.27 -11.18
C LYS C 302 -37.71 18.78 -11.25
N THR C 303 -38.60 18.42 -12.17
CA THR C 303 -39.05 17.05 -12.35
C THR C 303 -39.56 16.48 -11.03
N ASP C 304 -40.66 17.05 -10.55
CA ASP C 304 -41.20 16.77 -9.22
C ASP C 304 -41.22 15.27 -8.94
N VAL C 305 -40.40 14.84 -7.99
CA VAL C 305 -40.11 13.42 -7.81
C VAL C 305 -41.29 12.73 -7.13
N LEU C 306 -41.95 13.43 -6.21
CA LEU C 306 -43.07 12.84 -5.50
C LEU C 306 -44.33 12.77 -6.36
N LYS C 307 -44.34 13.48 -7.49
CA LYS C 307 -45.51 13.44 -8.37
C LYS C 307 -45.79 12.02 -8.84
N VAL C 308 -44.77 11.17 -8.90
CA VAL C 308 -44.98 9.80 -9.31
C VAL C 308 -45.71 9.00 -8.24
N TYR C 309 -45.64 9.43 -6.99
CA TYR C 309 -46.32 8.74 -5.91
C TYR C 309 -47.79 9.11 -5.79
N GLU C 310 -48.26 10.09 -6.57
CA GLU C 310 -49.62 10.58 -6.40
C GLU C 310 -50.64 9.56 -6.90
N ILE C 311 -50.18 8.50 -7.54
CA ILE C 311 -51.09 7.51 -8.12
C ILE C 311 -51.34 6.38 -7.13
N LEU C 312 -50.95 6.59 -5.88
CA LEU C 312 -51.18 5.59 -4.85
C LEU C 312 -52.39 5.98 -4.01
N PRO C 313 -53.29 5.04 -3.70
CA PRO C 313 -54.42 5.40 -2.82
C PRO C 313 -53.99 5.75 -1.42
N THR C 314 -53.01 5.04 -0.87
CA THR C 314 -52.50 5.29 0.47
C THR C 314 -51.68 6.56 0.57
N PHE C 315 -51.57 7.31 -0.53
CA PHE C 315 -50.80 8.56 -0.56
C PHE C 315 -51.71 9.68 -1.03
N ASP C 316 -51.72 10.76 -0.26
CA ASP C 316 -52.57 11.91 -0.60
C ASP C 316 -52.13 12.50 -1.94
N VAL C 317 -53.10 13.09 -2.65
CA VAL C 317 -52.81 13.67 -3.96
C VAL C 317 -52.33 15.10 -3.75
N LEU C 318 -51.04 15.26 -3.46
CA LEU C 318 -50.45 16.57 -3.22
C LEU C 318 -48.94 16.48 -3.36
N HIS C 319 -48.39 17.24 -4.30
CA HIS C 319 -46.94 17.39 -4.38
C HIS C 319 -46.44 18.35 -3.30
N PHE C 320 -46.89 19.61 -3.37
CA PHE C 320 -46.60 20.62 -2.36
C PHE C 320 -45.10 20.76 -2.11
N LYS C 321 -44.34 20.89 -3.19
CA LYS C 321 -42.89 21.03 -3.07
C LYS C 321 -42.37 21.90 -4.19
N SER C 322 -42.26 23.21 -3.93
CA SER C 322 -41.77 24.18 -4.90
C SER C 322 -41.71 25.59 -4.31
N GLU C 323 -41.08 26.51 -5.03
CA GLU C 323 -41.18 27.95 -4.82
C GLU C 323 -40.77 28.42 -3.44
N GLY C 324 -39.51 28.29 -3.06
CA GLY C 324 -39.07 28.85 -1.80
C GLY C 324 -37.58 28.72 -1.57
N TYR C 325 -37.04 29.70 -0.85
CA TYR C 325 -35.69 29.64 -0.29
C TYR C 325 -35.80 28.97 1.08
N ASN C 326 -36.30 27.74 1.07
CA ASN C 326 -36.56 27.01 2.31
C ASN C 326 -36.02 25.60 2.16
N ASP C 327 -35.87 24.92 3.31
CA ASP C 327 -35.21 23.61 3.31
C ASP C 327 -35.96 22.60 2.45
N LEU C 328 -37.22 22.89 2.11
CA LEU C 328 -37.98 21.96 1.30
C LEU C 328 -37.37 21.81 -0.09
N SER C 329 -36.88 22.91 -0.67
CA SER C 329 -36.27 22.83 -2.00
C SER C 329 -34.98 22.04 -1.96
N LEU C 330 -34.18 22.24 -0.90
CA LEU C 330 -32.97 21.45 -0.74
C LEU C 330 -33.29 19.97 -0.60
N TYR C 331 -34.32 19.65 0.18
CA TYR C 331 -34.72 18.26 0.33
C TYR C 331 -35.25 17.71 -0.99
N ASN C 332 -35.88 18.56 -1.80
CA ASN C 332 -36.32 18.13 -3.12
C ASN C 332 -35.14 17.75 -3.99
N LEU C 333 -34.08 18.57 -3.96
CA LEU C 333 -32.88 18.24 -4.71
C LEU C 333 -32.26 16.92 -4.24
N PHE C 334 -32.13 16.77 -2.93
CA PHE C 334 -31.50 15.55 -2.41
C PHE C 334 -32.36 14.32 -2.66
N LEU C 335 -33.69 14.50 -2.67
CA LEU C 335 -34.57 13.40 -3.02
C LEU C 335 -34.46 13.05 -4.49
N GLU C 336 -34.40 14.06 -5.35
CA GLU C 336 -34.20 13.81 -6.77
C GLU C 336 -32.91 13.07 -7.02
N GLU C 337 -31.90 13.32 -6.19
CA GLU C 337 -30.63 12.62 -6.38
C GLU C 337 -30.71 11.18 -5.86
N ASN C 338 -31.09 11.01 -4.59
CA ASN C 338 -31.01 9.71 -3.93
C ASN C 338 -32.26 8.86 -4.13
N ILE C 339 -33.19 9.29 -4.97
CA ILE C 339 -34.47 8.60 -5.06
C ILE C 339 -34.35 7.36 -5.93
N SER C 340 -33.30 7.30 -6.76
CA SER C 340 -33.12 6.14 -7.62
C SER C 340 -32.82 4.89 -6.80
N GLU C 341 -32.31 5.07 -5.58
CA GLU C 341 -32.09 3.92 -4.70
C GLU C 341 -33.39 3.34 -4.20
N VAL C 342 -34.47 4.15 -4.22
CA VAL C 342 -35.75 3.70 -3.71
C VAL C 342 -36.43 2.82 -4.74
N LYS C 343 -36.63 1.55 -4.39
CA LYS C 343 -37.23 0.60 -5.31
C LYS C 343 -38.67 0.96 -5.65
N SER C 344 -39.45 1.36 -4.63
CA SER C 344 -40.81 1.76 -4.87
C SER C 344 -40.89 2.92 -5.85
N TYR C 345 -39.98 3.89 -5.74
CA TYR C 345 -39.94 4.96 -6.71
C TYR C 345 -39.65 4.43 -8.11
N LYS C 346 -38.75 3.46 -8.22
CA LYS C 346 -38.42 2.92 -9.53
C LYS C 346 -39.64 2.28 -10.18
N CYS C 347 -40.34 1.43 -9.43
CA CYS C 347 -41.53 0.78 -10.00
C CYS C 347 -42.62 1.80 -10.32
N LEU C 348 -42.82 2.78 -9.44
CA LEU C 348 -43.83 3.79 -9.71
C LEU C 348 -43.49 4.60 -10.95
N LYS C 349 -42.20 4.87 -11.18
CA LYS C 349 -41.82 5.61 -12.36
C LYS C 349 -42.00 4.74 -13.61
N VAL C 350 -41.76 3.45 -13.49
CA VAL C 350 -42.10 2.54 -14.58
C VAL C 350 -43.57 2.66 -14.94
N LEU C 351 -44.47 2.58 -13.95
CA LEU C 351 -45.89 2.73 -14.24
C LEU C 351 -46.22 4.09 -14.82
N GLU C 352 -45.57 5.15 -14.31
CA GLU C 352 -45.86 6.49 -14.79
C GLU C 352 -45.45 6.66 -16.25
N ASN C 353 -44.31 6.09 -16.63
CA ASN C 353 -43.87 6.18 -18.01
C ASN C 353 -44.80 5.39 -18.92
N ILE C 354 -45.24 4.22 -18.47
CA ILE C 354 -46.21 3.45 -19.24
C ILE C 354 -47.49 4.23 -19.41
N LYS C 355 -47.89 5.00 -18.39
CA LYS C 355 -49.10 5.79 -18.43
C LYS C 355 -49.07 6.84 -19.54
N SER C 356 -47.87 7.14 -20.06
CA SER C 356 -47.78 8.07 -21.19
C SER C 356 -48.55 7.55 -22.38
N SER C 357 -48.48 6.24 -22.64
CA SER C 357 -49.29 5.64 -23.69
C SER C 357 -50.75 5.58 -23.28
N GLY C 358 -51.01 5.32 -21.98
CA GLY C 358 -52.35 5.26 -21.48
C GLY C 358 -53.12 4.00 -21.84
N GLN C 359 -52.42 2.89 -22.10
CA GLN C 359 -53.11 1.68 -22.54
C GLN C 359 -53.98 1.10 -21.43
N GLY C 360 -53.37 0.73 -20.30
CA GLY C 360 -54.12 0.08 -19.24
C GLY C 360 -54.59 1.03 -18.15
N ILE C 361 -54.21 0.74 -16.91
CA ILE C 361 -54.63 1.54 -15.76
C ILE C 361 -53.59 1.41 -14.66
N ASP C 362 -53.49 2.45 -13.82
CA ASP C 362 -52.46 2.51 -12.79
C ASP C 362 -52.65 1.43 -11.72
N PRO C 363 -53.83 1.28 -11.10
CA PRO C 363 -53.94 0.26 -10.04
C PRO C 363 -53.80 -1.16 -10.56
N MET C 364 -54.30 -1.44 -11.77
CA MET C 364 -54.15 -2.78 -12.32
C MET C 364 -52.69 -3.12 -12.56
N LEU C 365 -51.94 -2.21 -13.19
CA LEU C 365 -50.52 -2.46 -13.42
C LEU C 365 -49.76 -2.53 -12.11
N LEU C 366 -50.18 -1.77 -11.10
CA LEU C 366 -49.53 -1.85 -9.80
C LEU C 366 -49.74 -3.21 -9.16
N LEU C 367 -50.99 -3.69 -9.19
CA LEU C 367 -51.31 -4.99 -8.62
C LEU C 367 -50.68 -6.10 -9.46
N THR C 368 -50.81 -5.98 -10.79
CA THR C 368 -50.25 -6.96 -11.70
C THR C 368 -48.73 -7.02 -11.60
N ASN C 369 -48.10 -5.86 -11.46
CA ASN C 369 -46.65 -5.77 -11.35
C ASN C 369 -46.13 -6.48 -10.11
N LEU C 370 -46.85 -6.33 -8.99
CA LEU C 370 -46.49 -6.94 -7.72
C LEU C 370 -45.03 -6.71 -7.36
N GLU D 31 -17.82 12.69 18.26
CA GLU D 31 -17.13 13.96 18.35
C GLU D 31 -17.98 15.00 17.63
N LEU D 32 -18.40 16.02 18.37
CA LEU D 32 -19.27 17.03 17.80
C LEU D 32 -18.59 17.70 16.60
N ALA D 33 -19.41 18.03 15.60
CA ALA D 33 -18.87 18.56 14.36
C ALA D 33 -17.98 19.77 14.60
N VAL D 34 -18.39 20.66 15.51
CA VAL D 34 -17.57 21.82 15.80
C VAL D 34 -16.28 21.40 16.50
N ASP D 35 -16.35 20.36 17.35
CA ASP D 35 -15.14 19.87 17.98
C ASP D 35 -14.23 19.16 16.98
N LYS D 36 -14.82 18.40 16.06
CA LYS D 36 -14.02 17.75 15.04
C LYS D 36 -13.32 18.78 14.16
N MET D 37 -14.01 19.86 13.79
CA MET D 37 -13.38 20.86 12.96
C MET D 37 -12.35 21.68 13.73
N VAL D 38 -12.59 21.96 15.01
CA VAL D 38 -11.59 22.65 15.81
C VAL D 38 -10.34 21.80 15.93
N THR D 39 -10.49 20.50 16.16
CA THR D 39 -9.33 19.62 16.22
C THR D 39 -8.61 19.59 14.88
N CYS D 40 -9.36 19.41 13.80
CA CYS D 40 -8.75 19.34 12.47
C CYS D 40 -7.94 20.59 12.18
N ILE D 41 -8.52 21.77 12.46
CA ILE D 41 -7.79 23.01 12.21
C ILE D 41 -6.57 23.10 13.13
N ALA D 42 -6.79 23.05 14.44
CA ALA D 42 -5.72 23.30 15.39
C ALA D 42 -4.58 22.30 15.25
N VAL D 43 -4.84 21.15 14.63
CA VAL D 43 -3.77 20.16 14.50
C VAL D 43 -3.15 20.22 13.11
N GLY D 44 -3.98 20.26 12.07
CA GLY D 44 -3.45 20.21 10.72
C GLY D 44 -2.82 21.51 10.26
N LEU D 45 -3.27 22.63 10.82
CA LEU D 45 -2.71 23.92 10.42
C LEU D 45 -1.24 24.03 10.80
N PRO D 46 -0.81 23.73 12.03
CA PRO D 46 0.64 23.74 12.29
C PRO D 46 1.39 22.73 11.46
N LEU D 47 0.80 21.57 11.18
CA LEU D 47 1.47 20.59 10.34
C LEU D 47 1.58 21.07 8.89
N LEU D 48 0.47 21.60 8.36
CA LEU D 48 0.52 22.13 7.01
C LEU D 48 1.51 23.27 6.90
N LEU D 49 1.59 24.12 7.92
CA LEU D 49 2.52 25.23 7.90
C LEU D 49 3.96 24.77 8.01
N ILE D 50 4.23 23.74 8.83
CA ILE D 50 5.55 23.15 8.83
C ILE D 50 5.91 22.64 7.45
N SER D 51 5.00 21.90 6.82
CA SER D 51 5.29 21.34 5.51
C SER D 51 5.48 22.43 4.46
N LEU D 52 4.77 23.56 4.60
CA LEU D 52 4.94 24.67 3.67
C LEU D 52 6.27 25.38 3.90
N ALA D 53 6.68 25.54 5.15
CA ALA D 53 7.89 26.31 5.45
C ALA D 53 9.12 25.70 4.80
N PHE D 54 9.01 24.44 4.40
CA PHE D 54 10.15 23.71 3.76
C PHE D 54 9.76 23.30 2.34
N ALA D 55 9.10 24.20 1.60
CA ALA D 55 8.66 23.91 0.22
C ALA D 55 9.90 23.73 -0.66
N GLN D 56 9.83 22.78 -1.61
CA GLN D 56 10.98 22.51 -2.52
C GLN D 56 11.14 23.69 -3.49
N GLU D 57 10.60 24.85 -3.12
CA GLU D 57 10.70 26.04 -3.97
C GLU D 57 10.77 27.32 -3.13
N ILE D 58 10.45 27.23 -1.84
CA ILE D 58 10.61 28.41 -0.99
C ILE D 58 11.97 28.37 -0.31
N SER D 59 12.50 27.18 -0.07
CA SER D 59 13.83 27.02 0.50
C SER D 59 14.86 27.26 -0.59
N ILE D 60 15.80 28.17 -0.34
CA ILE D 60 16.87 28.40 -1.29
C ILE D 60 17.96 27.35 -1.14
N GLY D 61 18.09 26.77 0.04
CA GLY D 61 19.15 25.82 0.32
C GLY D 61 19.30 25.56 1.79
N THR D 62 20.51 25.75 2.31
CA THR D 62 20.74 25.56 3.74
C THR D 62 19.93 26.55 4.54
N GLN D 63 19.81 26.27 5.85
CA GLN D 63 19.05 27.16 6.72
C GLN D 63 19.91 28.29 7.26
N ILE D 64 21.22 28.19 7.10
CA ILE D 64 22.15 29.20 7.60
C ILE D 64 23.25 29.40 6.56
N SER D 65 23.73 30.63 6.45
CA SER D 65 24.86 30.97 5.59
C SER D 65 25.70 32.00 6.32
N CYS D 66 27.02 31.87 6.23
CA CYS D 66 27.89 32.59 7.15
C CYS D 66 28.91 33.51 6.50
N PHE D 67 29.10 33.43 5.19
CA PHE D 67 30.05 34.31 4.50
C PHE D 67 31.45 34.25 5.08
N SER D 68 32.12 33.12 4.91
CA SER D 68 33.53 33.02 5.23
C SER D 68 34.33 33.91 4.28
N PRO D 69 35.58 34.22 4.62
CA PRO D 69 36.41 35.00 3.71
C PRO D 69 36.65 34.27 2.40
N SER D 70 37.18 35.01 1.42
CA SER D 70 37.43 34.43 0.11
C SER D 70 38.58 33.44 0.17
N SER D 71 39.52 33.64 1.11
CA SER D 71 40.66 32.73 1.21
C SER D 71 40.24 31.36 1.71
N PHE D 72 39.14 31.30 2.46
CA PHE D 72 38.67 30.03 2.99
C PHE D 72 38.31 29.08 1.86
N SER D 73 38.67 27.82 2.01
CA SER D 73 38.29 26.81 1.04
C SER D 73 36.81 26.49 1.17
N TRP D 74 36.32 25.65 0.26
CA TRP D 74 34.94 25.22 0.30
C TRP D 74 34.62 24.53 1.63
N ARG D 75 35.51 23.64 2.05
CA ARG D 75 35.24 22.87 3.26
C ARG D 75 35.40 23.71 4.51
N GLN D 76 36.30 24.70 4.48
CA GLN D 76 36.41 25.61 5.61
C GLN D 76 35.15 26.45 5.77
N ALA D 77 34.58 26.91 4.65
CA ALA D 77 33.32 27.63 4.71
C ALA D 77 32.19 26.73 5.19
N ALA D 78 32.18 25.49 4.75
CA ALA D 78 31.18 24.54 5.26
C ALA D 78 31.34 24.35 6.75
N PHE D 79 32.58 24.30 7.24
CA PHE D 79 32.80 24.19 8.67
C PHE D 79 32.27 25.40 9.39
N VAL D 80 32.50 26.60 8.85
CA VAL D 80 32.01 27.80 9.51
C VAL D 80 30.49 27.77 9.59
N ASP D 81 29.83 27.43 8.47
CA ASP D 81 28.38 27.35 8.46
C ASP D 81 27.88 26.38 9.52
N SER D 82 28.38 25.15 9.49
CA SER D 82 27.89 24.13 10.42
C SER D 82 28.22 24.48 11.87
N TYR D 83 29.40 25.05 12.09
CA TYR D 83 29.79 25.44 13.44
C TYR D 83 28.83 26.49 13.99
N CYS D 84 28.53 27.50 13.19
CA CYS D 84 27.66 28.56 13.69
C CYS D 84 26.23 28.05 13.87
N TRP D 85 25.79 27.16 12.97
CA TRP D 85 24.49 26.51 13.14
C TRP D 85 24.43 25.79 14.48
N ALA D 86 25.48 25.05 14.82
CA ALA D 86 25.49 24.36 16.10
C ALA D 86 25.78 25.31 17.25
N ALA D 87 26.28 26.50 16.93
CA ALA D 87 26.72 27.47 17.92
C ALA D 87 25.66 28.49 18.28
N VAL D 88 24.49 28.46 17.62
CA VAL D 88 23.39 29.29 18.11
C VAL D 88 23.02 28.90 19.54
N GLN D 89 23.39 27.68 19.95
CA GLN D 89 23.13 27.27 21.33
C GLN D 89 24.20 27.79 22.28
N GLN D 90 25.47 27.53 21.97
CA GLN D 90 26.57 27.95 22.83
C GLN D 90 26.62 29.48 22.85
N LYS D 91 26.22 30.07 23.97
CA LYS D 91 26.02 31.52 24.01
C LYS D 91 27.34 32.27 23.96
N ASN D 92 28.44 31.60 24.31
CA ASN D 92 29.73 32.29 24.35
C ASN D 92 30.24 32.59 22.94
N SER D 93 29.91 31.74 21.97
CA SER D 93 30.49 31.88 20.63
C SER D 93 29.85 33.03 19.86
N LEU D 94 28.53 33.13 19.89
CA LEU D 94 27.81 34.05 19.03
C LEU D 94 27.44 35.31 19.79
N GLN D 95 27.50 36.44 19.12
CA GLN D 95 27.09 37.73 19.66
C GLN D 95 26.00 38.30 18.76
N SER D 96 24.79 38.42 19.31
CA SER D 96 23.66 38.93 18.55
C SER D 96 23.05 40.12 19.29
N GLU D 97 22.61 41.11 18.52
CA GLU D 97 22.02 42.31 19.11
C GLU D 97 20.73 42.00 19.83
N SER D 98 19.89 41.13 19.27
CA SER D 98 18.60 40.83 19.89
C SER D 98 18.76 39.90 21.09
N GLY D 99 19.73 39.00 21.02
CA GLY D 99 19.96 38.03 22.07
C GLY D 99 20.02 36.61 21.54
N ASN D 100 20.31 35.69 22.47
CA ASN D 100 20.44 34.28 22.08
C ASN D 100 19.07 33.62 21.99
N LEU D 101 18.09 34.12 22.73
CA LEU D 101 16.74 33.56 22.66
C LEU D 101 16.13 33.65 21.28
N PRO D 102 16.22 34.77 20.55
CA PRO D 102 15.73 34.76 19.16
C PRO D 102 16.44 33.73 18.31
N LEU D 103 17.73 33.51 18.55
CA LEU D 103 18.46 32.52 17.76
C LEU D 103 17.93 31.12 18.03
N TRP D 104 17.74 30.78 19.31
CA TRP D 104 17.12 29.52 19.66
C TRP D 104 15.77 29.36 18.98
N LEU D 105 14.95 30.41 19.03
CA LEU D 105 13.61 30.32 18.46
C LEU D 105 13.67 30.18 16.94
N HIS D 106 14.67 30.78 16.30
CA HIS D 106 14.77 30.69 14.86
C HIS D 106 15.24 29.32 14.42
N LYS D 107 16.08 28.67 15.24
CA LYS D 107 16.57 27.33 14.91
C LYS D 107 15.63 26.19 15.32
N PHE D 108 14.78 26.43 16.31
CA PHE D 108 13.84 25.41 16.77
C PHE D 108 12.39 25.76 16.42
N PHE D 109 12.20 26.49 15.34
CA PHE D 109 10.86 26.91 14.91
C PHE D 109 9.90 25.78 14.53
N PRO D 110 10.39 24.77 13.80
CA PRO D 110 9.56 23.64 13.36
C PRO D 110 9.07 22.77 14.51
N TYR D 111 10.02 22.22 15.24
CA TYR D 111 9.79 21.37 16.41
C TYR D 111 8.74 21.97 17.32
N ILE D 112 8.74 23.28 17.49
CA ILE D 112 7.77 23.90 18.38
C ILE D 112 6.38 23.82 17.77
N LEU D 113 6.26 24.01 16.46
CA LEU D 113 4.95 23.86 15.83
C LEU D 113 4.46 22.42 15.91
N LEU D 114 5.34 21.45 15.71
CA LEU D 114 4.92 20.05 15.87
C LEU D 114 4.52 19.76 17.31
N LEU D 115 5.22 20.37 18.27
CA LEU D 115 4.85 20.19 19.67
C LEU D 115 3.46 20.74 19.92
N PHE D 116 3.15 21.90 19.36
CA PHE D 116 1.81 22.46 19.53
C PHE D 116 0.76 21.58 18.86
N ALA D 117 1.08 21.03 17.69
CA ALA D 117 0.15 20.13 17.02
C ALA D 117 -0.12 18.90 17.87
N ILE D 118 0.93 18.33 18.46
CA ILE D 118 0.76 17.14 19.30
C ILE D 118 -0.06 17.46 20.54
N LEU D 119 0.30 18.53 21.24
CA LEU D 119 -0.44 18.91 22.44
C LEU D 119 -1.89 19.23 22.12
N LEU D 120 -2.17 19.76 20.93
CA LEU D 120 -3.55 20.05 20.57
C LEU D 120 -4.28 18.79 20.15
N TYR D 121 -3.55 17.78 19.69
CA TYR D 121 -4.17 16.50 19.38
C TYR D 121 -4.42 15.66 20.63
N LEU D 122 -3.71 15.94 21.71
CA LEU D 122 -3.85 15.12 22.91
C LEU D 122 -5.24 15.14 23.53
N PRO D 123 -5.90 16.29 23.74
CA PRO D 123 -7.23 16.26 24.36
C PRO D 123 -8.25 15.53 23.51
N PRO D 124 -8.29 15.72 22.19
CA PRO D 124 -9.21 14.89 21.39
C PRO D 124 -8.91 13.41 21.50
N LEU D 125 -7.64 13.04 21.63
CA LEU D 125 -7.30 11.63 21.81
C LEU D 125 -7.80 11.11 23.15
N PHE D 126 -7.59 11.90 24.20
CA PHE D 126 -7.99 11.51 25.56
C PHE D 126 -9.50 11.35 25.75
N TRP D 127 -10.25 12.39 25.39
CA TRP D 127 -11.70 12.35 25.55
C TRP D 127 -12.33 11.24 24.71
N ARG D 128 -11.84 11.08 23.48
CA ARG D 128 -12.36 10.06 22.59
C ARG D 128 -12.15 8.66 23.14
N PHE D 129 -10.97 8.42 23.71
CA PHE D 129 -10.63 7.11 24.25
C PHE D 129 -11.50 6.64 25.42
N ALA D 130 -11.78 7.52 26.37
CA ALA D 130 -12.57 7.12 27.54
C ALA D 130 -13.98 7.69 27.65
N ALA D 131 -14.11 9.00 27.48
CA ALA D 131 -15.41 9.67 27.60
C ALA D 131 -16.45 9.25 26.56
N ALA D 132 -16.03 9.09 25.32
CA ALA D 132 -16.93 8.73 24.23
C ALA D 132 -17.85 7.53 24.51
N PRO D 133 -17.25 6.36 24.81
CA PRO D 133 -18.07 5.16 25.05
C PRO D 133 -19.07 5.34 26.17
N HIS D 134 -18.70 6.06 27.23
CA HIS D 134 -19.62 6.29 28.34
C HIS D 134 -20.88 6.99 27.85
N ILE D 135 -20.73 7.99 26.98
CA ILE D 135 -21.90 8.70 26.48
C ILE D 135 -22.57 7.88 25.39
N CYS D 136 -21.83 7.02 24.70
CA CYS D 136 -22.40 6.24 23.61
C CYS D 136 -23.38 5.19 24.15
N SER D 137 -22.96 4.46 25.18
CA SER D 137 -23.84 3.46 25.77
C SER D 137 -25.11 4.13 26.31
N ASP D 138 -24.96 5.22 27.06
CA ASP D 138 -26.12 5.91 27.62
C ASP D 138 -27.04 6.43 26.53
N LEU D 139 -26.48 6.99 25.46
CA LEU D 139 -27.31 7.55 24.41
C LEU D 139 -28.04 6.46 23.65
N LYS D 140 -27.36 5.35 23.38
CA LYS D 140 -28.02 4.24 22.72
C LYS D 140 -29.15 3.69 23.58
N PHE D 141 -28.92 3.60 24.89
CA PHE D 141 -29.97 3.14 25.79
C PHE D 141 -31.15 4.11 25.80
N ILE D 142 -30.87 5.41 25.81
CA ILE D 142 -31.95 6.40 25.83
C ILE D 142 -32.76 6.32 24.55
N MET D 143 -32.08 6.17 23.41
CA MET D 143 -32.80 6.05 22.14
C MET D 143 -33.65 4.78 22.10
N GLU D 144 -33.11 3.66 22.57
CA GLU D 144 -33.89 2.43 22.63
C GLU D 144 -35.10 2.58 23.54
N GLU D 145 -34.91 3.20 24.70
CA GLU D 145 -36.03 3.39 25.62
C GLU D 145 -37.08 4.33 25.03
N LEU D 146 -36.65 5.34 24.28
CA LEU D 146 -37.63 6.23 23.66
C LEU D 146 -38.42 5.51 22.58
N ASP D 147 -37.75 4.71 21.76
CA ASP D 147 -38.47 3.91 20.77
C ASP D 147 -39.45 2.96 21.45
N LYS D 148 -39.04 2.38 22.57
CA LYS D 148 -39.90 1.43 23.28
C LYS D 148 -41.12 2.13 23.85
N VAL D 149 -40.93 3.30 24.46
CA VAL D 149 -42.06 4.02 25.05
C VAL D 149 -43.01 4.48 23.95
N TYR D 150 -42.47 4.86 22.79
CA TYR D 150 -43.32 5.23 21.66
C TYR D 150 -44.15 4.04 21.19
N ASN D 151 -43.50 2.88 21.03
CA ASN D 151 -44.22 1.68 20.62
C ASN D 151 -45.32 1.34 21.62
N ARG D 152 -45.02 1.42 22.92
CA ARG D 152 -46.01 1.08 23.93
C ARG D 152 -47.16 2.08 23.93
N ALA D 153 -46.85 3.36 23.71
CA ALA D 153 -47.91 4.36 23.67
C ALA D 153 -48.84 4.14 22.49
N ILE D 154 -48.29 3.82 21.33
CA ILE D 154 -49.15 3.61 20.17
C ILE D 154 -49.89 2.28 20.28
N LYS D 155 -49.30 1.30 20.96
CA LYS D 155 -50.00 0.04 21.19
C LYS D 155 -51.18 0.23 22.13
N ALA D 156 -50.99 1.04 23.18
CA ALA D 156 -52.09 1.37 24.07
C ALA D 156 -53.16 2.17 23.33
N ALA D 157 -52.74 3.10 22.47
CA ALA D 157 -53.70 3.86 21.68
C ALA D 157 -54.40 2.97 20.66
N LYS D 158 -53.67 2.02 20.06
CA LYS D 158 -54.29 1.11 19.10
C LYS D 158 -55.31 0.21 19.78
N SER D 159 -54.99 -0.28 20.99
CA SER D 159 -55.94 -1.10 21.73
C SER D 159 -57.17 -0.29 22.11
N ALA D 160 -57.00 1.00 22.40
CA ALA D 160 -58.14 1.85 22.69
C ALA D 160 -59.00 2.05 21.46
N ARG D 161 -58.38 2.18 20.28
CA ARG D 161 -59.14 2.31 19.05
C ARG D 161 -59.90 1.03 18.73
N ASP D 162 -59.40 -0.11 19.19
CA ASP D 162 -60.07 -1.39 18.97
C ASP D 162 -61.19 -1.59 19.98
N PHE D 191 -46.79 -1.64 35.46
CA PHE D 191 -45.57 -0.99 34.98
C PHE D 191 -45.77 0.53 34.85
N LYS D 192 -45.62 1.03 33.62
CA LYS D 192 -45.79 2.46 33.34
C LYS D 192 -44.86 3.31 34.19
N TYR D 193 -43.56 3.04 34.11
CA TYR D 193 -42.56 3.76 34.87
C TYR D 193 -41.73 4.63 33.93
N PRO D 194 -41.61 5.93 34.18
CA PRO D 194 -40.75 6.77 33.33
C PRO D 194 -39.28 6.49 33.59
N ILE D 195 -38.77 5.40 33.00
CA ILE D 195 -37.41 4.99 33.30
C ILE D 195 -36.40 5.94 32.66
N VAL D 196 -36.65 6.37 31.43
CA VAL D 196 -35.70 7.27 30.77
C VAL D 196 -35.72 8.64 31.42
N GLU D 197 -36.90 9.08 31.88
CA GLU D 197 -36.98 10.35 32.58
C GLU D 197 -36.21 10.30 33.89
N GLN D 198 -36.31 9.18 34.61
CA GLN D 198 -35.56 9.04 35.85
C GLN D 198 -34.06 8.95 35.57
N TYR D 199 -33.67 8.30 34.48
CA TYR D 199 -32.26 8.23 34.12
C TYR D 199 -31.70 9.61 33.83
N LEU D 200 -32.45 10.42 33.10
CA LEU D 200 -32.00 11.78 32.81
C LEU D 200 -31.97 12.64 34.07
N LYS D 201 -32.96 12.45 34.95
CA LYS D 201 -32.94 13.12 36.24
C LYS D 201 -31.67 12.77 37.01
N THR D 202 -31.23 11.51 36.90
CA THR D 202 -29.98 11.12 37.54
C THR D 202 -28.79 11.79 36.88
N LYS D 203 -28.79 11.79 35.54
CA LYS D 203 -27.68 12.39 34.73
C LYS D 203 -27.40 13.81 35.23
N LYS D 204 -28.43 14.52 35.70
CA LYS D 204 -28.29 15.90 36.22
C LYS D 204 -27.39 15.91 37.46
N ASN D 205 -27.53 14.89 38.31
CA ASN D 205 -26.78 14.78 39.59
C ASN D 205 -25.27 14.71 39.39
N SER D 206 -24.79 13.97 38.38
CA SER D 206 -23.32 13.84 38.19
C SER D 206 -22.83 14.64 36.98
N ASN D 207 -21.90 15.57 37.19
CA ASN D 207 -21.33 16.42 36.12
C ASN D 207 -20.09 15.72 35.54
N ASN D 208 -19.70 14.58 36.11
CA ASN D 208 -18.35 13.99 35.88
C ASN D 208 -18.20 13.64 34.40
N LEU D 209 -19.26 13.09 33.79
CA LEU D 209 -19.22 12.71 32.35
C LEU D 209 -18.99 13.96 31.50
N ILE D 210 -19.65 15.07 31.87
CA ILE D 210 -19.51 16.35 31.11
C ILE D 210 -18.20 17.04 31.52
N ILE D 211 -17.72 16.77 32.75
CA ILE D 211 -16.48 17.37 33.23
C ILE D 211 -15.30 16.87 32.41
N LYS D 212 -15.36 15.62 31.95
CA LYS D 212 -14.34 15.16 31.00
C LYS D 212 -14.35 16.00 29.73
N TYR D 213 -15.54 16.29 29.21
CA TYR D 213 -15.66 17.06 27.98
C TYR D 213 -15.17 18.48 28.15
N ILE D 214 -15.63 19.18 29.20
CA ILE D 214 -15.21 20.56 29.38
C ILE D 214 -13.75 20.61 29.79
N SER D 215 -13.21 19.51 30.35
CA SER D 215 -11.79 19.50 30.68
C SER D 215 -10.94 19.37 29.42
N CYS D 216 -11.32 18.48 28.51
CA CYS D 216 -10.57 18.38 27.27
C CYS D 216 -10.70 19.67 26.46
N ARG D 217 -11.89 20.28 26.45
CA ARG D 217 -12.05 21.56 25.77
C ARG D 217 -11.24 22.66 26.44
N LEU D 218 -11.13 22.63 27.77
CA LEU D 218 -10.39 23.66 28.46
C LEU D 218 -8.89 23.51 28.23
N LEU D 219 -8.39 22.28 28.20
CA LEU D 219 -6.99 22.08 27.83
C LEU D 219 -6.74 22.48 26.40
N THR D 220 -7.68 22.20 25.50
CA THR D 220 -7.54 22.67 24.12
C THR D 220 -7.45 24.18 24.06
N LEU D 221 -8.30 24.87 24.82
CA LEU D 221 -8.27 26.33 24.84
C LEU D 221 -6.97 26.85 25.44
N ILE D 222 -6.50 26.22 26.51
CA ILE D 222 -5.27 26.66 27.16
C ILE D 222 -4.09 26.49 26.22
N ILE D 223 -4.02 25.36 25.52
CA ILE D 223 -2.91 25.13 24.60
C ILE D 223 -3.01 26.06 23.40
N ILE D 224 -4.23 26.34 22.95
CA ILE D 224 -4.39 27.28 21.84
C ILE D 224 -3.95 28.67 22.26
N LEU D 225 -4.26 29.08 23.50
CA LEU D 225 -3.85 30.39 23.95
C LEU D 225 -2.34 30.47 24.14
N LEU D 226 -1.74 29.39 24.64
CA LEU D 226 -0.28 29.37 24.77
C LEU D 226 0.37 29.41 23.39
N ALA D 227 -0.22 28.73 22.41
CA ALA D 227 0.31 28.79 21.06
C ALA D 227 0.16 30.18 20.47
N CYS D 228 -0.98 30.83 20.73
CA CYS D 228 -1.15 32.22 20.29
C CYS D 228 -0.09 33.12 20.91
N ILE D 229 0.18 32.94 22.20
CA ILE D 229 1.18 33.78 22.86
C ILE D 229 2.55 33.53 22.24
N TYR D 230 2.92 32.28 22.05
CA TYR D 230 4.23 31.98 21.47
C TYR D 230 4.34 32.51 20.06
N LEU D 231 3.31 32.34 19.25
CA LEU D 231 3.37 32.78 17.86
C LEU D 231 3.38 34.29 17.75
N GLY D 232 2.64 34.96 18.62
CA GLY D 232 2.68 36.41 18.64
C GLY D 232 4.02 36.94 19.08
N TYR D 233 4.64 36.25 20.04
CA TYR D 233 5.96 36.65 20.52
C TYR D 233 6.98 36.37 19.42
N TYR D 234 6.98 35.13 18.96
CA TYR D 234 7.89 34.70 17.90
C TYR D 234 7.60 35.47 16.60
N PHE D 235 6.32 35.68 16.32
CA PHE D 235 5.91 36.38 15.12
C PHE D 235 6.42 37.82 15.12
N SER D 236 6.37 38.46 16.28
CA SER D 236 6.83 39.83 16.41
C SER D 236 8.34 39.84 16.65
N LEU D 237 9.09 39.59 15.59
CA LEU D 237 10.54 39.54 15.69
C LEU D 237 11.22 40.84 15.28
N SER D 238 12.49 40.96 15.67
CA SER D 238 13.32 42.11 15.36
C SER D 238 13.55 42.29 13.86
N SER D 239 13.66 41.14 13.18
CA SER D 239 13.92 40.99 11.72
C SER D 239 15.37 41.33 11.35
N LEU D 240 16.24 41.28 12.35
CA LEU D 240 17.66 41.53 12.21
C LEU D 240 18.32 40.42 13.02
N SER D 241 17.52 39.78 13.88
CA SER D 241 17.98 38.69 14.72
C SER D 241 18.52 37.56 13.86
N ASP D 242 17.82 37.30 12.74
CA ASP D 242 18.22 36.27 11.80
C ASP D 242 19.67 36.45 11.41
N GLU D 243 20.22 37.62 11.77
CA GLU D 243 21.62 37.89 11.48
C GLU D 243 22.37 37.95 12.80
N PHE D 244 23.29 37.01 12.98
CA PHE D 244 24.06 36.96 14.21
C PHE D 244 25.53 36.82 13.85
N VAL D 245 26.38 37.40 14.67
CA VAL D 245 27.81 37.33 14.49
C VAL D 245 28.31 36.10 15.22
N CYS D 246 29.10 35.28 14.53
CA CYS D 246 29.55 33.99 15.03
C CYS D 246 31.07 33.92 14.94
N SER D 247 31.70 33.31 15.93
CA SER D 247 33.14 33.27 16.03
C SER D 247 33.59 31.83 16.26
N ILE D 248 34.28 31.25 15.28
CA ILE D 248 34.81 29.91 15.47
C ILE D 248 36.21 30.02 16.05
N LYS D 249 36.28 30.26 17.36
CA LYS D 249 37.56 30.48 18.02
C LYS D 249 37.63 29.78 19.38
N SER D 250 36.95 28.66 19.53
CA SER D 250 37.14 27.83 20.71
C SER D 250 38.10 26.69 20.37
N GLY D 251 38.74 26.15 21.41
CA GLY D 251 39.69 25.08 21.19
C GLY D 251 40.98 25.60 20.58
N ILE D 252 41.60 24.76 19.76
CA ILE D 252 42.88 25.12 19.16
C ILE D 252 42.76 26.26 18.17
N LEU D 253 41.54 26.59 17.74
CA LEU D 253 41.38 27.70 16.80
C LEU D 253 41.43 29.04 17.52
N ARG D 254 41.49 29.01 18.86
CA ARG D 254 41.36 30.24 19.64
C ARG D 254 42.43 31.25 19.26
N ASN D 255 43.70 30.84 19.31
CA ASN D 255 44.77 31.79 19.02
C ASN D 255 45.25 31.68 17.58
N ASP D 256 44.53 30.90 16.75
CA ASP D 256 44.85 30.82 15.34
C ASP D 256 44.68 32.20 14.69
N SER D 257 45.47 32.44 13.65
CA SER D 257 45.50 33.76 13.02
C SER D 257 44.88 33.79 11.63
N THR D 258 44.92 32.69 10.88
CA THR D 258 44.37 32.71 9.54
C THR D 258 42.84 32.83 9.56
N VAL D 259 42.22 32.36 10.63
CA VAL D 259 40.76 32.42 10.78
C VAL D 259 40.38 33.80 11.31
N PRO D 260 39.42 34.49 10.69
CA PRO D 260 39.04 35.81 11.16
C PRO D 260 38.34 35.73 12.51
N ASP D 261 38.25 36.89 13.16
CA ASP D 261 37.74 36.94 14.52
C ASP D 261 36.27 36.54 14.59
N GLN D 262 35.48 36.95 13.61
CA GLN D 262 34.05 36.71 13.65
C GLN D 262 33.48 36.67 12.25
N PHE D 263 32.39 35.93 12.10
CA PHE D 263 31.72 35.74 10.81
C PHE D 263 30.32 36.30 10.88
N GLN D 264 29.85 36.85 9.77
CA GLN D 264 28.49 37.38 9.69
C GLN D 264 27.59 36.28 9.14
N CYS D 265 26.88 35.61 10.02
CA CYS D 265 25.95 34.56 9.63
C CYS D 265 24.53 35.10 9.58
N LYS D 266 23.70 34.52 8.73
CA LYS D 266 22.29 34.85 8.62
C LYS D 266 21.48 33.58 8.56
N LEU D 267 20.41 33.53 9.36
CA LEU D 267 19.52 32.37 9.36
C LEU D 267 18.49 32.58 8.25
N ILE D 268 18.71 31.87 7.14
CA ILE D 268 17.81 31.94 5.99
C ILE D 268 16.47 31.27 6.28
N ALA D 269 15.46 31.68 5.52
CA ALA D 269 14.08 31.19 5.63
C ALA D 269 13.48 31.36 7.03
N VAL D 270 13.81 32.48 7.67
CA VAL D 270 13.27 32.81 8.99
C VAL D 270 12.00 33.58 8.67
N GLY D 271 12.15 34.49 7.71
CA GLY D 271 11.04 35.29 7.22
C GLY D 271 9.83 34.45 6.89
N ILE D 272 10.06 33.28 6.30
CA ILE D 272 8.97 32.33 6.05
C ILE D 272 8.36 31.86 7.36
N PHE D 273 9.21 31.61 8.36
CA PHE D 273 8.71 31.19 9.66
C PHE D 273 7.80 32.26 10.27
N GLN D 274 8.19 33.52 10.16
CA GLN D 274 7.38 34.58 10.75
C GLN D 274 6.09 34.78 9.97
N LEU D 275 6.16 34.74 8.64
CA LEU D 275 4.96 34.87 7.84
C LEU D 275 3.99 33.72 8.09
N LEU D 276 4.51 32.53 8.41
CA LEU D 276 3.63 31.42 8.70
C LEU D 276 3.13 31.48 10.15
N SER D 277 3.94 32.03 11.04
CA SER D 277 3.54 32.13 12.43
C SER D 277 2.41 33.14 12.59
N VAL D 278 2.42 34.20 11.78
CA VAL D 278 1.32 35.15 11.86
C VAL D 278 0.04 34.54 11.31
N ILE D 279 0.15 33.68 10.30
CA ILE D 279 -1.02 32.98 9.79
C ILE D 279 -1.58 32.05 10.85
N ASN D 280 -0.70 31.27 11.47
CA ASN D 280 -1.12 30.37 12.55
C ASN D 280 -1.76 31.15 13.69
N LEU D 281 -1.19 32.30 14.04
CA LEU D 281 -1.74 33.11 15.12
C LEU D 281 -3.12 33.66 14.76
N VAL D 282 -3.30 34.10 13.53
CA VAL D 282 -4.60 34.60 13.10
C VAL D 282 -5.64 33.48 13.16
N VAL D 283 -5.31 32.32 12.60
CA VAL D 283 -6.26 31.22 12.62
C VAL D 283 -6.55 30.78 14.05
N TYR D 284 -5.55 30.86 14.93
CA TYR D 284 -5.75 30.39 16.30
C TYR D 284 -6.58 31.38 17.10
N VAL D 285 -6.44 32.67 16.85
CA VAL D 285 -7.27 33.65 17.57
C VAL D 285 -8.66 33.70 16.96
N LEU D 286 -8.82 33.17 15.75
CA LEU D 286 -10.17 32.95 15.24
C LEU D 286 -10.77 31.68 15.83
N LEU D 287 -9.92 30.70 16.15
CA LEU D 287 -10.40 29.42 16.66
C LEU D 287 -10.74 29.49 18.15
N ALA D 288 -10.01 30.32 18.90
CA ALA D 288 -10.22 30.39 20.33
C ALA D 288 -11.65 30.79 20.72
N PRO D 289 -12.30 31.76 20.08
CA PRO D 289 -13.70 32.01 20.42
C PRO D 289 -14.60 30.82 20.16
N VAL D 290 -14.29 30.02 19.13
CA VAL D 290 -15.08 28.82 18.86
C VAL D 290 -14.95 27.83 20.01
N VAL D 291 -13.74 27.65 20.52
CA VAL D 291 -13.55 26.74 21.64
C VAL D 291 -14.24 27.28 22.88
N VAL D 292 -14.16 28.59 23.11
CA VAL D 292 -14.81 29.19 24.27
C VAL D 292 -16.32 28.98 24.20
N TYR D 293 -16.89 29.16 23.01
CA TYR D 293 -18.32 28.92 22.85
C TYR D 293 -18.66 27.45 23.06
N THR D 294 -17.80 26.59 22.54
CA THR D 294 -17.98 25.15 22.68
C THR D 294 -17.70 24.76 24.13
N LEU D 295 -16.88 25.58 24.79
CA LEU D 295 -16.55 25.33 26.20
C LEU D 295 -17.80 25.46 27.06
N PHE D 296 -18.64 26.43 26.73
CA PHE D 296 -19.89 26.66 27.46
C PHE D 296 -21.00 25.76 26.92
N VAL D 297 -21.12 24.57 27.51
CA VAL D 297 -22.13 23.59 27.11
C VAL D 297 -23.58 24.03 27.31
N PRO D 298 -23.88 24.69 28.45
CA PRO D 298 -25.24 25.12 28.75
C PRO D 298 -25.80 26.12 27.74
N PHE D 299 -24.98 27.06 27.30
CA PHE D 299 -25.42 28.06 26.33
C PHE D 299 -25.82 27.44 25.00
N ARG D 300 -25.06 26.44 24.57
CA ARG D 300 -25.31 25.76 23.29
C ARG D 300 -26.65 25.04 23.21
N GLN D 301 -27.06 24.38 24.29
CA GLN D 301 -28.31 23.64 24.30
C GLN D 301 -29.55 24.52 24.09
N LYS D 302 -30.48 24.02 23.26
CA LYS D 302 -31.73 24.70 22.95
C LYS D 302 -32.64 23.73 22.20
N THR D 303 -33.86 24.19 21.87
CA THR D 303 -34.85 23.41 21.14
C THR D 303 -35.09 22.07 21.82
N ASP D 304 -35.65 22.13 23.03
CA ASP D 304 -35.78 20.97 23.90
C ASP D 304 -36.32 19.77 23.14
N VAL D 305 -35.49 18.75 23.00
CA VAL D 305 -35.75 17.65 22.08
C VAL D 305 -36.82 16.72 22.65
N LEU D 306 -36.80 16.53 23.97
CA LEU D 306 -37.78 15.64 24.60
C LEU D 306 -39.15 16.28 24.70
N LYS D 307 -39.25 17.60 24.48
CA LYS D 307 -40.54 18.26 24.55
C LYS D 307 -41.51 17.66 23.53
N VAL D 308 -40.99 17.11 22.43
CA VAL D 308 -41.86 16.51 21.45
C VAL D 308 -42.46 15.21 21.94
N TYR D 309 -41.83 14.56 22.92
CA TYR D 309 -42.34 13.31 23.47
C TYR D 309 -43.40 13.53 24.54
N GLU D 310 -43.66 14.78 24.93
CA GLU D 310 -44.58 15.01 26.04
C GLU D 310 -46.03 14.74 25.64
N ILE D 311 -46.28 14.49 24.36
CA ILE D 311 -47.63 14.30 23.87
C ILE D 311 -47.98 12.82 23.88
N LEU D 312 -47.16 12.00 24.54
CA LEU D 312 -47.42 10.58 24.63
C LEU D 312 -48.02 10.26 26.00
N PRO D 313 -49.07 9.43 26.05
CA PRO D 313 -49.61 9.06 27.37
C PRO D 313 -48.64 8.23 28.19
N THR D 314 -47.91 7.31 27.56
CA THR D 314 -46.95 6.47 28.24
C THR D 314 -45.69 7.22 28.65
N PHE D 315 -45.66 8.54 28.45
CA PHE D 315 -44.51 9.37 28.79
C PHE D 315 -44.97 10.49 29.69
N ASP D 316 -44.30 10.65 30.83
CA ASP D 316 -44.68 11.69 31.78
C ASP D 316 -44.51 13.06 31.15
N VAL D 317 -45.32 14.02 31.59
CA VAL D 317 -45.27 15.37 31.05
C VAL D 317 -44.21 16.15 31.82
N LEU D 318 -42.95 16.01 31.41
CA LEU D 318 -41.83 16.67 32.07
C LEU D 318 -40.63 16.67 31.15
N HIS D 319 -40.15 17.86 30.79
CA HIS D 319 -38.88 17.96 30.09
C HIS D 319 -37.71 17.80 31.06
N PHE D 320 -37.61 18.71 32.04
CA PHE D 320 -36.62 18.61 33.12
C PHE D 320 -35.20 18.48 32.58
N LYS D 321 -34.84 19.33 31.63
CA LYS D 321 -33.51 19.30 31.05
C LYS D 321 -33.08 20.70 30.65
N SER D 322 -32.38 21.37 31.58
CA SER D 322 -31.88 22.73 31.37
C SER D 322 -31.07 23.22 32.56
N GLU D 323 -30.39 24.35 32.38
CA GLU D 323 -29.83 25.17 33.46
C GLU D 323 -28.84 24.43 34.35
N GLY D 324 -27.68 24.02 33.83
CA GLY D 324 -26.67 23.45 34.69
C GLY D 324 -25.38 23.15 33.98
N TYR D 325 -24.29 23.24 34.73
CA TYR D 325 -22.98 22.74 34.32
C TYR D 325 -22.91 21.28 34.76
N ASN D 326 -23.83 20.47 34.26
CA ASN D 326 -23.94 19.08 34.64
C ASN D 326 -24.09 18.23 33.40
N ASP D 327 -23.88 16.92 33.56
CA ASP D 327 -23.84 16.02 32.41
C ASP D 327 -25.16 16.01 31.66
N LEU D 328 -26.23 16.50 32.29
CA LEU D 328 -27.52 16.51 31.62
C LEU D 328 -27.52 17.43 30.41
N SER D 329 -26.84 18.58 30.50
CA SER D 329 -26.77 19.49 29.37
C SER D 329 -25.98 18.88 28.22
N LEU D 330 -24.88 18.21 28.55
CA LEU D 330 -24.10 17.52 27.53
C LEU D 330 -24.93 16.44 26.86
N TYR D 331 -25.69 15.68 27.65
CA TYR D 331 -26.55 14.66 27.06
C TYR D 331 -27.65 15.29 26.22
N ASN D 332 -28.11 16.48 26.61
CA ASN D 332 -29.09 17.19 25.79
C ASN D 332 -28.50 17.54 24.44
N LEU D 333 -27.27 18.03 24.42
CA LEU D 333 -26.62 18.32 23.14
C LEU D 333 -26.48 17.08 22.29
N PHE D 334 -25.99 15.99 22.88
CA PHE D 334 -25.78 14.78 22.10
C PHE D 334 -27.09 14.18 21.64
N LEU D 335 -28.15 14.34 22.42
CA LEU D 335 -29.47 13.89 21.99
C LEU D 335 -29.99 14.75 20.85
N GLU D 336 -29.81 16.07 20.95
CA GLU D 336 -30.21 16.96 19.87
C GLU D 336 -29.48 16.61 18.59
N GLU D 337 -28.25 16.11 18.70
CA GLU D 337 -27.51 15.75 17.50
C GLU D 337 -27.98 14.41 16.95
N ASN D 338 -27.97 13.35 17.77
CA ASN D 338 -28.21 11.99 17.30
C ASN D 338 -29.68 11.61 17.30
N ILE D 339 -30.58 12.56 17.57
CA ILE D 339 -31.99 12.21 17.74
C ILE D 339 -32.67 12.02 16.39
N SER D 340 -32.06 12.56 15.33
CA SER D 340 -32.66 12.42 14.01
C SER D 340 -32.63 10.97 13.55
N GLU D 341 -31.73 10.16 14.11
CA GLU D 341 -31.72 8.74 13.79
C GLU D 341 -32.91 8.02 14.40
N VAL D 342 -33.50 8.61 15.45
CA VAL D 342 -34.62 7.97 16.14
C VAL D 342 -35.90 8.17 15.33
N LYS D 343 -36.47 7.07 14.84
CA LYS D 343 -37.67 7.14 14.02
C LYS D 343 -38.85 7.68 14.81
N SER D 344 -39.02 7.22 16.04
CA SER D 344 -40.11 7.70 16.86
C SER D 344 -40.03 9.21 17.05
N TYR D 345 -38.82 9.74 17.24
CA TYR D 345 -38.66 11.18 17.34
C TYR D 345 -39.08 11.87 16.05
N LYS D 346 -38.75 11.27 14.90
CA LYS D 346 -39.11 11.87 13.62
C LYS D 346 -40.63 11.96 13.48
N CYS D 347 -41.33 10.86 13.74
CA CYS D 347 -42.79 10.89 13.63
C CYS D 347 -43.41 11.84 14.64
N LEU D 348 -42.90 11.85 15.87
CA LEU D 348 -43.45 12.76 16.87
C LEU D 348 -43.23 14.21 16.47
N LYS D 349 -42.09 14.52 15.85
CA LYS D 349 -41.86 15.89 15.41
C LYS D 349 -42.75 16.24 14.23
N VAL D 350 -43.05 15.26 13.37
CA VAL D 350 -44.05 15.49 12.35
C VAL D 350 -45.38 15.88 12.97
N LEU D 351 -45.84 15.12 13.96
CA LEU D 351 -47.10 15.49 14.61
C LEU D 351 -47.02 16.84 15.31
N GLU D 352 -45.87 17.14 15.92
CA GLU D 352 -45.74 18.40 16.64
C GLU D 352 -45.79 19.59 15.69
N ASN D 353 -45.17 19.46 14.51
CA ASN D 353 -45.21 20.53 13.52
C ASN D 353 -46.62 20.72 12.98
N ILE D 354 -47.32 19.60 12.75
CA ILE D 354 -48.71 19.69 12.31
C ILE D 354 -49.55 20.39 13.37
N LYS D 355 -49.24 20.16 14.64
CA LYS D 355 -49.98 20.75 15.74
C LYS D 355 -49.88 22.28 15.75
N SER D 356 -48.92 22.83 15.01
CA SER D 356 -48.82 24.28 14.89
C SER D 356 -50.09 24.85 14.26
N SER D 357 -50.62 24.17 13.25
CA SER D 357 -51.90 24.58 12.68
C SER D 357 -53.05 24.27 13.64
N GLY D 358 -52.95 23.15 14.37
CA GLY D 358 -53.97 22.77 15.32
C GLY D 358 -55.25 22.22 14.71
N GLN D 359 -55.18 21.66 13.51
CA GLN D 359 -56.40 21.19 12.85
C GLN D 359 -57.01 20.00 13.59
N GLY D 360 -56.28 18.90 13.71
CA GLY D 360 -56.85 17.70 14.30
C GLY D 360 -56.49 17.54 15.77
N ILE D 361 -55.88 16.42 16.13
CA ILE D 361 -55.55 16.11 17.51
C ILE D 361 -54.35 15.18 17.54
N ASP D 362 -53.58 15.23 18.62
CA ASP D 362 -52.34 14.47 18.73
C ASP D 362 -52.59 12.96 18.77
N PRO D 363 -53.46 12.44 19.65
CA PRO D 363 -53.62 10.98 19.70
C PRO D 363 -54.24 10.41 18.43
N MET D 364 -55.17 11.14 17.81
CA MET D 364 -55.77 10.66 16.57
C MET D 364 -54.73 10.55 15.46
N LEU D 365 -53.93 11.61 15.28
CA LEU D 365 -52.90 11.57 14.25
C LEU D 365 -51.84 10.52 14.58
N LEU D 366 -51.57 10.30 15.87
CA LEU D 366 -50.62 9.25 16.24
C LEU D 366 -51.15 7.87 15.86
N LEU D 367 -52.41 7.59 16.19
CA LEU D 367 -53.03 6.33 15.79
C LEU D 367 -53.03 6.17 14.28
N THR D 368 -53.24 7.29 13.57
CA THR D 368 -53.28 7.28 12.12
C THR D 368 -51.88 7.11 11.56
N ASN D 369 -50.87 7.46 12.35
CA ASN D 369 -49.48 7.34 11.93
C ASN D 369 -49.08 5.89 11.65
N LEU D 370 -49.55 4.98 12.49
CA LEU D 370 -49.26 3.56 12.37
C LEU D 370 -47.77 3.29 12.18
N GLU E 31 -5.94 -4.55 24.27
CA GLU E 31 -4.94 -3.67 24.88
C GLU E 31 -5.67 -2.48 25.47
N LEU E 32 -5.57 -2.32 26.78
CA LEU E 32 -6.28 -1.24 27.46
C LEU E 32 -5.86 0.11 26.87
N ALA E 33 -6.84 1.02 26.80
CA ALA E 33 -6.61 2.31 26.15
C ALA E 33 -5.41 3.03 26.75
N VAL E 34 -5.26 2.98 28.07
CA VAL E 34 -4.11 3.62 28.70
C VAL E 34 -2.84 2.89 28.32
N ASP E 35 -2.90 1.56 28.20
CA ASP E 35 -1.72 0.83 27.76
C ASP E 35 -1.40 1.09 26.31
N LYS E 36 -2.43 1.18 25.46
CA LYS E 36 -2.19 1.50 24.06
C LYS E 36 -1.57 2.87 23.90
N MET E 37 -2.04 3.85 24.67
CA MET E 37 -1.45 5.19 24.55
C MET E 37 -0.07 5.26 25.16
N VAL E 38 0.20 4.53 26.25
CA VAL E 38 1.55 4.50 26.79
C VAL E 38 2.51 3.88 25.79
N THR E 39 2.10 2.80 25.14
CA THR E 39 2.95 2.20 24.12
C THR E 39 3.17 3.16 22.96
N CYS E 40 2.09 3.76 22.47
CA CYS E 40 2.20 4.70 21.35
C CYS E 40 3.17 5.83 21.67
N ILE E 41 3.04 6.43 22.85
CA ILE E 41 3.94 7.50 23.23
C ILE E 41 5.37 6.98 23.37
N ALA E 42 5.59 6.00 24.24
CA ALA E 42 6.93 5.55 24.56
C ALA E 42 7.67 5.00 23.35
N VAL E 43 6.93 4.62 22.29
CA VAL E 43 7.60 4.08 21.12
C VAL E 43 7.73 5.14 20.04
N GLY E 44 6.65 5.87 19.75
CA GLY E 44 6.69 6.82 18.65
C GLY E 44 7.46 8.08 18.98
N LEU E 45 7.52 8.46 20.26
CA LEU E 45 8.24 9.67 20.63
C LEU E 45 9.73 9.56 20.34
N PRO E 46 10.44 8.49 20.73
CA PRO E 46 11.84 8.39 20.32
C PRO E 46 12.00 8.30 18.81
N LEU E 47 11.06 7.66 18.10
CA LEU E 47 11.16 7.61 16.65
C LEU E 47 10.91 8.98 16.04
N LEU E 48 9.87 9.67 16.50
CA LEU E 48 9.61 11.01 15.99
C LEU E 48 10.79 11.93 16.28
N LEU E 49 11.40 11.80 17.44
CA LEU E 49 12.53 12.65 17.79
C LEU E 49 13.76 12.31 16.96
N ILE E 50 14.00 11.03 16.67
CA ILE E 50 15.06 10.67 15.74
C ILE E 50 14.81 11.32 14.39
N SER E 51 13.58 11.20 13.88
CA SER E 51 13.28 11.76 12.57
C SER E 51 13.40 13.28 12.56
N LEU E 52 13.09 13.93 13.68
CA LEU E 52 13.24 15.38 13.77
C LEU E 52 14.71 15.78 13.84
N ALA E 53 15.53 15.02 14.57
CA ALA E 53 16.92 15.41 14.77
C ALA E 53 17.67 15.52 13.47
N PHE E 54 17.15 14.84 12.44
CA PHE E 54 17.79 14.77 11.14
C PHE E 54 17.00 15.41 10.01
N ALA E 55 16.14 16.37 10.35
CA ALA E 55 15.36 17.08 9.35
C ALA E 55 16.33 17.95 8.56
N GLN E 56 16.07 18.15 7.27
CA GLN E 56 17.00 18.96 6.47
C GLN E 56 17.08 20.38 7.03
N GLU E 57 15.94 20.95 7.38
CA GLU E 57 15.94 22.28 7.99
C GLU E 57 16.62 22.21 9.36
N ILE E 58 16.29 21.17 10.12
CA ILE E 58 16.83 20.96 11.46
C ILE E 58 18.35 20.69 11.53
N SER E 59 18.82 19.86 10.60
CA SER E 59 20.22 19.49 10.49
C SER E 59 20.72 19.95 9.12
N ILE E 60 21.92 20.52 9.08
CA ILE E 60 22.49 21.04 7.84
C ILE E 60 23.57 20.22 7.12
N GLY E 61 23.81 18.98 7.54
CA GLY E 61 24.88 18.23 6.88
C GLY E 61 25.34 16.90 7.43
N THR E 62 26.62 16.61 7.18
CA THR E 62 27.29 15.38 7.58
C THR E 62 27.51 15.29 9.10
N GLN E 63 27.82 14.09 9.59
CA GLN E 63 27.96 13.82 11.02
C GLN E 63 29.00 14.62 11.82
N ILE E 64 30.15 14.92 11.26
CA ILE E 64 31.15 15.70 12.01
C ILE E 64 31.96 16.63 11.11
N SER E 65 32.39 17.78 11.63
CA SER E 65 33.16 18.68 10.80
C SER E 65 34.45 18.98 11.55
N CYS E 66 35.58 19.02 10.83
CA CYS E 66 36.86 18.97 11.48
C CYS E 66 37.79 20.14 11.19
N PHE E 67 37.48 20.99 10.22
CA PHE E 67 38.31 22.16 9.92
C PHE E 67 39.76 21.80 9.63
N SER E 68 40.01 21.12 8.52
CA SER E 68 41.36 20.92 8.04
C SER E 68 41.97 22.26 7.64
N PRO E 69 43.29 22.33 7.50
CA PRO E 69 43.92 23.57 7.04
C PRO E 69 43.47 23.93 5.64
N SER E 70 43.77 25.17 5.26
CA SER E 70 43.39 25.65 3.94
C SER E 70 44.17 24.95 2.84
N SER E 71 45.40 24.52 3.15
CA SER E 71 46.23 23.86 2.15
C SER E 71 45.67 22.49 1.80
N PHE E 72 44.93 21.86 2.71
CA PHE E 72 44.36 20.55 2.46
C PHE E 72 43.38 20.61 1.29
N SER E 73 43.44 19.60 0.45
CA SER E 73 42.49 19.50 -0.65
C SER E 73 41.12 19.09 -0.11
N TRP E 74 40.14 19.07 -1.02
CA TRP E 74 38.80 18.65 -0.64
C TRP E 74 38.81 17.24 -0.10
N ARG E 75 39.52 16.33 -0.77
CA ARG E 75 39.50 14.93 -0.37
C ARG E 75 40.32 14.71 0.88
N GLN E 76 41.37 15.50 1.10
CA GLN E 76 42.12 15.40 2.34
C GLN E 76 41.27 15.84 3.53
N ALA E 77 40.49 16.90 3.36
CA ALA E 77 39.57 17.32 4.41
C ALA E 77 38.49 16.28 4.64
N ALA E 78 37.98 15.66 3.57
CA ALA E 78 37.03 14.58 3.75
C ALA E 78 37.65 13.42 4.52
N PHE E 79 38.93 13.12 4.24
CA PHE E 79 39.61 12.08 5.00
C PHE E 79 39.72 12.45 6.47
N VAL E 80 40.05 13.70 6.76
CA VAL E 80 40.15 14.10 8.16
C VAL E 80 38.81 13.95 8.86
N ASP E 81 37.74 14.41 8.22
CA ASP E 81 36.41 14.28 8.81
C ASP E 81 36.07 12.82 9.09
N SER E 82 36.20 11.97 8.07
CA SER E 82 35.82 10.57 8.24
C SER E 82 36.72 9.86 9.23
N TYR E 83 38.01 10.19 9.23
CA TYR E 83 38.94 9.58 10.16
C TYR E 83 38.56 9.92 11.59
N CYS E 84 38.26 11.19 11.86
CA CYS E 84 37.94 11.56 13.23
C CYS E 84 36.60 10.99 13.64
N TRP E 85 35.65 10.93 12.71
CA TRP E 85 34.38 10.26 12.97
C TRP E 85 34.60 8.82 13.41
N ALA E 86 35.47 8.10 12.69
CA ALA E 86 35.75 6.72 13.08
C ALA E 86 36.68 6.67 14.28
N ALA E 87 37.32 7.78 14.61
CA ALA E 87 38.33 7.84 15.66
C ALA E 87 37.77 8.27 16.99
N VAL E 88 36.50 8.63 17.07
CA VAL E 88 35.91 8.84 18.39
C VAL E 88 35.98 7.56 19.21
N GLN E 89 36.13 6.42 18.56
CA GLN E 89 36.28 5.16 19.29
C GLN E 89 37.72 4.96 19.75
N GLN E 90 38.68 5.05 18.83
CA GLN E 90 40.08 4.84 19.16
C GLN E 90 40.53 5.94 20.11
N LYS E 91 40.73 5.59 21.39
CA LYS E 91 40.95 6.61 22.41
C LYS E 91 42.31 7.27 22.26
N ASN E 92 43.25 6.61 21.59
CA ASN E 92 44.60 7.15 21.47
C ASN E 92 44.63 8.36 20.55
N SER E 93 43.76 8.39 19.54
CA SER E 93 43.85 9.43 18.52
C SER E 93 43.29 10.76 19.01
N LEU E 94 42.15 10.73 19.69
CA LEU E 94 41.43 11.95 20.04
C LEU E 94 41.70 12.32 21.48
N GLN E 95 41.81 13.62 21.74
CA GLN E 95 41.99 14.17 23.07
C GLN E 95 40.84 15.13 23.34
N SER E 96 39.98 14.79 24.29
CA SER E 96 38.82 15.60 24.63
C SER E 96 38.86 15.94 26.11
N GLU E 97 38.45 17.16 26.44
CA GLU E 97 38.45 17.60 27.84
C GLU E 97 37.47 16.81 28.68
N SER E 98 36.29 16.50 28.14
CA SER E 98 35.28 15.79 28.92
C SER E 98 35.61 14.30 29.02
N GLY E 99 36.21 13.74 27.98
CA GLY E 99 36.55 12.34 27.95
C GLY E 99 36.03 11.66 26.68
N ASN E 100 36.38 10.38 26.57
CA ASN E 100 35.98 9.62 25.39
C ASN E 100 34.55 9.11 25.50
N LEU E 101 34.07 8.93 26.72
CA LEU E 101 32.70 8.48 26.92
C LEU E 101 31.67 9.46 26.36
N PRO E 102 31.78 10.78 26.57
CA PRO E 102 30.85 11.68 25.88
C PRO E 102 30.91 11.55 24.38
N LEU E 103 32.09 11.30 23.82
CA LEU E 103 32.20 11.16 22.37
C LEU E 103 31.46 9.92 21.90
N TRP E 104 31.66 8.80 22.59
CA TRP E 104 30.89 7.60 22.28
C TRP E 104 29.40 7.87 22.35
N LEU E 105 28.96 8.56 23.40
CA LEU E 105 27.53 8.80 23.57
C LEU E 105 27.00 9.73 22.49
N HIS E 106 27.83 10.66 22.02
CA HIS E 106 27.38 11.59 20.98
C HIS E 106 27.28 10.91 19.63
N LYS E 107 28.22 10.00 19.36
CA LYS E 107 28.22 9.28 18.09
C LYS E 107 27.16 8.18 18.07
N PHE E 108 27.13 7.38 19.12
CA PHE E 108 26.17 6.29 19.23
C PHE E 108 24.86 6.72 19.90
N PHE E 109 24.80 7.98 20.32
CA PHE E 109 23.62 8.50 20.99
C PHE E 109 22.36 8.48 20.12
N PRO E 110 22.49 8.84 18.84
CA PRO E 110 21.32 8.84 17.94
C PRO E 110 20.75 7.43 17.78
N TYR E 111 21.62 6.44 17.65
CA TYR E 111 21.20 5.05 17.50
C TYR E 111 20.45 4.57 18.73
N ILE E 112 20.96 4.96 19.90
CA ILE E 112 20.38 4.57 21.18
C ILE E 112 18.86 4.75 21.26
N LEU E 113 18.37 5.90 20.79
CA LEU E 113 16.94 6.17 20.83
C LEU E 113 16.13 5.07 20.14
N LEU E 114 16.62 4.57 19.01
CA LEU E 114 15.93 3.47 18.34
C LEU E 114 15.96 2.22 19.22
N LEU E 115 17.05 1.99 19.94
CA LEU E 115 17.12 0.87 20.84
C LEU E 115 16.07 0.98 21.94
N PHE E 116 15.91 2.19 22.48
CA PHE E 116 14.89 2.39 23.51
C PHE E 116 13.50 2.20 22.93
N ALA E 117 13.26 2.67 21.71
CA ALA E 117 11.97 2.46 21.07
C ALA E 117 11.68 0.97 20.90
N ILE E 118 12.67 0.21 20.46
CA ILE E 118 12.48 -1.22 20.26
C ILE E 118 12.22 -1.93 21.59
N LEU E 119 13.05 -1.65 22.60
CA LEU E 119 12.85 -2.28 23.90
C LEU E 119 11.51 -1.90 24.50
N LEU E 120 11.01 -0.69 24.22
CA LEU E 120 9.72 -0.31 24.76
C LEU E 120 8.59 -0.93 23.96
N TYR E 121 8.85 -1.27 22.70
CA TYR E 121 7.85 -1.98 21.91
C TYR E 121 7.81 -3.47 22.24
N LEU E 122 8.88 -4.01 22.80
CA LEU E 122 8.92 -5.44 23.07
C LEU E 122 7.85 -5.94 24.04
N PRO E 123 7.62 -5.32 25.20
CA PRO E 123 6.60 -5.84 26.12
C PRO E 123 5.20 -5.80 25.52
N PRO E 124 4.79 -4.73 24.83
CA PRO E 124 3.48 -4.80 24.16
C PRO E 124 3.41 -5.90 23.12
N LEU E 125 4.51 -6.18 22.44
CA LEU E 125 4.51 -7.28 21.47
C LEU E 125 4.35 -8.63 22.17
N PHE E 126 5.07 -8.82 23.28
CA PHE E 126 4.91 -10.05 24.04
C PHE E 126 3.49 -10.21 24.55
N TRP E 127 2.89 -9.10 24.98
CA TRP E 127 1.54 -9.13 25.50
C TRP E 127 0.55 -8.98 24.35
N ARG E 128 0.96 -8.25 23.33
CA ARG E 128 0.11 -8.01 22.17
C ARG E 128 -0.24 -9.30 21.42
N PHE E 129 0.76 -10.18 21.24
CA PHE E 129 0.50 -11.42 20.53
C PHE E 129 0.43 -12.68 21.39
N ALA E 130 1.47 -12.92 22.19
CA ALA E 130 1.50 -14.11 23.06
C ALA E 130 0.48 -14.15 24.21
N ALA E 131 0.30 -13.02 24.88
CA ALA E 131 -0.62 -12.94 26.02
C ALA E 131 -2.07 -12.62 25.65
N ALA E 132 -2.30 -12.27 24.39
CA ALA E 132 -3.64 -11.93 23.91
C ALA E 132 -4.68 -13.05 23.96
N PRO E 133 -4.27 -14.27 23.60
CA PRO E 133 -5.19 -15.43 23.56
C PRO E 133 -5.63 -16.02 24.89
N HIS E 134 -4.87 -15.88 25.98
CA HIS E 134 -5.34 -16.52 27.20
C HIS E 134 -6.43 -15.68 27.86
N ILE E 135 -6.23 -14.36 27.90
CA ILE E 135 -7.25 -13.50 28.52
C ILE E 135 -8.41 -13.29 27.57
N CYS E 136 -8.16 -13.39 26.26
CA CYS E 136 -9.22 -13.14 25.28
C CYS E 136 -10.26 -14.25 25.32
N SER E 137 -9.80 -15.50 25.33
CA SER E 137 -10.74 -16.62 25.41
C SER E 137 -11.56 -16.56 26.69
N ASP E 138 -10.89 -16.32 27.82
CA ASP E 138 -11.60 -16.25 29.10
C ASP E 138 -12.59 -15.11 29.12
N LEU E 139 -12.21 -13.95 28.59
CA LEU E 139 -13.10 -12.80 28.63
C LEU E 139 -14.29 -13.00 27.72
N LYS E 140 -14.08 -13.58 26.54
CA LYS E 140 -15.19 -13.89 25.65
C LYS E 140 -16.13 -14.88 26.29
N PHE E 141 -15.59 -15.89 26.97
CA PHE E 141 -16.44 -16.86 27.66
C PHE E 141 -17.23 -16.19 28.78
N ILE E 142 -16.60 -15.29 29.53
CA ILE E 142 -17.29 -14.62 30.62
C ILE E 142 -18.41 -13.75 30.09
N MET E 143 -18.16 -13.03 28.98
CA MET E 143 -19.20 -12.21 28.40
C MET E 143 -20.36 -13.06 27.87
N GLU E 144 -20.06 -14.18 27.20
CA GLU E 144 -21.12 -15.06 26.75
C GLU E 144 -21.92 -15.61 27.92
N GLU E 145 -21.25 -16.01 29.00
CA GLU E 145 -21.96 -16.55 30.15
C GLU E 145 -22.82 -15.48 30.81
N LEU E 146 -22.34 -14.23 30.83
CA LEU E 146 -23.15 -13.16 31.41
C LEU E 146 -24.38 -12.89 30.57
N ASP E 147 -24.23 -12.85 29.25
CA ASP E 147 -25.40 -12.69 28.39
C ASP E 147 -26.37 -13.84 28.59
N LYS E 148 -25.86 -15.06 28.75
CA LYS E 148 -26.73 -16.22 28.92
C LYS E 148 -27.48 -16.14 30.25
N VAL E 149 -26.80 -15.78 31.32
CA VAL E 149 -27.47 -15.69 32.62
C VAL E 149 -28.51 -14.57 32.60
N TYR E 150 -28.22 -13.48 31.91
CA TYR E 150 -29.21 -12.42 31.77
C TYR E 150 -30.44 -12.90 31.02
N ASN E 151 -30.23 -13.59 29.90
CA ASN E 151 -31.35 -14.13 29.14
C ASN E 151 -32.18 -15.09 29.98
N ARG E 152 -31.51 -15.97 30.73
CA ARG E 152 -32.25 -16.92 31.55
C ARG E 152 -33.00 -16.23 32.68
N ALA E 153 -32.41 -15.18 33.26
CA ALA E 153 -33.10 -14.46 34.32
C ALA E 153 -34.35 -13.77 33.80
N ILE E 154 -34.26 -13.15 32.62
CA ILE E 154 -35.44 -12.46 32.09
C ILE E 154 -36.47 -13.46 31.59
N LYS E 155 -36.02 -14.64 31.13
CA LYS E 155 -36.96 -15.67 30.74
C LYS E 155 -37.73 -16.21 31.94
N ALA E 156 -37.02 -16.41 33.06
CA ALA E 156 -37.69 -16.82 34.29
C ALA E 156 -38.65 -15.73 34.76
N ALA E 157 -38.23 -14.46 34.66
CA ALA E 157 -39.11 -13.36 35.05
C ALA E 157 -40.29 -13.26 34.09
N LYS E 158 -40.06 -13.48 32.79
CA LYS E 158 -41.16 -13.43 31.83
C LYS E 158 -42.16 -14.53 32.08
N SER E 159 -41.67 -15.73 32.40
CA SER E 159 -42.58 -16.84 32.71
C SER E 159 -43.38 -16.56 33.98
N ALA E 160 -42.75 -15.88 34.94
CA ALA E 160 -43.48 -15.49 36.15
C ALA E 160 -44.56 -14.46 35.84
N ARG E 161 -44.26 -13.53 34.93
CA ARG E 161 -45.27 -12.54 34.54
C ARG E 161 -46.43 -13.21 33.80
N ASP E 162 -46.17 -14.33 33.13
CA ASP E 162 -47.21 -15.06 32.42
C ASP E 162 -48.01 -15.92 33.37
N PRO E 194 -23.96 -20.94 39.51
CA PRO E 194 -23.18 -19.75 39.17
C PRO E 194 -21.83 -20.12 38.56
N ILE E 195 -21.85 -20.46 37.27
CA ILE E 195 -20.63 -20.97 36.63
C ILE E 195 -19.61 -19.86 36.46
N VAL E 196 -20.05 -18.66 36.06
CA VAL E 196 -19.11 -17.57 35.85
C VAL E 196 -18.55 -17.08 37.18
N GLU E 197 -19.38 -17.10 38.23
CA GLU E 197 -18.89 -16.73 39.54
C GLU E 197 -17.83 -17.71 40.04
N GLN E 198 -18.05 -19.00 39.80
CA GLN E 198 -17.05 -20.00 40.19
C GLN E 198 -15.78 -19.86 39.36
N TYR E 199 -15.93 -19.52 38.07
CA TYR E 199 -14.75 -19.32 37.24
C TYR E 199 -13.92 -18.15 37.73
N LEU E 200 -14.57 -17.05 38.11
CA LEU E 200 -13.84 -15.91 38.64
C LEU E 200 -13.22 -16.23 39.99
N LYS E 201 -13.94 -17.02 40.78
CA LYS E 201 -13.45 -17.48 42.07
C LYS E 201 -12.47 -18.60 41.72
N THR E 202 -12.87 -19.43 40.76
CA THR E 202 -12.06 -20.52 40.23
C THR E 202 -10.81 -19.98 39.56
N LYS E 203 -10.97 -18.85 38.86
CA LYS E 203 -9.91 -18.13 38.16
C LYS E 203 -8.82 -17.61 39.10
N LYS E 204 -9.20 -17.27 40.32
CA LYS E 204 -8.31 -16.74 41.33
C LYS E 204 -7.16 -17.69 41.68
N ASN E 205 -7.41 -18.99 41.67
CA ASN E 205 -6.37 -19.96 41.99
C ASN E 205 -5.20 -19.89 41.01
N SER E 206 -5.48 -19.68 39.72
CA SER E 206 -4.42 -19.61 38.71
C SER E 206 -3.89 -18.19 38.51
N ASN E 207 -2.58 -18.02 38.63
CA ASN E 207 -1.93 -16.71 38.48
C ASN E 207 -1.30 -16.40 37.13
N ASN E 208 -1.39 -17.32 36.18
CA ASN E 208 -0.73 -17.11 34.90
C ASN E 208 -1.16 -15.94 34.00
N LEU E 209 -2.45 -15.72 33.82
CA LEU E 209 -2.86 -14.63 32.91
C LEU E 209 -2.54 -13.19 33.33
N ILE E 210 -2.86 -12.83 34.57
CA ILE E 210 -2.57 -11.47 35.05
C ILE E 210 -1.09 -11.14 35.30
N ILE E 211 -0.35 -12.11 35.83
CA ILE E 211 1.08 -11.96 36.13
C ILE E 211 1.78 -11.46 34.88
N LYS E 212 1.45 -12.10 33.76
CA LYS E 212 1.96 -11.69 32.45
C LYS E 212 1.76 -10.20 32.22
N TYR E 213 0.58 -9.69 32.57
CA TYR E 213 0.28 -8.28 32.36
C TYR E 213 1.16 -7.38 33.21
N ILE E 214 1.24 -7.66 34.52
CA ILE E 214 2.05 -6.80 35.37
C ILE E 214 3.53 -6.98 35.07
N SER E 215 3.91 -8.12 34.48
CA SER E 215 5.30 -8.29 34.09
C SER E 215 5.64 -7.46 32.87
N CYS E 216 4.76 -7.44 31.87
CA CYS E 216 5.03 -6.58 30.71
C CYS E 216 4.99 -5.12 31.12
N ARG E 217 4.07 -4.75 32.01
CA ARG E 217 4.04 -3.37 32.49
C ARG E 217 5.28 -3.04 33.30
N LEU E 218 5.79 -4.00 34.08
CA LEU E 218 6.96 -3.72 34.90
C LEU E 218 8.21 -3.60 34.04
N LEU E 219 8.34 -4.41 32.99
CA LEU E 219 9.44 -4.22 32.06
C LEU E 219 9.31 -2.90 31.32
N THR E 220 8.09 -2.51 30.97
CA THR E 220 7.91 -1.20 30.35
C THR E 220 8.36 -0.09 31.29
N LEU E 221 8.01 -0.19 32.56
CA LEU E 221 8.42 0.83 33.52
C LEU E 221 9.93 0.82 33.73
N ILE E 222 10.54 -0.36 33.78
CA ILE E 222 11.98 -0.44 33.97
C ILE E 222 12.71 0.17 32.79
N ILE E 223 12.26 -0.14 31.57
CA ILE E 223 12.91 0.41 30.39
C ILE E 223 12.68 1.91 30.31
N ILE E 224 11.49 2.38 30.70
CA ILE E 224 11.23 3.81 30.70
C ILE E 224 12.13 4.52 31.70
N LEU E 225 12.35 3.91 32.87
CA LEU E 225 13.22 4.53 33.86
C LEU E 225 14.67 4.52 33.41
N LEU E 226 15.10 3.43 32.76
CA LEU E 226 16.46 3.41 32.23
C LEU E 226 16.64 4.45 31.13
N ALA E 227 15.60 4.64 30.31
CA ALA E 227 15.66 5.67 29.28
C ALA E 227 15.70 7.05 29.91
N CYS E 228 14.92 7.28 30.97
CA CYS E 228 14.98 8.54 31.67
C CYS E 228 16.37 8.79 32.23
N ILE E 229 16.98 7.76 32.81
CA ILE E 229 18.33 7.93 33.36
C ILE E 229 19.31 8.28 32.26
N TYR E 230 19.26 7.54 31.15
CA TYR E 230 20.19 7.80 30.06
C TYR E 230 19.99 9.20 29.48
N LEU E 231 18.73 9.60 29.29
CA LEU E 231 18.46 10.90 28.67
C LEU E 231 18.82 12.04 29.61
N GLY E 232 18.61 11.85 30.91
CA GLY E 232 19.02 12.85 31.86
C GLY E 232 20.53 12.97 31.94
N TYR E 233 21.23 11.85 31.82
CA TYR E 233 22.68 11.92 31.77
C TYR E 233 23.14 12.62 30.50
N TYR E 234 22.60 12.21 29.35
CA TYR E 234 23.03 12.76 28.07
C TYR E 234 22.75 14.26 27.99
N PHE E 235 21.57 14.68 28.43
CA PHE E 235 21.26 16.10 28.47
C PHE E 235 22.17 16.84 29.44
N SER E 236 22.73 16.12 30.42
CA SER E 236 23.60 16.76 31.40
C SER E 236 25.01 16.96 30.87
N LEU E 237 25.21 16.66 29.60
CA LEU E 237 26.50 16.87 28.96
C LEU E 237 26.80 18.37 28.93
N SER E 238 28.09 18.69 28.94
CA SER E 238 28.56 20.08 28.97
C SER E 238 28.15 20.96 27.78
N SER E 239 27.96 20.31 26.61
CA SER E 239 27.62 20.86 25.29
C SER E 239 28.84 21.43 24.58
N LEU E 240 30.00 21.10 25.14
CA LEU E 240 31.29 21.48 24.62
C LEU E 240 31.96 20.13 24.40
N SER E 241 31.39 19.08 25.01
CA SER E 241 31.99 17.77 24.81
C SER E 241 31.84 17.30 23.36
N ASP E 242 31.04 18.01 22.57
CA ASP E 242 30.95 17.71 21.16
C ASP E 242 32.14 18.25 20.37
N GLU E 243 32.97 19.06 20.98
CA GLU E 243 34.20 19.54 20.36
C GLU E 243 35.36 18.72 20.90
N PHE E 244 36.00 17.96 20.03
CA PHE E 244 37.12 17.15 20.43
C PHE E 244 38.27 17.37 19.47
N VAL E 245 39.48 17.27 19.99
CA VAL E 245 40.69 17.44 19.19
C VAL E 245 41.07 16.06 18.66
N CYS E 246 41.31 15.98 17.36
CA CYS E 246 41.55 14.72 16.67
C CYS E 246 42.86 14.83 15.90
N SER E 247 43.61 13.74 15.88
CA SER E 247 44.94 13.73 15.28
C SER E 247 45.04 12.55 14.33
N ILE E 248 45.15 12.82 13.03
CA ILE E 248 45.34 11.75 12.07
C ILE E 248 46.84 11.51 11.89
N LYS E 249 47.43 10.81 12.85
CA LYS E 249 48.88 10.58 12.85
C LYS E 249 49.23 9.16 13.24
N SER E 250 48.38 8.19 12.94
CA SER E 250 48.77 6.80 13.08
C SER E 250 49.20 6.25 11.73
N GLY E 251 50.00 5.18 11.76
CA GLY E 251 50.49 4.61 10.53
C GLY E 251 51.58 5.47 9.90
N ILE E 252 51.61 5.46 8.57
CA ILE E 252 52.64 6.20 7.85
C ILE E 252 52.48 7.70 7.99
N LEU E 253 51.32 8.17 8.45
CA LEU E 253 51.13 9.60 8.64
C LEU E 253 51.79 10.09 9.91
N ARG E 254 52.31 9.17 10.72
CA ARG E 254 52.79 9.53 12.05
C ARG E 254 53.89 10.58 11.99
N ASN E 255 54.93 10.33 11.19
CA ASN E 255 56.03 11.27 11.13
C ASN E 255 55.92 12.20 9.93
N ASP E 256 54.78 12.16 9.23
CA ASP E 256 54.54 13.08 8.14
C ASP E 256 54.51 14.52 8.65
N SER E 257 54.92 15.45 7.79
CA SER E 257 55.07 16.85 8.21
C SER E 257 54.01 17.77 7.63
N THR E 258 53.50 17.48 6.43
CA THR E 258 52.52 18.37 5.82
C THR E 258 51.20 18.36 6.59
N VAL E 259 50.90 17.26 7.25
CA VAL E 259 49.67 17.12 8.02
C VAL E 259 49.88 17.74 9.41
N PRO E 260 48.97 18.61 9.85
CA PRO E 260 49.15 19.23 11.17
C PRO E 260 48.98 18.21 12.29
N ASP E 261 49.44 18.62 13.48
CA ASP E 261 49.48 17.70 14.61
C ASP E 261 48.08 17.27 15.04
N GLN E 262 47.13 18.20 15.03
CA GLN E 262 45.80 17.91 15.52
C GLN E 262 44.78 18.81 14.85
N PHE E 263 43.56 18.30 14.77
CA PHE E 263 42.45 19.01 14.12
C PHE E 263 41.37 19.28 15.14
N GLN E 264 40.69 20.41 14.98
CA GLN E 264 39.58 20.77 15.86
C GLN E 264 38.28 20.30 15.21
N CYS E 265 37.79 19.15 15.67
CA CYS E 265 36.55 18.62 15.17
C CYS E 265 35.40 18.96 16.11
N LYS E 266 34.19 19.06 15.54
CA LYS E 266 32.99 19.30 16.32
C LYS E 266 31.90 18.36 15.83
N LEU E 267 31.20 17.73 16.77
CA LEU E 267 30.12 16.81 16.45
C LEU E 267 28.88 17.56 15.99
N ILE E 268 28.49 17.33 14.74
CA ILE E 268 27.33 17.99 14.17
C ILE E 268 26.02 17.55 14.81
N ALA E 269 25.08 18.48 14.91
CA ALA E 269 23.74 18.25 15.48
C ALA E 269 23.74 17.68 16.90
N VAL E 270 24.63 18.16 17.75
CA VAL E 270 24.69 17.71 19.13
C VAL E 270 23.61 18.44 19.93
N GLY E 271 23.64 19.76 19.87
CA GLY E 271 22.68 20.61 20.56
C GLY E 271 21.25 20.19 20.28
N ILE E 272 20.98 19.80 19.04
CA ILE E 272 19.66 19.27 18.70
C ILE E 272 19.41 17.97 19.45
N PHE E 273 20.43 17.13 19.57
CA PHE E 273 20.28 15.89 20.31
C PHE E 273 19.93 16.15 21.76
N GLN E 274 20.58 17.14 22.38
CA GLN E 274 20.30 17.42 23.78
C GLN E 274 18.92 18.05 23.97
N LEU E 275 18.56 18.97 23.07
CA LEU E 275 17.23 19.56 23.14
C LEU E 275 16.14 18.53 22.93
N LEU E 276 16.41 17.50 22.13
CA LEU E 276 15.40 16.46 21.95
C LEU E 276 15.43 15.45 23.09
N SER E 277 16.60 15.25 23.68
CA SER E 277 16.70 14.31 24.79
C SER E 277 15.99 14.85 26.02
N VAL E 278 16.01 16.16 26.21
CA VAL E 278 15.28 16.72 27.34
C VAL E 278 13.78 16.61 27.12
N ILE E 279 13.33 16.75 25.87
CA ILE E 279 11.93 16.56 25.56
C ILE E 279 11.51 15.12 25.83
N ASN E 280 12.31 14.17 25.34
CA ASN E 280 12.04 12.77 25.60
C ASN E 280 12.03 12.46 27.08
N LEU E 281 12.96 13.05 27.84
CA LEU E 281 13.01 12.82 29.28
C LEU E 281 11.79 13.38 29.98
N VAL E 282 11.34 14.57 29.58
CA VAL E 282 10.14 15.15 30.17
C VAL E 282 8.93 14.28 29.90
N VAL E 283 8.75 13.87 28.64
CA VAL E 283 7.60 13.04 28.30
C VAL E 283 7.69 11.70 29.03
N TYR E 284 8.90 11.18 29.21
CA TYR E 284 9.03 9.87 29.86
C TYR E 284 8.78 9.95 31.35
N VAL E 285 9.18 11.05 31.99
CA VAL E 285 8.91 11.18 33.42
C VAL E 285 7.46 11.58 33.66
N LEU E 286 6.78 12.05 32.61
CA LEU E 286 5.34 12.19 32.70
C LEU E 286 4.64 10.85 32.46
N LEU E 287 5.27 9.99 31.68
CA LEU E 287 4.66 8.70 31.34
C LEU E 287 4.85 7.68 32.45
N ALA E 288 5.96 7.76 33.17
CA ALA E 288 6.25 6.77 34.21
C ALA E 288 5.18 6.71 35.30
N PRO E 289 4.63 7.82 35.81
CA PRO E 289 3.52 7.67 36.77
C PRO E 289 2.31 6.98 36.17
N VAL E 290 2.07 7.18 34.87
CA VAL E 290 0.95 6.49 34.23
C VAL E 290 1.17 4.99 34.23
N VAL E 291 2.40 4.55 33.95
CA VAL E 291 2.69 3.12 33.97
C VAL E 291 2.59 2.58 35.39
N VAL E 292 3.10 3.35 36.37
CA VAL E 292 3.03 2.90 37.76
C VAL E 292 1.57 2.74 38.19
N TYR E 293 0.72 3.68 37.80
CA TYR E 293 -0.70 3.56 38.12
C TYR E 293 -1.32 2.36 37.41
N THR E 294 -0.96 2.15 36.15
CA THR E 294 -1.42 0.98 35.43
C THR E 294 -1.04 -0.31 36.14
N LEU E 295 0.14 -0.29 36.77
CA LEU E 295 0.67 -1.46 37.47
C LEU E 295 -0.11 -1.85 38.71
N PHE E 296 -0.78 -0.88 39.34
CA PHE E 296 -1.57 -1.15 40.53
C PHE E 296 -2.94 -1.65 40.13
N VAL E 297 -3.03 -2.92 39.77
CA VAL E 297 -4.29 -3.52 39.35
C VAL E 297 -5.34 -3.52 40.45
N PRO E 298 -4.94 -3.84 41.69
CA PRO E 298 -5.94 -3.83 42.76
C PRO E 298 -6.52 -2.43 42.93
N PHE E 299 -5.65 -1.42 42.92
CA PHE E 299 -6.09 -0.04 43.05
C PHE E 299 -6.94 0.35 41.84
N ARG E 300 -6.44 -0.02 40.66
CA ARG E 300 -7.10 0.27 39.40
C ARG E 300 -8.48 -0.37 39.35
N GLN E 301 -8.82 -1.11 40.41
CA GLN E 301 -10.12 -1.75 40.46
C GLN E 301 -11.06 -0.80 41.17
N LYS E 302 -11.98 -0.24 40.40
CA LYS E 302 -12.99 0.68 40.90
C LYS E 302 -14.18 0.67 39.93
N THR E 303 -15.38 0.95 40.44
CA THR E 303 -16.58 0.98 39.61
C THR E 303 -16.77 -0.32 38.82
N ASP E 304 -16.68 -1.44 39.52
CA ASP E 304 -16.83 -2.76 38.91
C ASP E 304 -18.23 -3.06 38.38
N VAL E 305 -18.28 -3.59 37.17
CA VAL E 305 -19.52 -3.96 36.47
C VAL E 305 -20.33 -5.08 37.15
N LEU E 306 -19.63 -6.04 37.73
CA LEU E 306 -20.25 -7.21 38.35
C LEU E 306 -21.22 -6.93 39.51
N LYS E 307 -20.90 -5.94 40.35
CA LYS E 307 -21.76 -5.64 41.49
C LYS E 307 -23.17 -5.24 41.06
N VAL E 308 -23.26 -4.45 39.99
CA VAL E 308 -24.55 -4.00 39.47
C VAL E 308 -25.45 -5.14 38.99
N TYR E 309 -24.85 -6.16 38.40
CA TYR E 309 -25.62 -7.32 37.92
C TYR E 309 -26.07 -8.19 39.08
N GLU E 310 -25.97 -7.64 40.30
CA GLU E 310 -26.34 -8.33 41.53
C GLU E 310 -27.82 -8.69 41.66
N ILE E 311 -28.69 -7.81 41.18
CA ILE E 311 -30.14 -7.99 41.30
C ILE E 311 -30.73 -9.24 40.64
N LEU E 312 -30.24 -9.61 39.47
CA LEU E 312 -30.74 -10.78 38.74
C LEU E 312 -30.84 -12.04 39.61
N PRO E 313 -32.04 -12.65 39.65
CA PRO E 313 -32.27 -13.86 40.45
C PRO E 313 -31.40 -15.03 40.04
N THR E 314 -31.18 -15.20 38.74
CA THR E 314 -30.34 -16.28 38.22
C THR E 314 -28.86 -16.06 38.49
N PHE E 315 -28.50 -15.00 39.19
CA PHE E 315 -27.12 -14.68 39.50
C PHE E 315 -26.97 -14.55 41.01
N ASP E 316 -26.00 -15.26 41.57
CA ASP E 316 -25.77 -15.21 43.01
C ASP E 316 -25.38 -13.81 43.45
N VAL E 317 -25.73 -13.46 44.68
CA VAL E 317 -25.44 -12.13 45.20
C VAL E 317 -24.03 -12.14 45.79
N LEU E 318 -23.04 -11.96 44.93
CA LEU E 318 -21.64 -11.97 45.34
C LEU E 318 -20.79 -11.30 44.27
N HIS E 319 -20.10 -10.22 44.63
CA HIS E 319 -19.10 -9.64 43.75
C HIS E 319 -17.82 -10.47 43.78
N PHE E 320 -17.20 -10.50 44.96
CA PHE E 320 -15.97 -11.26 45.20
C PHE E 320 -14.82 -10.99 44.24
N LYS E 321 -14.62 -9.74 43.86
CA LYS E 321 -13.52 -9.39 42.95
C LYS E 321 -12.69 -8.21 43.43
N SER E 322 -11.93 -8.40 44.52
CA SER E 322 -11.09 -7.33 45.05
C SER E 322 -9.91 -7.84 45.88
N GLU E 323 -8.88 -7.00 45.99
CA GLU E 323 -7.67 -7.30 46.75
C GLU E 323 -7.12 -8.71 46.52
N GLY E 324 -7.12 -9.16 45.27
CA GLY E 324 -6.63 -10.49 44.96
C GLY E 324 -5.40 -10.56 44.10
N TYR E 325 -4.40 -11.29 44.58
CA TYR E 325 -3.15 -11.49 43.86
C TYR E 325 -3.36 -12.26 42.55
N ASN E 326 -4.25 -13.24 42.60
CA ASN E 326 -4.54 -14.07 41.44
C ASN E 326 -5.13 -13.30 40.25
N ASP E 327 -4.74 -13.74 39.05
CA ASP E 327 -5.17 -13.13 37.79
C ASP E 327 -6.65 -12.75 37.74
N LEU E 328 -7.50 -13.52 38.42
CA LEU E 328 -8.92 -13.21 38.42
C LEU E 328 -9.18 -11.80 38.93
N SER E 329 -8.48 -11.40 39.99
CA SER E 329 -8.59 -10.05 40.53
C SER E 329 -8.08 -9.04 39.50
N LEU E 330 -7.01 -9.42 38.80
CA LEU E 330 -6.46 -8.58 37.75
C LEU E 330 -7.32 -8.70 36.48
N TYR E 331 -8.17 -9.71 36.46
CA TYR E 331 -9.07 -10.00 35.35
C TYR E 331 -10.09 -8.89 35.11
N ASN E 332 -10.55 -8.27 36.20
CA ASN E 332 -11.56 -7.23 36.13
C ASN E 332 -11.14 -6.02 35.28
N LEU E 333 -9.87 -5.63 35.39
CA LEU E 333 -9.34 -4.50 34.62
C LEU E 333 -9.69 -4.62 33.14
N PHE E 334 -9.88 -5.85 32.68
CA PHE E 334 -10.25 -6.12 31.30
C PHE E 334 -11.77 -6.20 31.13
N LEU E 335 -12.47 -6.66 32.16
CA LEU E 335 -13.92 -6.65 32.13
C LEU E 335 -14.46 -5.24 32.18
N GLU E 336 -13.90 -4.40 33.04
CA GLU E 336 -14.30 -3.00 33.09
C GLU E 336 -14.09 -2.32 31.75
N GLU E 337 -13.07 -2.74 31.01
CA GLU E 337 -12.84 -2.14 29.70
C GLU E 337 -13.81 -2.68 28.66
N ASN E 338 -13.87 -3.99 28.48
CA ASN E 338 -14.62 -4.60 27.39
C ASN E 338 -16.08 -4.86 27.73
N ILE E 339 -16.56 -4.41 28.89
CA ILE E 339 -17.90 -4.77 29.33
C ILE E 339 -18.95 -3.92 28.62
N SER E 340 -18.54 -2.78 28.05
CA SER E 340 -19.49 -1.93 27.36
C SER E 340 -20.02 -2.61 26.10
N GLU E 341 -19.27 -3.57 25.57
CA GLU E 341 -19.76 -4.33 24.42
C GLU E 341 -20.88 -5.26 24.82
N VAL E 342 -20.97 -5.61 26.10
CA VAL E 342 -21.99 -6.54 26.57
C VAL E 342 -23.32 -5.82 26.71
N LYS E 343 -24.29 -6.24 25.89
CA LYS E 343 -25.60 -5.60 25.89
C LYS E 343 -26.31 -5.78 27.23
N SER E 344 -26.26 -6.99 27.78
CA SER E 344 -26.88 -7.25 29.06
C SER E 344 -26.33 -6.33 30.14
N TYR E 345 -25.01 -6.12 30.12
CA TYR E 345 -24.43 -5.18 31.08
C TYR E 345 -24.97 -3.78 30.86
N LYS E 346 -25.15 -3.37 29.61
CA LYS E 346 -25.66 -2.02 29.35
C LYS E 346 -27.06 -1.85 29.92
N CYS E 347 -27.95 -2.81 29.66
CA CYS E 347 -29.31 -2.70 30.18
C CYS E 347 -29.33 -2.77 31.70
N LEU E 348 -28.51 -3.65 32.28
CA LEU E 348 -28.47 -3.74 33.73
C LEU E 348 -27.96 -2.45 34.34
N LYS E 349 -27.01 -1.78 33.70
CA LYS E 349 -26.52 -0.52 34.23
C LYS E 349 -27.56 0.57 34.08
N VAL E 350 -28.35 0.52 33.00
CA VAL E 350 -29.50 1.42 32.91
C VAL E 350 -30.43 1.24 34.09
N LEU E 351 -30.80 0.00 34.40
CA LEU E 351 -31.66 -0.22 35.56
C LEU E 351 -30.99 0.21 36.87
N GLU E 352 -29.70 -0.01 37.00
CA GLU E 352 -29.00 0.35 38.24
C GLU E 352 -28.97 1.86 38.43
N ASN E 353 -28.77 2.61 37.34
CA ASN E 353 -28.76 4.07 37.43
C ASN E 353 -30.15 4.58 37.78
N ILE E 354 -31.19 3.99 37.18
CA ILE E 354 -32.56 4.36 37.51
C ILE E 354 -32.83 4.08 38.99
N LYS E 355 -32.26 3.00 39.52
CA LYS E 355 -32.46 2.63 40.91
C LYS E 355 -31.92 3.68 41.87
N SER E 356 -31.09 4.59 41.38
CA SER E 356 -30.61 5.70 42.22
C SER E 356 -31.78 6.54 42.70
N SER E 357 -32.75 6.80 41.83
CA SER E 357 -33.96 7.49 42.25
C SER E 357 -34.82 6.58 43.12
N GLY E 358 -34.86 5.29 42.81
CA GLY E 358 -35.64 4.34 43.57
C GLY E 358 -37.13 4.39 43.34
N GLN E 359 -37.58 4.87 42.18
CA GLN E 359 -39.01 5.02 41.94
C GLN E 359 -39.72 3.67 41.87
N GLY E 360 -39.31 2.81 40.92
CA GLY E 360 -40.03 1.56 40.74
C GLY E 360 -39.35 0.39 41.42
N ILE E 361 -39.02 -0.65 40.66
CA ILE E 361 -38.42 -1.87 41.20
C ILE E 361 -37.58 -2.54 40.13
N ASP E 362 -36.56 -3.27 40.55
CA ASP E 362 -35.61 -3.88 39.62
C ASP E 362 -36.26 -4.96 38.75
N PRO E 363 -36.96 -5.95 39.32
CA PRO E 363 -37.52 -7.00 38.44
C PRO E 363 -38.60 -6.48 37.51
N MET E 364 -39.42 -5.53 37.97
CA MET E 364 -40.45 -4.98 37.11
C MET E 364 -39.84 -4.25 35.92
N LEU E 365 -38.85 -3.38 36.17
CA LEU E 365 -38.20 -2.67 35.07
C LEU E 365 -37.45 -3.63 34.17
N LEU E 366 -36.91 -4.71 34.73
CA LEU E 366 -36.24 -5.71 33.90
C LEU E 366 -37.22 -6.40 32.96
N LEU E 367 -38.36 -6.82 33.51
CA LEU E 367 -39.39 -7.49 32.72
C LEU E 367 -39.84 -6.59 31.58
N THR E 368 -40.08 -5.32 31.89
CA THR E 368 -40.52 -4.36 30.90
C THR E 368 -39.45 -4.18 29.82
N ASN E 369 -38.20 -4.14 30.24
CA ASN E 369 -37.08 -3.97 29.31
C ASN E 369 -37.09 -5.03 28.21
N GLU F 31 2.21 -21.49 15.15
CA GLU F 31 3.55 -21.21 15.63
C GLU F 31 3.45 -20.73 17.06
N LEU F 32 4.07 -21.47 17.97
CA LEU F 32 4.00 -21.14 19.39
C LEU F 32 4.52 -19.73 19.63
N ALA F 33 3.88 -19.04 20.58
CA ALA F 33 4.20 -17.63 20.81
C ALA F 33 5.69 -17.44 21.09
N VAL F 34 6.29 -18.35 21.87
CA VAL F 34 7.72 -18.24 22.14
C VAL F 34 8.51 -18.48 20.86
N ASP F 35 8.05 -19.39 20.01
CA ASP F 35 8.73 -19.62 18.74
C ASP F 35 8.55 -18.44 17.80
N LYS F 36 7.35 -17.85 17.78
CA LYS F 36 7.13 -16.68 16.94
C LYS F 36 8.01 -15.52 17.38
N MET F 37 8.15 -15.32 18.68
CA MET F 37 8.99 -14.22 19.14
C MET F 37 10.47 -14.51 18.95
N VAL F 38 10.90 -15.76 19.10
CA VAL F 38 12.29 -16.10 18.82
C VAL F 38 12.61 -15.86 17.36
N THR F 39 11.70 -16.26 16.46
CA THR F 39 11.92 -16.00 15.04
C THR F 39 11.95 -14.50 14.76
N CYS F 40 10.99 -13.76 15.31
CA CYS F 40 10.93 -12.32 15.09
C CYS F 40 12.22 -11.65 15.52
N ILE F 41 12.71 -11.99 16.71
CA ILE F 41 13.95 -11.40 17.20
C ILE F 41 15.12 -11.83 16.32
N ALA F 42 15.35 -13.13 16.20
CA ALA F 42 16.55 -13.62 15.53
C ALA F 42 16.60 -13.19 14.07
N VAL F 43 15.46 -12.82 13.49
CA VAL F 43 15.47 -12.42 12.08
C VAL F 43 15.48 -10.90 11.95
N GLY F 44 14.63 -10.21 12.71
CA GLY F 44 14.52 -8.78 12.54
C GLY F 44 15.67 -8.02 13.17
N LEU F 45 16.29 -8.58 14.20
CA LEU F 45 17.42 -7.90 14.83
C LEU F 45 18.60 -7.72 13.89
N PRO F 46 19.07 -8.75 13.19
CA PRO F 46 20.14 -8.49 12.21
C PRO F 46 19.70 -7.55 11.10
N LEU F 47 18.44 -7.61 10.68
CA LEU F 47 17.97 -6.69 9.65
C LEU F 47 17.91 -5.26 10.19
N LEU F 48 17.35 -5.09 11.38
CA LEU F 48 17.30 -3.76 11.97
C LEU F 48 18.71 -3.21 12.18
N LEU F 49 19.65 -4.06 12.59
CA LEU F 49 21.01 -3.61 12.80
C LEU F 49 21.71 -3.27 11.49
N ILE F 50 21.45 -4.03 10.44
CA ILE F 50 21.96 -3.64 9.12
C ILE F 50 21.42 -2.26 8.74
N SER F 51 20.11 -2.07 8.90
CA SER F 51 19.52 -0.79 8.51
C SER F 51 20.03 0.36 9.37
N LEU F 52 20.35 0.09 10.63
CA LEU F 52 20.92 1.12 11.49
C LEU F 52 22.36 1.43 11.12
N ALA F 53 23.15 0.42 10.76
CA ALA F 53 24.57 0.63 10.49
C ALA F 53 24.78 1.60 9.35
N PHE F 54 23.76 1.75 8.51
CA PHE F 54 23.83 2.61 7.33
C PHE F 54 22.82 3.74 7.37
N ALA F 55 22.55 4.28 8.56
CA ALA F 55 21.62 5.39 8.69
C ALA F 55 22.26 6.63 8.07
N GLN F 56 21.44 7.51 7.52
CA GLN F 56 21.99 8.70 6.87
C GLN F 56 22.77 9.53 7.89
N GLU F 57 22.22 9.70 9.09
CA GLU F 57 22.95 10.41 10.13
C GLU F 57 24.17 9.60 10.56
N ILE F 58 23.96 8.29 10.70
CA ILE F 58 25.01 7.35 11.13
C ILE F 58 26.19 7.16 10.17
N SER F 59 25.92 7.06 8.88
CA SER F 59 26.96 6.86 7.89
C SER F 59 27.52 8.22 7.49
N ILE F 60 28.83 8.33 7.33
CA ILE F 60 29.35 9.64 6.97
C ILE F 60 29.44 9.78 5.45
N GLY F 61 29.58 8.66 4.75
CA GLY F 61 29.78 8.69 3.32
C GLY F 61 30.24 7.36 2.80
N THR F 62 31.35 7.35 2.06
CA THR F 62 31.90 6.11 1.55
C THR F 62 32.30 5.18 2.69
N GLN F 63 32.51 3.92 2.34
CA GLN F 63 32.89 2.93 3.35
C GLN F 63 34.40 2.90 3.56
N ILE F 64 35.16 3.53 2.67
CA ILE F 64 36.60 3.55 2.75
C ILE F 64 37.09 4.94 2.36
N SER F 65 38.18 5.37 2.99
CA SER F 65 38.84 6.63 2.66
C SER F 65 40.33 6.41 2.78
N CYS F 66 41.10 6.96 1.84
CA CYS F 66 42.49 6.54 1.67
C CYS F 66 43.53 7.64 1.80
N PHE F 67 43.13 8.91 1.83
CA PHE F 67 44.08 10.00 2.00
C PHE F 67 45.19 9.99 0.96
N SER F 68 44.84 10.25 -0.29
CA SER F 68 45.83 10.48 -1.33
C SER F 68 46.61 11.76 -1.03
N PRO F 69 47.77 11.95 -1.65
CA PRO F 69 48.50 13.21 -1.45
C PRO F 69 47.71 14.41 -1.95
N SER F 70 48.19 15.59 -1.57
CA SER F 70 47.50 16.82 -1.97
C SER F 70 47.65 17.07 -3.45
N SER F 71 48.74 16.59 -4.05
CA SER F 71 48.96 16.81 -5.48
C SER F 71 47.97 16.01 -6.32
N PHE F 72 47.46 14.91 -5.78
CA PHE F 72 46.50 14.10 -6.51
C PHE F 72 45.24 14.88 -6.80
N SER F 73 44.72 14.71 -8.01
CA SER F 73 43.47 15.33 -8.37
C SER F 73 42.31 14.62 -7.67
N TRP F 74 41.11 15.17 -7.85
CA TRP F 74 39.93 14.55 -7.27
C TRP F 74 39.73 13.14 -7.81
N ARG F 75 39.89 12.96 -9.11
CA ARG F 75 39.65 11.65 -9.71
C ARG F 75 40.77 10.67 -9.39
N GLN F 76 41.99 11.16 -9.21
CA GLN F 76 43.07 10.28 -8.79
C GLN F 76 42.83 9.77 -7.38
N ALA F 77 42.36 10.63 -6.49
CA ALA F 77 42.01 10.19 -5.14
C ALA F 77 40.84 9.23 -5.16
N ALA F 78 39.85 9.46 -6.02
CA ALA F 78 38.76 8.51 -6.17
C ALA F 78 39.28 7.16 -6.65
N PHE F 79 40.25 7.18 -7.57
CA PHE F 79 40.85 5.94 -8.02
C PHE F 79 41.55 5.21 -6.88
N VAL F 80 42.28 5.96 -6.05
CA VAL F 80 42.97 5.32 -4.94
C VAL F 80 41.97 4.68 -4.00
N ASP F 81 40.90 5.41 -3.66
CA ASP F 81 39.88 4.86 -2.78
C ASP F 81 39.28 3.59 -3.35
N SER F 82 38.83 3.64 -4.60
CA SER F 82 38.16 2.47 -5.19
C SER F 82 39.14 1.32 -5.37
N TYR F 83 40.38 1.62 -5.74
CA TYR F 83 41.38 0.57 -5.91
C TYR F 83 41.62 -0.14 -4.61
N CYS F 84 41.79 0.60 -3.51
CA CYS F 84 42.07 -0.06 -2.25
C CYS F 84 40.85 -0.82 -1.74
N TRP F 85 39.66 -0.27 -1.97
CA TRP F 85 38.42 -1.00 -1.66
C TRP F 85 38.39 -2.35 -2.37
N ALA F 86 38.74 -2.36 -3.66
CA ALA F 86 38.76 -3.62 -4.39
C ALA F 86 40.00 -4.43 -4.04
N ALA F 87 40.99 -3.81 -3.42
CA ALA F 87 42.26 -4.44 -3.14
C ALA F 87 42.34 -5.03 -1.76
N VAL F 88 41.32 -4.87 -0.92
CA VAL F 88 41.31 -5.62 0.33
C VAL F 88 41.31 -7.13 0.05
N GLN F 89 40.91 -7.52 -1.17
CA GLN F 89 40.97 -8.94 -1.53
C GLN F 89 42.37 -9.33 -1.98
N GLN F 90 42.94 -8.61 -2.94
CA GLN F 90 44.26 -8.93 -3.47
C GLN F 90 45.28 -8.74 -2.36
N LYS F 91 45.81 -9.84 -1.83
CA LYS F 91 46.64 -9.77 -0.63
C LYS F 91 47.99 -9.13 -0.91
N ASN F 92 48.42 -9.13 -2.18
CA ASN F 92 49.73 -8.60 -2.50
C ASN F 92 49.77 -7.08 -2.36
N SER F 93 48.64 -6.41 -2.64
CA SER F 93 48.64 -4.96 -2.69
C SER F 93 48.67 -4.34 -1.31
N LEU F 94 47.87 -4.85 -0.38
CA LEU F 94 47.67 -4.21 0.91
C LEU F 94 48.52 -4.90 1.97
N GLN F 95 49.06 -4.11 2.89
CA GLN F 95 49.82 -4.61 4.03
C GLN F 95 49.14 -4.12 5.30
N SER F 96 48.60 -5.05 6.08
CA SER F 96 47.91 -4.72 7.31
C SER F 96 48.53 -5.48 8.47
N GLU F 97 48.62 -4.80 9.62
CA GLU F 97 49.22 -5.42 10.80
C GLU F 97 48.41 -6.61 11.30
N SER F 98 47.09 -6.52 11.27
CA SER F 98 46.26 -7.62 11.77
C SER F 98 46.19 -8.76 10.78
N GLY F 99 46.22 -8.46 9.49
CA GLY F 99 46.13 -9.46 8.45
C GLY F 99 45.05 -9.13 7.44
N ASN F 100 44.98 -9.98 6.41
CA ASN F 100 44.01 -9.76 5.34
C ASN F 100 42.62 -10.26 5.73
N LEU F 101 42.58 -11.26 6.63
CA LEU F 101 41.29 -11.76 7.08
C LEU F 101 40.44 -10.71 7.76
N PRO F 102 40.96 -9.87 8.66
CA PRO F 102 40.12 -8.79 9.19
C PRO F 102 39.62 -7.86 8.10
N LEU F 103 40.42 -7.62 7.06
CA LEU F 103 39.98 -6.75 5.98
C LEU F 103 38.81 -7.38 5.23
N TRP F 104 38.94 -8.66 4.89
CA TRP F 104 37.82 -9.37 4.29
C TRP F 104 36.58 -9.28 5.15
N LEU F 105 36.71 -9.49 6.45
CA LEU F 105 35.56 -9.49 7.33
C LEU F 105 34.95 -8.09 7.44
N HIS F 106 35.79 -7.06 7.32
CA HIS F 106 35.28 -5.70 7.41
C HIS F 106 34.23 -5.46 6.32
N LYS F 107 34.63 -5.65 5.08
CA LYS F 107 33.76 -5.46 3.91
C LYS F 107 32.56 -6.41 3.84
N PHE F 108 32.78 -7.66 4.21
CA PHE F 108 31.73 -8.68 4.15
C PHE F 108 30.80 -8.76 5.36
N PHE F 109 31.06 -7.93 6.38
CA PHE F 109 30.25 -7.95 7.59
C PHE F 109 28.77 -7.61 7.38
N PRO F 110 28.49 -6.61 6.52
CA PRO F 110 27.11 -6.21 6.26
C PRO F 110 26.24 -7.29 5.64
N TYR F 111 26.78 -8.05 4.69
CA TYR F 111 26.02 -9.11 4.04
C TYR F 111 25.85 -10.31 4.98
N ILE F 112 26.92 -10.61 5.70
CA ILE F 112 26.96 -11.72 6.66
C ILE F 112 25.78 -11.64 7.61
N LEU F 113 25.41 -10.43 8.03
CA LEU F 113 24.24 -10.31 8.88
C LEU F 113 22.97 -10.70 8.13
N LEU F 114 22.84 -10.31 6.87
CA LEU F 114 21.69 -10.72 6.09
C LEU F 114 21.67 -12.23 5.90
N LEU F 115 22.85 -12.83 5.73
CA LEU F 115 22.93 -14.28 5.61
C LEU F 115 22.44 -14.95 6.87
N PHE F 116 22.83 -14.42 8.03
CA PHE F 116 22.36 -14.98 9.29
C PHE F 116 20.85 -14.80 9.44
N ALA F 117 20.33 -13.65 9.03
CA ALA F 117 18.89 -13.44 9.08
C ALA F 117 18.15 -14.45 8.20
N ILE F 118 18.65 -14.68 7.00
CA ILE F 118 18.02 -15.63 6.10
C ILE F 118 18.08 -17.05 6.66
N LEU F 119 19.26 -17.48 7.11
CA LEU F 119 19.39 -18.82 7.67
C LEU F 119 18.52 -18.99 8.91
N LEU F 120 18.32 -17.92 9.68
CA LEU F 120 17.47 -18.03 10.86
C LEU F 120 16.00 -18.01 10.48
N TYR F 121 15.67 -17.42 9.33
CA TYR F 121 14.30 -17.47 8.84
C TYR F 121 13.97 -18.80 8.18
N LEU F 122 14.97 -19.55 7.74
CA LEU F 122 14.72 -20.79 7.01
C LEU F 122 13.98 -21.85 7.85
N PRO F 123 14.37 -22.15 9.10
CA PRO F 123 13.66 -23.19 9.84
C PRO F 123 12.21 -22.83 10.12
N PRO F 124 11.89 -21.58 10.49
CA PRO F 124 10.46 -21.24 10.62
C PRO F 124 9.71 -21.37 9.31
N LEU F 125 10.37 -21.10 8.19
CA LEU F 125 9.71 -21.29 6.90
C LEU F 125 9.45 -22.76 6.62
N PHE F 126 10.43 -23.61 6.89
CA PHE F 126 10.23 -25.04 6.73
C PHE F 126 9.11 -25.55 7.62
N TRP F 127 9.05 -25.02 8.83
CA TRP F 127 8.04 -25.43 9.78
C TRP F 127 6.63 -25.15 9.27
N ARG F 128 6.47 -24.02 8.60
CA ARG F 128 5.16 -23.62 8.09
C ARG F 128 4.56 -24.57 7.05
N PHE F 129 5.37 -25.06 6.12
CA PHE F 129 4.85 -25.96 5.10
C PHE F 129 5.00 -27.44 5.41
N ALA F 130 6.20 -27.85 5.81
CA ALA F 130 6.50 -29.24 6.12
C ALA F 130 5.77 -29.87 7.30
N ALA F 131 5.62 -29.12 8.39
CA ALA F 131 4.98 -29.68 9.58
C ALA F 131 3.73 -28.98 10.11
N ALA F 132 3.64 -27.66 9.94
CA ALA F 132 2.49 -26.93 10.46
C ALA F 132 1.16 -27.48 9.94
N PRO F 133 1.01 -27.82 8.66
CA PRO F 133 -0.29 -28.38 8.23
C PRO F 133 -0.59 -29.73 8.85
N HIS F 134 0.42 -30.58 9.00
CA HIS F 134 0.21 -31.88 9.62
C HIS F 134 -0.36 -31.74 11.02
N ILE F 135 0.16 -30.79 11.80
CA ILE F 135 -0.35 -30.60 13.15
C ILE F 135 -1.66 -29.83 13.11
N CYS F 136 -1.86 -29.00 12.09
CA CYS F 136 -3.07 -28.19 12.01
C CYS F 136 -4.29 -29.07 11.76
N SER F 137 -4.19 -29.98 10.79
CA SER F 137 -5.31 -30.87 10.53
C SER F 137 -5.64 -31.71 11.75
N ASP F 138 -4.62 -32.30 12.38
CA ASP F 138 -4.86 -33.13 13.56
C ASP F 138 -5.47 -32.32 14.70
N LEU F 139 -4.99 -31.10 14.91
CA LEU F 139 -5.50 -30.30 16.02
C LEU F 139 -6.92 -29.86 15.76
N LYS F 140 -7.23 -29.49 14.52
CA LYS F 140 -8.61 -29.13 14.19
C LYS F 140 -9.53 -30.32 14.37
N PHE F 141 -9.07 -31.52 13.98
CA PHE F 141 -9.89 -32.71 14.17
C PHE F 141 -10.09 -32.99 15.66
N ILE F 142 -9.05 -32.83 16.47
CA ILE F 142 -9.17 -33.08 17.89
C ILE F 142 -10.15 -32.10 18.53
N MET F 143 -10.07 -30.83 18.14
CA MET F 143 -11.00 -29.85 18.68
C MET F 143 -12.44 -30.15 18.27
N GLU F 144 -12.65 -30.51 17.00
CA GLU F 144 -13.99 -30.88 16.57
C GLU F 144 -14.51 -32.10 17.33
N GLU F 145 -13.67 -33.11 17.53
CA GLU F 145 -14.09 -34.30 18.25
C GLU F 145 -14.38 -33.98 19.71
N LEU F 146 -13.64 -33.06 20.31
CA LEU F 146 -13.91 -32.69 21.69
C LEU F 146 -15.24 -31.94 21.80
N ASP F 147 -15.50 -31.01 20.87
CA ASP F 147 -16.79 -30.35 20.87
C ASP F 147 -17.92 -31.35 20.68
N LYS F 148 -17.71 -32.35 19.81
CA LYS F 148 -18.75 -33.33 19.55
C LYS F 148 -19.02 -34.19 20.79
N VAL F 149 -17.95 -34.64 21.47
CA VAL F 149 -18.14 -35.47 22.65
C VAL F 149 -18.81 -34.66 23.76
N TYR F 150 -18.49 -33.37 23.85
CA TYR F 150 -19.16 -32.52 24.84
C TYR F 150 -20.64 -32.40 24.53
N ASN F 151 -20.98 -32.14 23.26
CA ASN F 151 -22.38 -32.05 22.87
C ASN F 151 -23.12 -33.34 23.16
N ARG F 152 -22.50 -34.49 22.85
CA ARG F 152 -23.16 -35.77 23.09
C ARG F 152 -23.33 -36.03 24.57
N ALA F 153 -22.35 -35.64 25.39
CA ALA F 153 -22.45 -35.84 26.82
C ALA F 153 -23.58 -35.01 27.41
N ILE F 154 -23.71 -33.76 26.98
CA ILE F 154 -24.77 -32.92 27.53
C ILE F 154 -26.14 -33.34 26.97
N LYS F 155 -26.16 -33.89 25.75
CA LYS F 155 -27.41 -34.40 25.22
C LYS F 155 -27.87 -35.63 25.99
N ALA F 156 -26.94 -36.52 26.33
CA ALA F 156 -27.27 -37.66 27.17
C ALA F 156 -27.72 -37.21 28.55
N ALA F 157 -27.04 -36.21 29.11
CA ALA F 157 -27.44 -35.67 30.40
C ALA F 157 -28.80 -34.97 30.32
N LYS F 158 -29.05 -34.25 29.22
CA LYS F 158 -30.34 -33.59 29.05
C LYS F 158 -31.46 -34.60 28.92
N SER F 159 -31.23 -35.69 28.19
CA SER F 159 -32.24 -36.73 28.06
C SER F 159 -32.50 -37.40 29.41
N ALA F 160 -31.46 -37.53 30.23
CA ALA F 160 -31.65 -38.09 31.57
C ALA F 160 -32.46 -37.14 32.45
N ARG F 161 -32.25 -35.84 32.30
CA ARG F 161 -33.03 -34.87 33.06
C ARG F 161 -34.50 -34.88 32.62
N ASP F 162 -34.75 -35.25 31.36
CA ASP F 162 -36.10 -35.33 30.86
C ASP F 162 -36.77 -36.63 31.28
N PRO F 194 -14.14 -43.91 22.54
CA PRO F 194 -13.21 -42.79 22.75
C PRO F 194 -12.28 -42.62 21.57
N ILE F 195 -12.77 -41.99 20.50
CA ILE F 195 -11.99 -41.90 19.27
C ILE F 195 -10.83 -40.94 19.44
N VAL F 196 -11.05 -39.81 20.10
CA VAL F 196 -9.96 -38.84 20.27
C VAL F 196 -8.93 -39.36 21.24
N GLU F 197 -9.36 -40.11 22.25
CA GLU F 197 -8.40 -40.71 23.17
C GLU F 197 -7.54 -41.74 22.46
N GLN F 198 -8.14 -42.54 21.58
CA GLN F 198 -7.36 -43.51 20.81
C GLN F 198 -6.42 -42.81 19.84
N TYR F 199 -6.86 -41.70 19.25
CA TYR F 199 -6.00 -40.95 18.34
C TYR F 199 -4.77 -40.42 19.07
N LEU F 200 -4.98 -39.87 20.27
CA LEU F 200 -3.85 -39.38 21.04
C LEU F 200 -2.95 -40.51 21.51
N LYS F 201 -3.54 -41.64 21.88
CA LYS F 201 -2.74 -42.82 22.19
C LYS F 201 -1.86 -43.21 21.01
N THR F 202 -2.39 -43.07 19.79
CA THR F 202 -1.58 -43.34 18.61
C THR F 202 -0.47 -42.31 18.44
N LYS F 203 -0.84 -41.04 18.63
CA LYS F 203 0.12 -39.90 18.49
C LYS F 203 1.38 -40.19 19.33
N LYS F 204 1.23 -40.89 20.45
CA LYS F 204 2.37 -41.23 21.34
C LYS F 204 3.36 -42.15 20.59
N ASN F 205 2.83 -43.07 19.78
CA ASN F 205 3.64 -44.07 19.03
C ASN F 205 4.62 -43.41 18.05
N SER F 206 4.20 -42.36 17.33
CA SER F 206 5.11 -41.75 16.33
C SER F 206 5.64 -40.38 16.81
N ASN F 207 6.97 -40.26 16.90
CA ASN F 207 7.63 -39.00 17.34
C ASN F 207 7.94 -38.13 16.11
N ASN F 208 7.63 -38.65 14.92
CA ASN F 208 8.17 -38.08 13.65
C ASN F 208 7.68 -36.63 13.50
N LEU F 209 6.41 -36.38 13.82
CA LEU F 209 5.83 -35.01 13.71
C LEU F 209 6.58 -34.08 14.67
N ILE F 210 6.90 -34.56 15.86
CA ILE F 210 7.62 -33.75 16.89
C ILE F 210 9.08 -33.62 16.47
N ILE F 211 9.59 -34.59 15.69
CA ILE F 211 10.97 -34.56 15.25
C ILE F 211 11.17 -33.44 14.25
N LYS F 212 10.15 -33.14 13.43
CA LYS F 212 10.23 -31.95 12.58
C LYS F 212 10.39 -30.69 13.43
N TYR F 213 9.61 -30.59 14.50
CA TYR F 213 9.65 -29.40 15.35
C TYR F 213 11.00 -29.26 16.05
N ILE F 214 11.47 -30.33 16.69
CA ILE F 214 12.75 -30.22 17.40
C ILE F 214 13.90 -30.10 16.42
N SER F 215 13.70 -30.54 15.17
CA SER F 215 14.75 -30.37 14.18
C SER F 215 14.84 -28.90 13.73
N CYS F 216 13.69 -28.26 13.48
CA CYS F 216 13.74 -26.85 13.12
C CYS F 216 14.26 -26.02 14.29
N ARG F 217 13.87 -26.38 15.51
CA ARG F 217 14.40 -25.67 16.68
C ARG F 217 15.89 -25.90 16.83
N LEU F 218 16.37 -27.11 16.53
CA LEU F 218 17.78 -27.41 16.69
C LEU F 218 18.61 -26.69 15.64
N LEU F 219 18.11 -26.61 14.41
CA LEU F 219 18.81 -25.81 13.40
C LEU F 219 18.79 -24.33 13.77
N THR F 220 17.68 -23.85 14.33
CA THR F 220 17.66 -22.47 14.81
C THR F 220 18.72 -22.24 15.88
N LEU F 221 18.84 -23.17 16.82
CA LEU F 221 19.84 -23.03 17.86
C LEU F 221 21.25 -23.10 17.30
N ILE F 222 21.49 -24.00 16.35
CA ILE F 222 22.82 -24.14 15.76
C ILE F 222 23.20 -22.88 15.02
N ILE F 223 22.27 -22.31 14.25
CA ILE F 223 22.57 -21.10 13.51
C ILE F 223 22.74 -19.92 14.46
N ILE F 224 21.97 -19.88 15.55
CA ILE F 224 22.14 -18.82 16.53
C ILE F 224 23.50 -18.92 17.20
N LEU F 225 23.95 -20.14 17.49
CA LEU F 225 25.26 -20.30 18.11
C LEU F 225 26.38 -19.95 17.15
N LEU F 226 26.23 -20.32 15.88
CA LEU F 226 27.22 -19.93 14.89
C LEU F 226 27.26 -18.41 14.72
N ALA F 227 26.10 -17.78 14.77
CA ALA F 227 26.06 -16.32 14.69
C ALA F 227 26.70 -15.69 15.92
N CYS F 228 26.46 -16.26 17.09
CA CYS F 228 27.13 -15.77 18.30
C CYS F 228 28.64 -15.90 18.17
N ILE F 229 29.11 -17.03 17.66
CA ILE F 229 30.55 -17.23 17.50
C ILE F 229 31.12 -16.21 16.53
N TYR F 230 30.46 -16.01 15.38
CA TYR F 230 30.96 -15.06 14.41
C TYR F 230 30.95 -13.65 14.96
N LEU F 231 29.88 -13.25 15.65
CA LEU F 231 29.78 -11.89 16.16
C LEU F 231 30.76 -11.65 17.29
N GLY F 232 30.99 -12.66 18.12
CA GLY F 232 31.98 -12.52 19.16
C GLY F 232 33.39 -12.42 18.60
N TYR F 233 33.65 -13.16 17.52
CA TYR F 233 34.95 -13.01 16.86
C TYR F 233 35.08 -11.62 16.23
N TYR F 234 34.06 -11.20 15.50
CA TYR F 234 34.13 -9.92 14.79
C TYR F 234 34.28 -8.76 15.76
N PHE F 235 33.50 -8.78 16.85
CA PHE F 235 33.64 -7.75 17.87
C PHE F 235 35.00 -7.82 18.53
N SER F 236 35.66 -8.97 18.48
CA SER F 236 36.97 -9.10 19.11
C SER F 236 38.09 -8.55 18.24
N LEU F 237 37.71 -7.92 17.14
CA LEU F 237 38.68 -7.29 16.26
C LEU F 237 39.38 -6.15 17.02
N SER F 238 40.62 -5.87 16.63
CA SER F 238 41.43 -4.86 17.29
C SER F 238 40.87 -3.43 17.27
N SER F 239 40.12 -3.11 16.21
CA SER F 239 39.48 -1.81 15.88
C SER F 239 40.48 -0.83 15.26
N LEU F 240 41.62 -1.39 14.89
CA LEU F 240 42.70 -0.69 14.24
C LEU F 240 42.87 -1.50 12.97
N SER F 241 42.29 -2.71 12.95
CA SER F 241 42.40 -3.52 11.75
C SER F 241 41.64 -2.89 10.59
N ASP F 242 40.84 -1.87 10.86
CA ASP F 242 40.17 -1.14 9.79
C ASP F 242 41.11 -0.17 9.09
N GLU F 243 42.30 0.06 9.63
CA GLU F 243 43.32 0.88 8.98
C GLU F 243 44.33 -0.04 8.33
N PHE F 244 44.40 0.02 7.00
CA PHE F 244 45.33 -0.82 6.28
C PHE F 244 46.08 0.03 5.28
N VAL F 245 47.33 -0.34 5.04
CA VAL F 245 48.18 0.37 4.09
C VAL F 245 47.97 -0.26 2.73
N CYS F 246 47.71 0.56 1.72
CA CYS F 246 47.37 0.10 0.39
C CYS F 246 48.29 0.75 -0.63
N SER F 247 48.67 0.00 -1.64
CA SER F 247 49.64 0.44 -2.62
C SER F 247 49.10 0.21 -4.02
N ILE F 248 48.82 1.29 -4.74
CA ILE F 248 48.36 1.16 -6.12
C ILE F 248 49.59 1.16 -7.03
N LYS F 249 50.27 0.02 -7.11
CA LYS F 249 51.50 -0.08 -7.87
C LYS F 249 51.58 -1.38 -8.65
N SER F 250 50.45 -1.92 -9.08
CA SER F 250 50.47 -3.03 -10.01
C SER F 250 50.24 -2.51 -11.43
N GLY F 251 50.69 -3.29 -12.41
CA GLY F 251 50.56 -2.86 -13.79
C GLY F 251 51.54 -1.76 -14.14
N ILE F 252 51.11 -0.87 -15.04
CA ILE F 252 51.97 0.20 -15.50
C ILE F 252 52.28 1.21 -14.40
N LEU F 253 51.53 1.19 -13.30
CA LEU F 253 51.79 2.12 -12.21
C LEU F 253 52.96 1.65 -11.36
N ARG F 254 53.47 0.44 -11.63
CA ARG F 254 54.47 -0.17 -10.76
C ARG F 254 55.71 0.70 -10.63
N ASN F 255 56.30 1.09 -11.75
CA ASN F 255 57.53 1.87 -11.69
C ASN F 255 57.25 3.37 -11.85
N ASP F 256 55.98 3.76 -11.83
CA ASP F 256 55.62 5.17 -11.86
C ASP F 256 56.17 5.88 -10.63
N SER F 257 56.48 7.16 -10.79
CA SER F 257 57.13 7.92 -9.72
C SER F 257 56.23 8.95 -9.07
N THR F 258 55.27 9.52 -9.80
CA THR F 258 54.42 10.55 -9.22
C THR F 258 53.51 9.96 -8.15
N VAL F 259 53.16 8.69 -8.28
CA VAL F 259 52.29 8.02 -7.32
C VAL F 259 53.12 7.56 -6.13
N PRO F 260 52.70 7.86 -4.90
CA PRO F 260 53.47 7.43 -3.73
C PRO F 260 53.45 5.93 -3.55
N ASP F 261 54.38 5.45 -2.72
CA ASP F 261 54.56 4.00 -2.58
C ASP F 261 53.34 3.35 -1.95
N GLN F 262 52.73 4.00 -0.97
CA GLN F 262 51.63 3.39 -0.24
C GLN F 262 50.72 4.47 0.32
N PHE F 263 49.45 4.11 0.48
CA PHE F 263 48.42 5.01 0.98
C PHE F 263 47.88 4.49 2.29
N GLN F 264 47.51 5.41 3.18
CA GLN F 264 46.91 5.03 4.47
C GLN F 264 45.41 5.06 4.31
N CYS F 265 44.82 3.90 4.12
CA CYS F 265 43.37 3.78 3.99
C CYS F 265 42.76 3.37 5.32
N LYS F 266 41.52 3.76 5.55
CA LYS F 266 40.76 3.37 6.73
C LYS F 266 39.35 2.96 6.31
N LEU F 267 38.90 1.83 6.82
CA LEU F 267 37.58 1.30 6.51
C LEU F 267 36.49 2.04 7.28
N ILE F 268 35.60 2.70 6.54
CA ILE F 268 34.50 3.46 7.13
C ILE F 268 33.43 2.57 7.77
N ALA F 269 32.81 3.10 8.81
CA ALA F 269 31.73 2.43 9.53
C ALA F 269 32.03 1.04 10.10
N VAL F 270 33.23 0.85 10.63
CA VAL F 270 33.59 -0.42 11.23
C VAL F 270 33.37 -0.38 12.73
N GLY F 271 33.61 0.76 13.35
CA GLY F 271 33.25 0.92 14.75
C GLY F 271 31.76 0.73 14.97
N ILE F 272 30.95 1.25 14.06
CA ILE F 272 29.52 1.02 14.12
C ILE F 272 29.20 -0.46 13.95
N PHE F 273 29.93 -1.13 13.05
CA PHE F 273 29.72 -2.56 12.85
C PHE F 273 30.01 -3.33 14.12
N GLN F 274 31.08 -2.98 14.83
CA GLN F 274 31.43 -3.71 16.04
C GLN F 274 30.45 -3.41 17.16
N LEU F 275 30.05 -2.14 17.31
CA LEU F 275 29.07 -1.79 18.32
C LEU F 275 27.74 -2.47 18.06
N LEU F 276 27.39 -2.70 16.80
CA LEU F 276 26.14 -3.39 16.51
C LEU F 276 26.31 -4.89 16.63
N SER F 277 27.51 -5.40 16.35
CA SER F 277 27.75 -6.83 16.47
C SER F 277 27.70 -7.27 17.93
N VAL F 278 28.17 -6.41 18.84
CA VAL F 278 28.09 -6.78 20.25
C VAL F 278 26.64 -6.77 20.72
N ILE F 279 25.82 -5.86 20.19
CA ILE F 279 24.40 -5.85 20.52
C ILE F 279 23.74 -7.12 20.02
N ASN F 280 24.00 -7.47 18.77
CA ASN F 280 23.46 -8.71 18.21
C ASN F 280 23.93 -9.92 19.00
N LEU F 281 25.19 -9.95 19.43
CA LEU F 281 25.69 -11.06 20.20
C LEU F 281 25.02 -11.15 21.56
N VAL F 282 24.80 -10.02 22.22
CA VAL F 282 24.12 -10.02 23.51
C VAL F 282 22.70 -10.55 23.35
N VAL F 283 21.97 -10.01 22.37
CA VAL F 283 20.59 -10.47 22.18
C VAL F 283 20.56 -11.94 21.80
N TYR F 284 21.56 -12.41 21.06
CA TYR F 284 21.55 -13.81 20.63
C TYR F 284 21.90 -14.76 21.77
N VAL F 285 22.80 -14.34 22.67
CA VAL F 285 23.11 -15.20 23.80
C VAL F 285 22.03 -15.11 24.86
N LEU F 286 21.17 -14.09 24.77
CA LEU F 286 19.96 -14.10 25.58
C LEU F 286 18.87 -14.96 24.94
N LEU F 287 18.90 -15.08 23.61
CA LEU F 287 17.89 -15.85 22.90
C LEU F 287 18.18 -17.33 22.92
N ALA F 288 19.45 -17.70 22.93
CA ALA F 288 19.81 -19.12 22.89
C ALA F 288 19.24 -19.93 24.05
N PRO F 289 19.26 -19.46 25.30
CA PRO F 289 18.58 -20.24 26.36
C PRO F 289 17.10 -20.42 26.10
N VAL F 290 16.45 -19.42 25.48
CA VAL F 290 15.04 -19.55 25.16
C VAL F 290 14.82 -20.67 24.16
N VAL F 291 15.68 -20.77 23.14
CA VAL F 291 15.56 -21.84 22.16
C VAL F 291 15.84 -23.18 22.80
N VAL F 292 16.85 -23.24 23.68
CA VAL F 292 17.18 -24.49 24.35
C VAL F 292 16.00 -24.96 25.20
N TYR F 293 15.36 -24.03 25.91
CA TYR F 293 14.18 -24.39 26.70
C TYR F 293 13.04 -24.84 25.80
N THR F 294 12.87 -24.15 24.68
CA THR F 294 11.85 -24.50 23.70
C THR F 294 12.23 -25.82 23.05
N LEU F 295 13.52 -26.12 23.04
CA LEU F 295 14.02 -27.36 22.48
C LEU F 295 13.49 -28.55 23.28
N PHE F 296 13.46 -28.39 24.60
CA PHE F 296 12.97 -29.45 25.49
C PHE F 296 11.45 -29.34 25.62
N VAL F 297 10.74 -30.02 24.72
CA VAL F 297 9.28 -30.01 24.71
C VAL F 297 8.64 -30.61 25.96
N PRO F 298 9.20 -31.73 26.45
CA PRO F 298 8.63 -32.38 27.64
C PRO F 298 8.68 -31.51 28.89
N PHE F 299 9.78 -30.77 29.06
CA PHE F 299 9.92 -29.90 30.22
C PHE F 299 8.94 -28.73 30.19
N ARG F 300 8.41 -28.44 29.01
CA ARG F 300 7.47 -27.34 28.83
C ARG F 300 6.01 -27.70 29.12
N GLN F 301 5.59 -28.89 28.70
CA GLN F 301 4.20 -29.31 28.90
C GLN F 301 3.81 -29.43 30.37
N LYS F 302 2.62 -28.94 30.69
CA LYS F 302 2.06 -28.96 32.04
C LYS F 302 0.58 -28.59 31.99
N THR F 303 -0.07 -28.59 33.16
CA THR F 303 -1.48 -28.24 33.31
C THR F 303 -2.34 -29.06 32.34
N ASP F 304 -2.37 -30.37 32.57
CA ASP F 304 -2.99 -31.33 31.65
C ASP F 304 -4.35 -30.84 31.20
N VAL F 305 -4.46 -30.54 29.91
CA VAL F 305 -5.61 -29.82 29.38
C VAL F 305 -6.81 -30.74 29.27
N LEU F 306 -6.57 -32.00 28.93
CA LEU F 306 -7.67 -32.95 28.80
C LEU F 306 -8.21 -33.41 30.14
N LYS F 307 -7.49 -33.14 31.22
CA LYS F 307 -7.96 -33.53 32.54
C LYS F 307 -9.31 -32.89 32.86
N VAL F 308 -9.59 -31.73 32.26
CA VAL F 308 -10.87 -31.08 32.49
C VAL F 308 -12.01 -31.83 31.81
N TYR F 309 -11.72 -32.61 30.79
CA TYR F 309 -12.74 -33.38 30.09
C TYR F 309 -13.07 -34.69 30.78
N GLU F 310 -12.35 -35.06 31.84
CA GLU F 310 -12.55 -36.36 32.45
C GLU F 310 -13.85 -36.43 33.22
N ILE F 311 -14.54 -35.29 33.36
CA ILE F 311 -15.77 -35.24 34.15
C ILE F 311 -16.98 -35.45 33.26
N LEU F 312 -16.74 -35.90 32.02
CA LEU F 312 -17.82 -36.17 31.09
C LEU F 312 -18.09 -37.67 31.04
N PRO F 313 -19.36 -38.09 31.07
CA PRO F 313 -19.64 -39.53 30.95
C PRO F 313 -19.26 -40.10 29.59
N THR F 314 -19.51 -39.33 28.53
CA THR F 314 -19.18 -39.76 27.18
C THR F 314 -17.69 -39.74 26.89
N PHE F 315 -16.87 -39.43 27.89
CA PHE F 315 -15.43 -39.37 27.74
C PHE F 315 -14.78 -40.28 28.76
N ASP F 316 -13.90 -41.17 28.31
CA ASP F 316 -13.24 -42.10 29.21
C ASP F 316 -12.38 -41.35 30.22
N VAL F 317 -12.24 -41.95 31.40
CA VAL F 317 -11.47 -41.31 32.46
C VAL F 317 -10.00 -41.68 32.28
N LEU F 318 -9.30 -40.94 31.42
CA LEU F 318 -7.90 -41.20 31.13
C LEU F 318 -7.29 -39.96 30.48
N HIS F 319 -6.27 -39.40 31.14
CA HIS F 319 -5.48 -38.35 30.49
C HIS F 319 -4.50 -38.95 29.49
N PHE F 320 -3.58 -39.78 29.98
CA PHE F 320 -2.65 -40.52 29.13
C PHE F 320 -1.87 -39.61 28.19
N LYS F 321 -1.31 -38.54 28.75
CA LYS F 321 -0.53 -37.59 27.95
C LYS F 321 0.57 -36.99 28.81
N SER F 322 1.75 -37.62 28.74
CA SER F 322 2.93 -37.17 29.47
C SER F 322 4.15 -38.04 29.17
N GLU F 323 5.32 -37.59 29.62
CA GLU F 323 6.54 -38.39 29.73
C GLU F 323 7.01 -39.00 28.42
N GLY F 324 7.42 -38.20 27.44
CA GLY F 324 8.00 -38.77 26.24
C GLY F 324 8.53 -37.73 25.29
N TYR F 325 9.58 -38.13 24.56
CA TYR F 325 10.07 -37.39 23.41
C TYR F 325 9.31 -37.89 22.20
N ASN F 326 7.99 -37.74 22.23
CA ASN F 326 7.11 -38.24 21.19
C ASN F 326 6.11 -37.16 20.82
N ASP F 327 5.47 -37.34 19.67
CA ASP F 327 4.60 -36.30 19.12
C ASP F 327 3.46 -35.97 20.07
N LEU F 328 3.17 -36.85 21.03
CA LEU F 328 2.08 -36.59 21.95
C LEU F 328 2.36 -35.37 22.81
N SER F 329 3.60 -35.18 23.23
CA SER F 329 3.93 -34.01 24.05
C SER F 329 3.80 -32.73 23.23
N LEU F 330 4.25 -32.76 21.98
CA LEU F 330 4.07 -31.61 21.10
C LEU F 330 2.60 -31.29 20.91
N TYR F 331 1.78 -32.32 20.70
CA TYR F 331 0.35 -32.10 20.56
C TYR F 331 -0.24 -31.56 21.85
N ASN F 332 0.30 -31.98 22.99
CA ASN F 332 -0.16 -31.44 24.27
C ASN F 332 0.13 -29.95 24.35
N LEU F 333 1.33 -29.54 23.93
CA LEU F 333 1.64 -28.11 23.93
C LEU F 333 0.70 -27.35 23.00
N PHE F 334 0.49 -27.85 21.78
CA PHE F 334 -0.34 -27.12 20.84
C PHE F 334 -1.79 -27.10 21.28
N LEU F 335 -2.24 -28.16 21.97
CA LEU F 335 -3.58 -28.17 22.53
C LEU F 335 -3.70 -27.17 23.67
N GLU F 336 -2.70 -27.12 24.54
CA GLU F 336 -2.69 -26.14 25.62
C GLU F 336 -2.74 -24.72 25.06
N GLU F 337 -2.15 -24.51 23.89
CA GLU F 337 -2.18 -23.18 23.31
C GLU F 337 -3.54 -22.88 22.67
N ASN F 338 -3.99 -23.74 21.75
CA ASN F 338 -5.16 -23.46 20.94
C ASN F 338 -6.47 -23.92 21.59
N ILE F 339 -6.42 -24.37 22.83
CA ILE F 339 -7.61 -24.97 23.44
C ILE F 339 -8.57 -23.89 23.93
N SER F 340 -8.07 -22.67 24.10
CA SER F 340 -8.95 -21.59 24.55
C SER F 340 -9.99 -21.25 23.50
N GLU F 341 -9.72 -21.58 22.24
CA GLU F 341 -10.71 -21.37 21.19
C GLU F 341 -11.87 -22.36 21.32
N VAL F 342 -11.63 -23.49 22.00
CA VAL F 342 -12.66 -24.51 22.14
C VAL F 342 -13.66 -24.10 23.21
N LYS F 343 -14.91 -23.88 22.80
CA LYS F 343 -15.94 -23.44 23.73
C LYS F 343 -16.22 -24.50 24.80
N SER F 344 -16.31 -25.76 24.37
CA SER F 344 -16.55 -26.83 25.33
C SER F 344 -15.47 -26.87 26.39
N TYR F 345 -14.21 -26.67 26.00
CA TYR F 345 -13.14 -26.61 26.98
C TYR F 345 -13.35 -25.46 27.94
N LYS F 346 -13.79 -24.31 27.43
CA LYS F 346 -14.01 -23.15 28.30
C LYS F 346 -15.06 -23.45 29.36
N CYS F 347 -16.21 -23.99 28.93
CA CYS F 347 -17.26 -24.30 29.90
C CYS F 347 -16.82 -25.38 30.87
N LEU F 348 -16.12 -26.40 30.39
CA LEU F 348 -15.65 -27.45 31.29
C LEU F 348 -14.66 -26.90 32.31
N LYS F 349 -13.82 -25.94 31.90
CA LYS F 349 -12.88 -25.36 32.84
C LYS F 349 -13.61 -24.48 33.85
N VAL F 350 -14.68 -23.81 33.41
CA VAL F 350 -15.53 -23.11 34.38
C VAL F 350 -16.05 -24.07 35.43
N LEU F 351 -16.62 -25.19 34.97
CA LEU F 351 -17.19 -26.20 35.85
C LEU F 351 -16.18 -27.21 36.38
N GLU F 352 -15.12 -27.46 35.62
CA GLU F 352 -14.10 -28.42 36.06
C GLU F 352 -13.47 -27.92 37.37
N ASN F 353 -13.16 -26.63 37.40
CA ASN F 353 -12.61 -25.99 38.59
C ASN F 353 -13.63 -26.01 39.73
N ILE F 354 -14.88 -25.79 39.36
CA ILE F 354 -16.00 -25.77 40.30
C ILE F 354 -16.17 -27.11 41.00
N LYS F 355 -15.96 -28.20 40.27
CA LYS F 355 -16.09 -29.54 40.82
C LYS F 355 -15.11 -29.76 41.97
N SER F 356 -13.88 -29.25 41.80
CA SER F 356 -12.85 -29.36 42.83
C SER F 356 -13.29 -28.62 44.10
N SER F 357 -13.91 -27.45 43.91
CA SER F 357 -14.40 -26.63 45.02
C SER F 357 -15.47 -27.38 45.82
N GLY F 358 -16.33 -28.11 45.12
CA GLY F 358 -17.39 -28.86 45.76
C GLY F 358 -18.66 -28.08 46.02
N GLN F 359 -18.73 -26.86 45.50
CA GLN F 359 -19.92 -26.03 45.67
C GLN F 359 -21.13 -26.68 45.00
N GLY F 360 -20.91 -27.27 43.83
CA GLY F 360 -21.97 -27.93 43.09
C GLY F 360 -21.46 -29.19 42.43
N ILE F 361 -22.36 -30.11 42.09
CA ILE F 361 -21.95 -31.36 41.45
C ILE F 361 -21.69 -31.10 39.97
N ASP F 362 -20.81 -31.90 39.38
CA ASP F 362 -20.39 -31.71 38.00
C ASP F 362 -21.54 -31.92 37.00
N PRO F 363 -22.26 -33.05 37.04
CA PRO F 363 -23.31 -33.24 36.03
C PRO F 363 -24.45 -32.27 36.17
N MET F 364 -24.81 -31.89 37.40
CA MET F 364 -25.89 -30.92 37.59
C MET F 364 -25.51 -29.57 37.00
N LEU F 365 -24.30 -29.08 37.31
CA LEU F 365 -23.87 -27.81 36.76
C LEU F 365 -23.71 -27.88 35.24
N LEU F 366 -23.32 -29.04 34.73
CA LEU F 366 -23.22 -29.20 33.28
C LEU F 366 -24.59 -29.10 32.62
N LEU F 367 -25.58 -29.80 33.18
CA LEU F 367 -26.94 -29.69 32.66
C LEU F 367 -27.44 -28.26 32.76
N THR F 368 -27.07 -27.57 33.84
CA THR F 368 -27.49 -26.19 34.05
C THR F 368 -26.76 -25.24 33.10
N ASN F 369 -25.59 -25.68 32.63
CA ASN F 369 -24.79 -24.87 31.71
C ASN F 369 -25.51 -24.60 30.40
N LEU F 370 -26.20 -25.61 29.89
CA LEU F 370 -26.95 -25.52 28.64
C LEU F 370 -26.12 -24.91 27.52
N LEU G 30 -0.73 -27.87 -3.62
CA LEU G 30 -0.43 -28.04 -5.05
C LEU G 30 1.06 -27.96 -5.35
N GLU G 31 1.90 -27.74 -4.35
CA GLU G 31 3.36 -27.78 -4.50
C GLU G 31 3.93 -28.42 -3.25
N LEU G 32 4.62 -29.54 -3.42
CA LEU G 32 5.17 -30.25 -2.28
C LEU G 32 6.11 -29.35 -1.49
N ALA G 33 6.10 -29.51 -0.17
CA ALA G 33 6.86 -28.63 0.70
C ALA G 33 8.33 -28.60 0.30
N VAL G 34 8.90 -29.75 -0.04
CA VAL G 34 10.30 -29.77 -0.47
C VAL G 34 10.46 -29.05 -1.80
N ASP G 35 9.47 -29.17 -2.69
CA ASP G 35 9.53 -28.43 -3.94
C ASP G 35 9.36 -26.95 -3.73
N LYS G 36 8.45 -26.56 -2.83
CA LYS G 36 8.27 -25.15 -2.53
C LYS G 36 9.53 -24.55 -1.95
N MET G 37 10.21 -25.28 -1.05
CA MET G 37 11.43 -24.73 -0.46
C MET G 37 12.58 -24.73 -1.46
N VAL G 38 12.66 -25.73 -2.33
CA VAL G 38 13.69 -25.71 -3.37
C VAL G 38 13.49 -24.53 -4.30
N THR G 39 12.24 -24.26 -4.69
CA THR G 39 11.97 -23.10 -5.52
C THR G 39 12.32 -21.81 -4.80
N CYS G 40 11.87 -21.69 -3.54
CA CYS G 40 12.15 -20.49 -2.77
C CYS G 40 13.64 -20.22 -2.67
N ILE G 41 14.42 -21.24 -2.35
CA ILE G 41 15.87 -21.07 -2.26
C ILE G 41 16.45 -20.72 -3.62
N ALA G 42 16.25 -21.58 -4.61
CA ALA G 42 16.91 -21.43 -5.90
C ALA G 42 16.53 -20.13 -6.59
N VAL G 43 15.41 -19.52 -6.19
CA VAL G 43 15.00 -18.28 -6.84
C VAL G 43 15.39 -17.07 -5.99
N GLY G 44 15.11 -17.12 -4.69
CA GLY G 44 15.35 -15.97 -3.85
C GLY G 44 16.82 -15.76 -3.53
N LEU G 45 17.60 -16.84 -3.50
CA LEU G 45 19.02 -16.69 -3.19
C LEU G 45 19.76 -15.88 -4.23
N PRO G 46 19.63 -16.13 -5.55
CA PRO G 46 20.28 -15.22 -6.49
C PRO G 46 19.73 -13.81 -6.41
N LEU G 47 18.44 -13.63 -6.13
CA LEU G 47 17.90 -12.28 -6.00
C LEU G 47 18.44 -11.61 -4.74
N LEU G 48 18.45 -12.31 -3.61
CA LEU G 48 19.00 -11.74 -2.39
C LEU G 48 20.47 -11.40 -2.57
N LEU G 49 21.21 -12.24 -3.28
CA LEU G 49 22.63 -11.98 -3.51
C LEU G 49 22.85 -10.80 -4.44
N ILE G 50 22.01 -10.66 -5.47
CA ILE G 50 22.07 -9.46 -6.30
C ILE G 50 21.83 -8.23 -5.44
N SER G 51 20.80 -8.26 -4.60
CA SER G 51 20.49 -7.09 -3.78
C SER G 51 21.59 -6.80 -2.78
N LEU G 52 22.27 -7.84 -2.29
CA LEU G 52 23.38 -7.63 -1.37
C LEU G 52 24.59 -7.06 -2.08
N ALA G 53 24.87 -7.53 -3.30
CA ALA G 53 26.08 -7.11 -3.99
C ALA G 53 26.13 -5.61 -4.22
N PHE G 54 24.93 -5.02 -4.33
CA PHE G 54 24.80 -3.61 -4.66
C PHE G 54 24.25 -2.79 -3.50
N ALA G 55 24.46 -3.29 -2.30
CA ALA G 55 24.03 -2.58 -1.11
C ALA G 55 24.92 -1.35 -0.96
N GLN G 56 24.37 -0.29 -0.36
CA GLN G 56 25.14 0.93 -0.17
C GLN G 56 26.36 0.68 0.71
N GLU G 57 26.18 -0.12 1.75
CA GLU G 57 27.26 -0.48 2.65
C GLU G 57 28.38 -1.30 2.01
N ILE G 58 28.16 -1.95 0.85
CA ILE G 58 29.27 -2.72 0.32
C ILE G 58 29.82 -2.06 -0.93
N SER G 59 28.97 -1.35 -1.66
CA SER G 59 29.40 -0.59 -2.84
C SER G 59 30.08 0.69 -2.37
N ILE G 60 31.31 0.92 -2.84
CA ILE G 60 32.00 2.16 -2.52
C ILE G 60 31.52 3.29 -3.43
N GLY G 61 31.03 2.95 -4.61
CA GLY G 61 30.65 3.96 -5.58
C GLY G 61 30.45 3.37 -6.95
N THR G 62 31.13 3.93 -7.94
CA THR G 62 31.04 3.40 -9.30
C THR G 62 31.57 1.97 -9.35
N GLN G 63 31.25 1.29 -10.45
CA GLN G 63 31.69 -0.09 -10.61
C GLN G 63 33.08 -0.16 -11.24
N ILE G 64 33.56 0.95 -11.78
CA ILE G 64 34.87 1.00 -12.42
C ILE G 64 35.54 2.32 -12.04
N SER G 65 36.86 2.28 -11.92
CA SER G 65 37.67 3.47 -11.67
C SER G 65 38.96 3.32 -12.47
N CYS G 66 39.41 4.41 -13.09
CA CYS G 66 40.42 4.29 -14.13
C CYS G 66 41.71 5.08 -13.88
N PHE G 67 41.74 5.96 -12.89
CA PHE G 67 42.96 6.71 -12.58
C PHE G 67 43.50 7.48 -13.77
N SER G 68 42.79 8.50 -14.22
CA SER G 68 43.30 9.43 -15.20
C SER G 68 44.47 10.21 -14.61
N PRO G 69 45.29 10.84 -15.44
CA PRO G 69 46.37 11.68 -14.91
C PRO G 69 45.83 12.84 -14.10
N SER G 70 46.74 13.48 -13.36
CA SER G 70 46.35 14.61 -12.52
C SER G 70 45.95 15.81 -13.36
N SER G 71 46.52 15.93 -14.56
CA SER G 71 46.21 17.07 -15.41
C SER G 71 44.79 17.00 -15.94
N PHE G 72 44.24 15.79 -16.03
CA PHE G 72 42.89 15.62 -16.53
C PHE G 72 41.89 16.32 -15.61
N SER G 73 40.90 16.98 -16.21
CA SER G 73 39.86 17.60 -15.43
C SER G 73 38.92 16.54 -14.88
N TRP G 74 37.97 16.99 -14.06
CA TRP G 74 36.98 16.07 -13.51
C TRP G 74 36.20 15.37 -14.61
N ARG G 75 35.77 16.14 -15.61
CA ARG G 75 34.93 15.57 -16.66
C ARG G 75 35.75 14.70 -17.61
N GLN G 76 37.02 15.02 -17.80
CA GLN G 76 37.87 14.15 -18.60
C GLN G 76 38.08 12.81 -17.93
N ALA G 77 38.27 12.82 -16.61
CA ALA G 77 38.38 11.55 -15.88
C ALA G 77 37.07 10.79 -15.92
N ALA G 78 35.93 11.49 -15.82
CA ALA G 78 34.65 10.81 -15.96
C ALA G 78 34.52 10.18 -17.35
N PHE G 79 35.00 10.87 -18.38
CA PHE G 79 34.98 10.30 -19.71
C PHE G 79 35.84 9.05 -19.78
N VAL G 80 37.01 9.09 -19.17
CA VAL G 80 37.87 7.91 -19.21
C VAL G 80 37.19 6.73 -18.53
N ASP G 81 36.61 6.97 -17.36
CA ASP G 81 35.91 5.90 -16.64
C ASP G 81 34.79 5.32 -17.49
N SER G 82 33.91 6.18 -18.01
CA SER G 82 32.76 5.68 -18.76
C SER G 82 33.20 5.02 -20.06
N TYR G 83 34.22 5.57 -20.71
CA TYR G 83 34.71 4.98 -21.95
C TYR G 83 35.24 3.58 -21.69
N CYS G 84 36.03 3.40 -20.65
CA CYS G 84 36.59 2.08 -20.40
C CYS G 84 35.51 1.11 -19.97
N TRP G 85 34.54 1.59 -19.18
CA TRP G 85 33.38 0.76 -18.84
C TRP G 85 32.68 0.25 -20.09
N ALA G 86 32.46 1.14 -21.06
CA ALA G 86 31.82 0.70 -22.30
C ALA G 86 32.80 -0.05 -23.19
N ALA G 87 34.09 0.05 -22.90
CA ALA G 87 35.13 -0.52 -23.74
C ALA G 87 35.58 -1.88 -23.28
N VAL G 88 35.06 -2.39 -22.17
CA VAL G 88 35.32 -3.79 -21.85
C VAL G 88 34.78 -4.70 -22.95
N GLN G 89 33.84 -4.20 -23.75
CA GLN G 89 33.33 -4.99 -24.88
C GLN G 89 34.26 -4.89 -26.08
N GLN G 90 34.57 -3.67 -26.51
CA GLN G 90 35.42 -3.47 -27.68
C GLN G 90 36.82 -4.01 -27.37
N LYS G 91 37.16 -5.14 -27.98
CA LYS G 91 38.38 -5.86 -27.60
C LYS G 91 39.62 -5.11 -28.04
N ASN G 92 39.50 -4.22 -29.03
CA ASN G 92 40.67 -3.53 -29.55
C ASN G 92 41.19 -2.51 -28.54
N SER G 93 40.30 -1.91 -27.75
CA SER G 93 40.70 -0.80 -26.89
C SER G 93 41.46 -1.28 -25.67
N LEU G 94 40.98 -2.34 -25.03
CA LEU G 94 41.51 -2.76 -23.73
C LEU G 94 42.47 -3.92 -23.91
N GLN G 95 43.53 -3.93 -23.12
CA GLN G 95 44.50 -5.01 -23.08
C GLN G 95 44.56 -5.56 -21.67
N SER G 96 44.13 -6.81 -21.49
CA SER G 96 44.10 -7.45 -20.19
C SER G 96 44.90 -8.75 -20.24
N GLU G 97 45.61 -9.02 -19.15
CA GLU G 97 46.44 -10.24 -19.09
C GLU G 97 45.57 -11.50 -19.12
N SER G 98 44.43 -11.50 -18.44
CA SER G 98 43.60 -12.68 -18.39
C SER G 98 42.80 -12.86 -19.68
N GLY G 99 42.41 -11.76 -20.31
CA GLY G 99 41.63 -11.79 -21.52
C GLY G 99 40.38 -10.94 -21.43
N ASN G 100 39.66 -10.87 -22.54
CA ASN G 100 38.47 -10.05 -22.59
C ASN G 100 37.27 -10.77 -22.00
N LEU G 101 37.29 -12.10 -22.02
CA LEU G 101 36.20 -12.87 -21.43
C LEU G 101 36.03 -12.61 -19.94
N PRO G 102 37.09 -12.57 -19.12
CA PRO G 102 36.89 -12.18 -17.71
C PRO G 102 36.28 -10.81 -17.58
N LEU G 103 36.65 -9.87 -18.46
CA LEU G 103 36.09 -8.53 -18.39
C LEU G 103 34.59 -8.54 -18.67
N TRP G 104 34.19 -9.27 -19.71
CA TRP G 104 32.78 -9.36 -20.08
C TRP G 104 31.95 -10.07 -19.02
N LEU G 105 32.58 -11.01 -18.31
CA LEU G 105 31.90 -11.79 -17.28
C LEU G 105 31.39 -10.95 -16.11
N HIS G 106 32.21 -9.99 -15.67
CA HIS G 106 31.87 -9.12 -14.55
C HIS G 106 30.66 -8.25 -14.85
N LYS G 107 30.66 -7.64 -16.03
CA LYS G 107 29.56 -6.77 -16.43
C LYS G 107 28.24 -7.53 -16.54
N PHE G 108 28.32 -8.75 -17.07
CA PHE G 108 27.14 -9.59 -17.25
C PHE G 108 26.83 -10.46 -16.03
N PHE G 109 27.67 -10.39 -15.01
CA PHE G 109 27.48 -11.21 -13.81
C PHE G 109 26.16 -10.90 -13.11
N PRO G 110 25.82 -9.61 -12.98
CA PRO G 110 24.56 -9.24 -12.33
C PRO G 110 23.37 -9.75 -13.13
N TYR G 111 23.46 -9.65 -14.45
CA TYR G 111 22.40 -10.11 -15.33
C TYR G 111 22.21 -11.61 -15.22
N ILE G 112 23.32 -12.34 -15.12
CA ILE G 112 23.26 -13.80 -15.01
C ILE G 112 22.54 -14.22 -13.74
N LEU G 113 22.80 -13.52 -12.66
CA LEU G 113 22.17 -13.82 -11.38
C LEU G 113 20.65 -13.77 -11.52
N LEU G 114 20.16 -12.78 -12.26
CA LEU G 114 18.73 -12.63 -12.47
C LEU G 114 18.22 -13.61 -13.52
N LEU G 115 19.03 -13.88 -14.54
CA LEU G 115 18.66 -14.86 -15.55
C LEU G 115 18.51 -16.24 -14.94
N PHE G 116 19.43 -16.59 -14.06
CA PHE G 116 19.33 -17.89 -13.38
C PHE G 116 18.10 -17.94 -12.48
N ALA G 117 17.81 -16.84 -11.79
CA ALA G 117 16.62 -16.80 -10.95
C ALA G 117 15.36 -16.99 -11.79
N ILE G 118 15.29 -16.33 -12.94
CA ILE G 118 14.12 -16.45 -13.80
C ILE G 118 13.99 -17.87 -14.36
N LEU G 119 15.08 -18.41 -14.89
CA LEU G 119 15.03 -19.78 -15.41
C LEU G 119 14.68 -20.79 -14.33
N LEU G 120 15.09 -20.53 -13.08
CA LEU G 120 14.75 -21.45 -12.01
C LEU G 120 13.31 -21.27 -11.57
N TYR G 121 12.76 -20.08 -11.77
CA TYR G 121 11.34 -19.86 -11.48
C TYR G 121 10.44 -20.41 -12.56
N LEU G 122 10.96 -20.60 -13.78
CA LEU G 122 10.11 -21.05 -14.88
C LEU G 122 9.48 -22.42 -14.67
N PRO G 123 10.20 -23.47 -14.25
CA PRO G 123 9.56 -24.78 -14.09
C PRO G 123 8.48 -24.78 -13.02
N PRO G 124 8.74 -24.08 -11.89
CA PRO G 124 7.72 -23.98 -10.85
C PRO G 124 6.49 -23.30 -11.44
N LEU G 125 6.71 -22.56 -12.52
CA LEU G 125 5.66 -21.84 -13.24
C LEU G 125 4.47 -22.76 -13.51
N PHE G 126 4.73 -24.06 -13.47
CA PHE G 126 3.67 -25.04 -13.66
C PHE G 126 2.67 -24.90 -12.51
N TRP G 127 3.19 -24.74 -11.30
CA TRP G 127 2.35 -24.53 -10.11
C TRP G 127 1.62 -23.19 -10.25
N ARG G 128 2.34 -22.19 -10.75
CA ARG G 128 1.81 -20.84 -10.94
C ARG G 128 0.66 -20.87 -11.94
N PHE G 129 0.83 -21.67 -12.99
CA PHE G 129 -0.18 -21.85 -14.04
C PHE G 129 -1.30 -22.76 -13.53
N ALA G 130 -2.43 -22.79 -14.22
CA ALA G 130 -3.54 -23.62 -13.76
C ALA G 130 -3.44 -25.10 -14.14
N ALA G 131 -2.44 -25.78 -13.59
CA ALA G 131 -2.23 -27.21 -13.80
C ALA G 131 -2.72 -28.01 -12.60
N ALA G 132 -3.27 -27.30 -11.61
CA ALA G 132 -3.79 -27.91 -10.40
C ALA G 132 -4.83 -28.96 -10.72
N PRO G 133 -5.81 -28.60 -11.56
CA PRO G 133 -6.85 -29.56 -11.94
C PRO G 133 -6.28 -30.88 -12.47
N HIS G 134 -5.13 -30.83 -13.12
CA HIS G 134 -4.49 -32.04 -13.62
C HIS G 134 -4.26 -33.04 -12.49
N ILE G 135 -3.85 -32.54 -11.32
CA ILE G 135 -3.62 -33.41 -10.16
C ILE G 135 -4.62 -33.29 -9.01
N CYS G 136 -4.87 -32.06 -8.55
CA CYS G 136 -5.78 -31.80 -7.43
C CYS G 136 -7.25 -32.14 -7.66
N SER G 137 -7.77 -31.89 -8.86
CA SER G 137 -9.17 -32.18 -9.14
C SER G 137 -9.43 -33.68 -9.01
N ASP G 138 -8.50 -34.48 -9.53
CA ASP G 138 -8.58 -35.93 -9.40
C ASP G 138 -8.46 -36.30 -7.92
N LEU G 139 -7.54 -35.62 -7.23
CA LEU G 139 -7.34 -35.82 -5.80
C LEU G 139 -8.62 -35.52 -5.05
N LYS G 140 -9.23 -34.36 -5.35
CA LYS G 140 -10.48 -34.00 -4.70
C LYS G 140 -11.53 -35.09 -4.92
N PHE G 141 -11.58 -35.66 -6.13
CA PHE G 141 -12.51 -36.74 -6.38
C PHE G 141 -12.18 -37.97 -5.54
N ILE G 142 -10.89 -38.30 -5.41
CA ILE G 142 -10.50 -39.46 -4.63
C ILE G 142 -10.86 -39.26 -3.16
N MET G 143 -10.63 -38.06 -2.64
CA MET G 143 -10.98 -37.78 -1.25
C MET G 143 -12.49 -37.86 -1.04
N GLU G 144 -13.27 -37.30 -1.96
CA GLU G 144 -14.73 -37.40 -1.84
C GLU G 144 -15.19 -38.85 -1.90
N GLU G 145 -14.61 -39.65 -2.80
CA GLU G 145 -15.01 -41.05 -2.90
C GLU G 145 -14.61 -41.83 -1.66
N LEU G 146 -13.47 -41.49 -1.05
CA LEU G 146 -13.07 -42.16 0.18
C LEU G 146 -14.01 -41.82 1.33
N ASP G 147 -14.38 -40.53 1.45
CA ASP G 147 -15.35 -40.16 2.47
C ASP G 147 -16.68 -40.87 2.24
N LYS G 148 -17.09 -41.00 0.97
CA LYS G 148 -18.36 -41.65 0.67
C LYS G 148 -18.32 -43.13 1.01
N VAL G 149 -17.22 -43.82 0.67
CA VAL G 149 -17.12 -45.24 0.97
C VAL G 149 -17.07 -45.45 2.47
N TYR G 150 -16.43 -44.55 3.21
CA TYR G 150 -16.41 -44.65 4.67
C TYR G 150 -17.82 -44.49 5.23
N ASN G 151 -18.55 -43.48 4.76
CA ASN G 151 -19.92 -43.28 5.22
C ASN G 151 -20.78 -44.50 4.93
N ARG G 152 -20.65 -45.06 3.72
CA ARG G 152 -21.45 -46.22 3.38
C ARG G 152 -21.09 -47.44 4.21
N ALA G 153 -19.79 -47.60 4.50
CA ALA G 153 -19.37 -48.73 5.33
C ALA G 153 -19.92 -48.62 6.74
N ILE G 154 -19.89 -47.41 7.33
CA ILE G 154 -20.39 -47.27 8.68
C ILE G 154 -21.91 -47.34 8.70
N LYS G 155 -22.57 -46.92 7.61
CA LYS G 155 -24.01 -47.05 7.53
C LYS G 155 -24.43 -48.52 7.44
N ALA G 156 -23.69 -49.31 6.66
CA ALA G 156 -23.94 -50.75 6.62
C ALA G 156 -23.67 -51.38 7.98
N ALA G 157 -22.60 -50.96 8.65
CA ALA G 157 -22.31 -51.48 9.98
C ALA G 157 -23.35 -51.03 10.99
N LYS G 158 -23.83 -49.79 10.86
CA LYS G 158 -24.86 -49.31 11.78
C LYS G 158 -26.17 -50.07 11.57
N SER G 159 -26.53 -50.35 10.33
CA SER G 159 -27.73 -51.13 10.06
C SER G 159 -27.59 -52.55 10.59
N ALA G 160 -26.38 -53.11 10.55
CA ALA G 160 -26.15 -54.43 11.12
C ALA G 160 -26.29 -54.40 12.63
N ARG G 161 -25.83 -53.32 13.27
CA ARG G 161 -25.98 -53.20 14.71
C ARG G 161 -27.44 -53.04 15.11
N ASP G 162 -28.26 -52.50 14.21
CA ASP G 162 -29.69 -52.34 14.47
C ASP G 162 -30.43 -53.64 14.21
N PHE G 191 -24.91 -52.40 -6.15
CA PHE G 191 -23.75 -51.52 -6.28
C PHE G 191 -22.49 -52.19 -5.75
N LYS G 192 -21.90 -51.58 -4.72
CA LYS G 192 -20.69 -52.09 -4.08
C LYS G 192 -19.56 -52.27 -5.09
N TYR G 193 -19.22 -51.19 -5.78
CA TYR G 193 -18.16 -51.20 -6.78
C TYR G 193 -16.96 -50.42 -6.27
N PRO G 194 -15.76 -50.99 -6.26
CA PRO G 194 -14.58 -50.22 -5.85
C PRO G 194 -14.18 -49.22 -6.92
N ILE G 195 -14.89 -48.08 -6.96
CA ILE G 195 -14.67 -47.12 -8.03
C ILE G 195 -13.33 -46.42 -7.86
N VAL G 196 -12.97 -46.05 -6.63
CA VAL G 196 -11.71 -45.34 -6.41
C VAL G 196 -10.54 -46.29 -6.62
N GLU G 197 -10.69 -47.56 -6.26
CA GLU G 197 -9.64 -48.53 -6.51
C GLU G 197 -9.43 -48.72 -8.00
N GLN G 198 -10.51 -48.78 -8.77
CA GLN G 198 -10.37 -48.91 -10.22
C GLN G 198 -9.75 -47.65 -10.82
N TYR G 199 -10.10 -46.48 -10.28
CA TYR G 199 -9.51 -45.24 -10.78
C TYR G 199 -8.00 -45.22 -10.55
N LEU G 200 -7.57 -45.64 -9.36
CA LEU G 200 -6.14 -45.69 -9.08
C LEU G 200 -5.44 -46.75 -9.93
N LYS G 201 -6.11 -47.89 -10.14
CA LYS G 201 -5.57 -48.89 -11.06
C LYS G 201 -5.36 -48.30 -12.44
N THR G 202 -6.28 -47.42 -12.87
CA THR G 202 -6.11 -46.75 -14.16
C THR G 202 -4.94 -45.78 -14.12
N LYS G 203 -4.86 -45.01 -13.04
CA LYS G 203 -3.78 -44.01 -12.83
C LYS G 203 -2.41 -44.67 -13.06
N LYS G 204 -2.30 -45.96 -12.75
CA LYS G 204 -1.04 -46.73 -12.92
C LYS G 204 -0.67 -46.79 -14.42
N ASN G 205 -1.68 -46.95 -15.27
CA ASN G 205 -1.50 -47.11 -16.74
C ASN G 205 -0.83 -45.88 -17.38
N SER G 206 -1.20 -44.66 -16.97
CA SER G 206 -0.63 -43.45 -17.61
C SER G 206 0.37 -42.75 -16.67
N ASN G 207 1.62 -42.61 -17.11
CA ASN G 207 2.68 -41.94 -16.32
C ASN G 207 2.72 -40.45 -16.69
N ASN G 208 1.88 -40.04 -17.63
CA ASN G 208 2.06 -38.74 -18.34
C ASN G 208 1.95 -37.58 -17.33
N LEU G 209 1.01 -37.67 -16.40
CA LEU G 209 0.82 -36.61 -15.37
C LEU G 209 2.09 -36.50 -14.52
N ILE G 210 2.70 -37.65 -14.18
CA ILE G 210 3.93 -37.67 -13.34
C ILE G 210 5.12 -37.21 -14.21
N ILE G 211 4.98 -37.33 -15.53
CA ILE G 211 6.05 -36.93 -16.44
C ILE G 211 6.16 -35.42 -16.47
N LYS G 212 5.04 -34.70 -16.34
CA LYS G 212 5.12 -33.26 -16.18
C LYS G 212 5.93 -32.89 -14.93
N TYR G 213 5.67 -33.58 -13.83
CA TYR G 213 6.36 -33.28 -12.58
C TYR G 213 7.85 -33.58 -12.67
N ILE G 214 8.22 -34.77 -13.14
CA ILE G 214 9.63 -35.11 -13.21
C ILE G 214 10.32 -34.27 -14.30
N SER G 215 9.56 -33.77 -15.27
CA SER G 215 10.16 -32.91 -16.27
C SER G 215 10.47 -31.54 -15.70
N CYS G 216 9.54 -30.96 -14.93
CA CYS G 216 9.84 -29.67 -14.31
C CYS G 216 10.98 -29.82 -13.30
N ARG G 217 10.99 -30.93 -12.55
CA ARG G 217 12.09 -31.16 -11.62
C ARG G 217 13.41 -31.37 -12.36
N LEU G 218 13.37 -32.03 -13.53
CA LEU G 218 14.61 -32.27 -14.27
C LEU G 218 15.14 -30.99 -14.87
N LEU G 219 14.27 -30.12 -15.37
CA LEU G 219 14.72 -28.82 -15.83
C LEU G 219 15.26 -27.98 -14.68
N THR G 220 14.63 -28.07 -13.50
CA THR G 220 15.17 -27.37 -12.34
C THR G 220 16.56 -27.87 -12.02
N LEU G 221 16.77 -29.19 -12.05
CA LEU G 221 18.08 -29.74 -11.76
C LEU G 221 19.10 -29.33 -12.82
N ILE G 222 18.70 -29.34 -14.09
CA ILE G 222 19.62 -28.97 -15.16
C ILE G 222 20.03 -27.52 -15.03
N ILE G 223 19.08 -26.63 -14.74
CA ILE G 223 19.40 -25.22 -14.59
C ILE G 223 20.24 -25.00 -13.34
N ILE G 224 19.97 -25.74 -12.27
CA ILE G 224 20.78 -25.61 -11.06
C ILE G 224 22.21 -26.06 -11.34
N LEU G 225 22.38 -27.13 -12.12
CA LEU G 225 23.73 -27.59 -12.42
C LEU G 225 24.45 -26.63 -13.34
N LEU G 226 23.74 -26.05 -14.30
CA LEU G 226 24.36 -25.05 -15.16
C LEU G 226 24.75 -23.81 -14.35
N ALA G 227 23.92 -23.44 -13.38
CA ALA G 227 24.27 -22.32 -12.51
C ALA G 227 25.46 -22.65 -11.64
N CYS G 228 25.54 -23.89 -11.13
CA CYS G 228 26.71 -24.30 -10.38
C CYS G 228 27.96 -24.23 -11.24
N ILE G 229 27.87 -24.68 -12.49
CA ILE G 229 29.03 -24.64 -13.37
C ILE G 229 29.46 -23.19 -13.61
N TYR G 230 28.50 -22.33 -13.92
CA TYR G 230 28.84 -20.93 -14.19
C TYR G 230 29.43 -20.26 -12.95
N LEU G 231 28.85 -20.50 -11.78
CA LEU G 231 29.33 -19.85 -10.56
C LEU G 231 30.70 -20.38 -10.16
N GLY G 232 30.93 -21.67 -10.41
CA GLY G 232 32.20 -22.27 -10.09
C GLY G 232 33.28 -21.53 -10.85
N TYR G 233 33.02 -21.23 -12.12
CA TYR G 233 33.96 -20.53 -12.97
C TYR G 233 34.37 -19.16 -12.43
N TYR G 234 33.40 -18.40 -11.94
CA TYR G 234 33.69 -17.07 -11.42
C TYR G 234 34.63 -17.11 -10.22
N PHE G 235 34.40 -18.07 -9.33
CA PHE G 235 35.24 -18.24 -8.15
C PHE G 235 36.66 -18.61 -8.54
N SER G 236 36.77 -19.47 -9.55
CA SER G 236 38.05 -19.94 -10.04
C SER G 236 38.92 -18.82 -10.62
N LEU G 237 38.29 -17.87 -11.31
CA LEU G 237 39.01 -16.78 -11.94
C LEU G 237 39.77 -15.90 -10.94
N SER G 238 40.97 -15.48 -11.35
CA SER G 238 41.85 -14.63 -10.57
C SER G 238 41.23 -13.25 -10.32
N SER G 239 40.52 -12.75 -11.34
CA SER G 239 39.82 -11.46 -11.36
C SER G 239 40.72 -10.22 -11.40
N LEU G 240 41.96 -10.38 -11.83
CA LEU G 240 42.86 -9.25 -11.96
C LEU G 240 42.27 -8.44 -13.10
N SER G 241 41.33 -9.08 -13.77
CA SER G 241 40.55 -8.55 -14.89
C SER G 241 40.16 -7.09 -14.70
N ASP G 242 39.82 -6.72 -13.47
CA ASP G 242 39.43 -5.35 -13.17
C ASP G 242 40.65 -4.42 -13.26
N GLU G 243 41.84 -5.03 -13.25
CA GLU G 243 43.09 -4.30 -13.33
C GLU G 243 43.56 -4.11 -14.77
N PHE G 244 42.79 -4.63 -15.72
CA PHE G 244 43.14 -4.55 -17.13
C PHE G 244 43.21 -3.11 -17.61
N VAL G 245 44.19 -2.83 -18.47
CA VAL G 245 44.39 -1.49 -19.01
C VAL G 245 43.31 -1.09 -20.03
N CYS G 246 43.26 0.20 -20.32
CA CYS G 246 42.29 0.75 -21.26
C CYS G 246 42.88 1.97 -21.94
N SER G 247 42.59 2.13 -23.22
CA SER G 247 43.18 3.18 -24.03
C SER G 247 42.08 3.92 -24.77
N ILE G 248 41.86 5.18 -24.41
CA ILE G 248 40.89 5.99 -25.13
C ILE G 248 41.58 6.68 -26.29
N LYS G 249 41.82 5.94 -27.37
CA LYS G 249 42.56 6.46 -28.51
C LYS G 249 41.94 6.05 -29.84
N SER G 250 40.63 5.85 -29.88
CA SER G 250 39.95 5.68 -31.16
C SER G 250 39.34 7.00 -31.59
N GLY G 251 39.12 7.13 -32.90
CA GLY G 251 38.58 8.36 -33.43
C GLY G 251 39.62 9.48 -33.45
N ILE G 252 39.14 10.70 -33.25
CA ILE G 252 40.03 11.85 -33.31
C ILE G 252 41.02 11.88 -32.15
N LEU G 253 40.80 11.07 -31.12
CA LEU G 253 41.74 11.04 -30.00
C LEU G 253 42.96 10.18 -30.34
N ARG G 254 42.93 9.52 -31.49
CA ARG G 254 43.97 8.54 -31.80
C ARG G 254 45.35 9.17 -31.79
N ASN G 255 45.54 10.24 -32.55
CA ASN G 255 46.86 10.86 -32.62
C ASN G 255 46.98 12.04 -31.67
N ASP G 256 46.00 12.23 -30.80
CA ASP G 256 46.09 13.28 -29.78
C ASP G 256 47.26 12.99 -28.85
N SER G 257 47.85 14.06 -28.31
CA SER G 257 49.05 13.93 -27.51
C SER G 257 48.83 14.20 -26.03
N THR G 258 47.88 15.05 -25.66
CA THR G 258 47.66 15.36 -24.25
C THR G 258 47.11 14.15 -23.50
N VAL G 259 46.40 13.27 -24.19
CA VAL G 259 45.83 12.08 -23.58
C VAL G 259 46.88 10.99 -23.53
N PRO G 260 47.10 10.35 -22.38
CA PRO G 260 48.11 9.29 -22.30
C PRO G 260 47.72 8.07 -23.09
N ASP G 261 48.72 7.22 -23.33
CA ASP G 261 48.51 6.08 -24.21
C ASP G 261 47.51 5.09 -23.64
N GLN G 262 47.55 4.86 -22.32
CA GLN G 262 46.71 3.86 -21.70
C GLN G 262 46.45 4.21 -20.25
N PHE G 263 45.31 3.76 -19.75
CA PHE G 263 44.88 4.02 -18.39
C PHE G 263 44.77 2.71 -17.63
N GLN G 264 45.07 2.76 -16.33
CA GLN G 264 44.95 1.57 -15.48
C GLN G 264 43.59 1.62 -14.82
N CYS G 265 42.65 0.85 -15.36
CA CYS G 265 41.31 0.75 -14.80
C CYS G 265 41.19 -0.49 -13.94
N LYS G 266 40.31 -0.42 -12.96
CA LYS G 266 40.01 -1.56 -12.10
C LYS G 266 38.51 -1.67 -11.93
N LEU G 267 37.98 -2.88 -12.08
CA LEU G 267 36.55 -3.13 -11.96
C LEU G 267 36.09 -3.26 -10.50
N ILE G 268 35.25 -2.32 -10.07
CA ILE G 268 34.72 -2.30 -8.72
C ILE G 268 33.68 -3.39 -8.47
N ALA G 269 33.54 -3.76 -7.20
CA ALA G 269 32.58 -4.77 -6.73
C ALA G 269 32.67 -6.16 -7.37
N VAL G 270 33.86 -6.56 -7.78
CA VAL G 270 34.05 -7.88 -8.36
C VAL G 270 34.43 -8.88 -7.28
N GLY G 271 35.21 -8.45 -6.29
CA GLY G 271 35.45 -9.30 -5.14
C GLY G 271 34.16 -9.68 -4.42
N ILE G 272 33.25 -8.72 -4.31
CA ILE G 272 31.93 -9.00 -3.75
C ILE G 272 31.18 -9.99 -4.62
N PHE G 273 31.29 -9.83 -5.95
CA PHE G 273 30.64 -10.76 -6.86
C PHE G 273 31.15 -12.18 -6.67
N GLN G 274 32.47 -12.33 -6.50
CA GLN G 274 33.03 -13.67 -6.34
C GLN G 274 32.66 -14.26 -4.99
N LEU G 275 32.73 -13.45 -3.93
CA LEU G 275 32.34 -13.94 -2.61
C LEU G 275 30.86 -14.32 -2.58
N LEU G 276 30.02 -13.66 -3.36
CA LEU G 276 28.61 -14.04 -3.39
C LEU G 276 28.38 -15.22 -4.33
N SER G 277 29.20 -15.35 -5.37
CA SER G 277 29.06 -16.45 -6.29
C SER G 277 29.45 -17.77 -5.61
N VAL G 278 30.43 -17.72 -4.72
CA VAL G 278 30.80 -18.96 -4.02
C VAL G 278 29.69 -19.35 -3.04
N ILE G 279 29.03 -18.36 -2.44
CA ILE G 279 27.89 -18.65 -1.56
C ILE G 279 26.77 -19.30 -2.36
N ASN G 280 26.43 -18.69 -3.50
CA ASN G 280 25.40 -19.25 -4.36
C ASN G 280 25.77 -20.65 -4.82
N LEU G 281 27.04 -20.88 -5.16
CA LEU G 281 27.46 -22.21 -5.59
C LEU G 281 27.35 -23.22 -4.47
N VAL G 282 27.73 -22.85 -3.25
CA VAL G 282 27.60 -23.76 -2.11
C VAL G 282 26.15 -24.13 -1.88
N VAL G 283 25.28 -23.11 -1.84
CA VAL G 283 23.86 -23.39 -1.61
C VAL G 283 23.29 -24.22 -2.74
N TYR G 284 23.77 -24.01 -3.97
CA TYR G 284 23.20 -24.74 -5.09
C TYR G 284 23.68 -26.18 -5.12
N VAL G 285 24.92 -26.44 -4.70
CA VAL G 285 25.38 -27.82 -4.66
C VAL G 285 24.84 -28.54 -3.43
N LEU G 286 24.34 -27.77 -2.46
CA LEU G 286 23.56 -28.39 -1.40
C LEU G 286 22.13 -28.65 -1.85
N LEU G 287 21.62 -27.84 -2.77
CA LEU G 287 20.25 -27.97 -3.22
C LEU G 287 20.09 -29.07 -4.26
N ALA G 288 21.13 -29.28 -5.07
CA ALA G 288 21.04 -30.27 -6.14
C ALA G 288 20.74 -31.67 -5.64
N PRO G 289 21.35 -32.18 -4.57
CA PRO G 289 20.93 -33.50 -4.06
C PRO G 289 19.47 -33.53 -3.65
N VAL G 290 18.95 -32.43 -3.13
CA VAL G 290 17.54 -32.38 -2.76
C VAL G 290 16.66 -32.54 -3.99
N VAL G 291 17.02 -31.87 -5.08
CA VAL G 291 16.23 -32.00 -6.31
C VAL G 291 16.35 -33.42 -6.87
N VAL G 292 17.56 -33.98 -6.82
CA VAL G 292 17.74 -35.35 -7.32
C VAL G 292 16.91 -36.33 -6.52
N TYR G 293 16.86 -36.16 -5.20
CA TYR G 293 16.02 -37.02 -4.38
C TYR G 293 14.53 -36.81 -4.70
N THR G 294 14.18 -35.54 -4.90
CA THR G 294 12.81 -35.17 -5.24
C THR G 294 12.53 -35.67 -6.66
N LEU G 295 13.58 -35.83 -7.45
CA LEU G 295 13.44 -36.32 -8.81
C LEU G 295 12.88 -37.74 -8.77
N PHE G 296 13.40 -38.55 -7.85
CA PHE G 296 12.95 -39.92 -7.70
C PHE G 296 11.67 -40.00 -6.88
N VAL G 297 10.53 -39.92 -7.57
CA VAL G 297 9.22 -39.98 -6.91
C VAL G 297 8.97 -41.30 -6.20
N PRO G 298 9.34 -42.42 -6.83
CA PRO G 298 9.14 -43.74 -6.23
C PRO G 298 9.91 -43.89 -4.92
N PHE G 299 11.14 -43.40 -4.89
CA PHE G 299 11.97 -43.49 -3.69
C PHE G 299 11.47 -42.53 -2.61
N ARG G 300 10.55 -41.65 -3.00
CA ARG G 300 9.99 -40.66 -2.09
C ARG G 300 8.67 -41.09 -1.43
N GLN G 301 8.21 -42.30 -1.74
CA GLN G 301 6.93 -42.76 -1.19
C GLN G 301 7.03 -43.94 -0.21
N LYS G 302 6.52 -43.72 1.00
CA LYS G 302 6.51 -44.73 2.04
C LYS G 302 5.27 -44.59 2.92
N THR G 303 4.87 -45.67 3.58
CA THR G 303 3.72 -45.67 4.48
C THR G 303 2.42 -45.12 3.87
N ASP G 304 2.03 -45.68 2.73
CA ASP G 304 0.82 -45.28 2.02
C ASP G 304 -0.42 -45.17 2.91
N VAL G 305 -1.21 -44.14 2.66
CA VAL G 305 -2.45 -43.85 3.38
C VAL G 305 -3.55 -44.90 3.24
N LEU G 306 -3.65 -45.50 2.06
CA LEU G 306 -4.70 -46.48 1.76
C LEU G 306 -4.69 -47.71 2.66
N LYS G 307 -3.50 -48.21 3.01
CA LYS G 307 -3.36 -49.38 3.86
C LYS G 307 -4.25 -49.33 5.12
N VAL G 308 -4.83 -48.16 5.38
CA VAL G 308 -5.69 -47.96 6.53
C VAL G 308 -7.15 -48.16 6.16
N TYR G 309 -7.50 -48.02 4.88
CA TYR G 309 -8.87 -48.21 4.43
C TYR G 309 -9.23 -49.67 4.20
N GLU G 310 -8.26 -50.58 4.29
CA GLU G 310 -8.51 -51.97 3.94
C GLU G 310 -9.38 -52.66 4.99
N ILE G 311 -9.65 -51.99 6.11
CA ILE G 311 -10.40 -52.59 7.20
C ILE G 311 -11.88 -52.26 7.06
N LEU G 312 -12.27 -51.74 5.90
CA LEU G 312 -13.66 -51.41 5.65
C LEU G 312 -14.30 -52.50 4.80
N PRO G 313 -15.51 -52.96 5.14
CA PRO G 313 -16.17 -53.95 4.28
C PRO G 313 -16.52 -53.41 2.91
N THR G 314 -16.97 -52.16 2.83
CA THR G 314 -17.33 -51.54 1.56
C THR G 314 -16.11 -51.19 0.72
N PHE G 315 -14.92 -51.56 1.15
CA PHE G 315 -13.69 -51.28 0.43
C PHE G 315 -12.94 -52.59 0.20
N ASP G 316 -12.56 -52.84 -1.05
CA ASP G 316 -11.87 -54.06 -1.39
C ASP G 316 -10.53 -54.11 -0.67
N VAL G 317 -10.07 -55.33 -0.37
CA VAL G 317 -8.81 -55.51 0.32
C VAL G 317 -7.68 -55.52 -0.69
N LEU G 318 -7.22 -54.34 -1.09
CA LEU G 318 -6.17 -54.19 -2.07
C LEU G 318 -5.57 -52.80 -1.99
N HIS G 319 -4.27 -52.72 -1.69
CA HIS G 319 -3.56 -51.46 -1.79
C HIS G 319 -3.25 -51.12 -3.25
N PHE G 320 -2.45 -51.98 -3.89
CA PHE G 320 -2.15 -51.87 -5.32
C PHE G 320 -1.61 -50.49 -5.69
N LYS G 321 -0.63 -50.03 -4.92
CA LYS G 321 -0.02 -48.73 -5.18
C LYS G 321 1.45 -48.76 -4.78
N SER G 322 2.30 -49.06 -5.77
CA SER G 322 3.75 -49.11 -5.57
C SER G 322 4.48 -49.43 -6.86
N GLU G 323 5.81 -49.30 -6.85
CA GLU G 323 6.73 -49.85 -7.84
C GLU G 323 6.46 -49.37 -9.25
N GLY G 324 6.65 -48.09 -9.55
CA GLY G 324 6.53 -47.64 -10.93
C GLY G 324 6.88 -46.19 -11.11
N TYR G 325 7.42 -45.89 -12.30
CA TYR G 325 7.59 -44.53 -12.78
C TYR G 325 6.30 -44.15 -13.51
N ASN G 326 5.19 -44.19 -12.77
CA ASN G 326 3.88 -43.93 -13.33
C ASN G 326 3.12 -42.99 -12.42
N ASP G 327 2.04 -42.41 -12.95
CA ASP G 327 1.33 -41.35 -12.25
C ASP G 327 0.78 -41.86 -10.92
N LEU G 328 0.69 -43.17 -10.74
CA LEU G 328 0.16 -43.71 -9.50
C LEU G 328 1.04 -43.36 -8.32
N SER G 329 2.37 -43.39 -8.51
CA SER G 329 3.28 -43.05 -7.42
C SER G 329 3.16 -41.57 -7.06
N LEU G 330 3.04 -40.71 -8.07
CA LEU G 330 2.83 -39.29 -7.81
C LEU G 330 1.54 -39.07 -7.05
N TYR G 331 0.47 -39.76 -7.45
CA TYR G 331 -0.79 -39.63 -6.74
C TYR G 331 -0.67 -40.16 -5.32
N ASN G 332 0.15 -41.19 -5.12
CA ASN G 332 0.39 -41.70 -3.77
C ASN G 332 1.05 -40.64 -2.92
N LEU G 333 2.05 -39.93 -3.47
CA LEU G 333 2.68 -38.86 -2.72
C LEU G 333 1.68 -37.76 -2.38
N PHE G 334 0.89 -37.33 -3.36
CA PHE G 334 -0.04 -36.23 -3.10
C PHE G 334 -1.15 -36.66 -2.15
N LEU G 335 -1.52 -37.93 -2.17
CA LEU G 335 -2.48 -38.45 -1.21
C LEU G 335 -1.88 -38.49 0.19
N GLU G 336 -0.64 -38.94 0.30
CA GLU G 336 0.04 -38.95 1.59
C GLU G 336 0.13 -37.54 2.15
N GLU G 337 0.25 -36.54 1.28
CA GLU G 337 0.32 -35.17 1.78
C GLU G 337 -1.06 -34.66 2.19
N ASN G 338 -2.03 -34.71 1.28
CA ASN G 338 -3.33 -34.07 1.49
C ASN G 338 -4.33 -34.96 2.21
N ILE G 339 -3.91 -36.14 2.69
CA ILE G 339 -4.87 -37.08 3.23
C ILE G 339 -5.26 -36.72 4.65
N SER G 340 -4.44 -35.88 5.30
CA SER G 340 -4.76 -35.48 6.67
C SER G 340 -6.01 -34.62 6.71
N GLU G 341 -6.36 -33.98 5.59
CA GLU G 341 -7.59 -33.22 5.53
C GLU G 341 -8.81 -34.14 5.52
N VAL G 342 -8.62 -35.41 5.12
CA VAL G 342 -9.73 -36.34 5.04
C VAL G 342 -10.08 -36.86 6.43
N LYS G 343 -11.29 -36.55 6.88
CA LYS G 343 -11.72 -36.94 8.22
C LYS G 343 -11.81 -38.45 8.34
N SER G 344 -12.38 -39.12 7.33
CA SER G 344 -12.48 -40.56 7.36
C SER G 344 -11.11 -41.20 7.49
N TYR G 345 -10.11 -40.67 6.80
CA TYR G 345 -8.76 -41.19 6.95
C TYR G 345 -8.27 -41.01 8.38
N LYS G 346 -8.58 -39.86 9.00
CA LYS G 346 -8.13 -39.62 10.36
C LYS G 346 -8.72 -40.64 11.31
N CYS G 347 -10.03 -40.87 11.24
CA CYS G 347 -10.65 -41.84 12.13
C CYS G 347 -10.14 -43.25 11.86
N LEU G 348 -9.98 -43.61 10.59
CA LEU G 348 -9.48 -44.93 10.27
C LEU G 348 -8.06 -45.13 10.80
N LYS G 349 -7.24 -44.08 10.75
CA LYS G 349 -5.89 -44.19 11.28
C LYS G 349 -5.91 -44.30 12.80
N VAL G 350 -6.85 -43.61 13.45
CA VAL G 350 -7.04 -43.83 14.87
C VAL G 350 -7.33 -45.28 15.17
N LEU G 351 -8.28 -45.89 14.46
CA LEU G 351 -8.56 -47.30 14.68
C LEU G 351 -7.35 -48.19 14.37
N GLU G 352 -6.60 -47.85 13.32
CA GLU G 352 -5.46 -48.67 12.94
C GLU G 352 -4.37 -48.62 14.00
N ASN G 353 -4.14 -47.45 14.58
CA ASN G 353 -3.15 -47.33 15.65
C ASN G 353 -3.58 -48.08 16.89
N ILE G 354 -4.87 -48.01 17.23
CA ILE G 354 -5.40 -48.77 18.34
C ILE G 354 -5.21 -50.27 18.10
N LYS G 355 -5.36 -50.69 16.84
CA LYS G 355 -5.22 -52.10 16.48
C LYS G 355 -3.82 -52.63 16.76
N SER G 356 -2.86 -51.74 16.95
CA SER G 356 -1.51 -52.17 17.33
C SER G 356 -1.53 -52.93 18.65
N SER G 357 -2.37 -52.47 19.57
CA SER G 357 -2.53 -53.13 20.85
C SER G 357 -3.44 -54.34 20.69
N GLY G 358 -4.46 -54.21 19.84
CA GLY G 358 -5.40 -55.28 19.57
C GLY G 358 -6.50 -55.42 20.59
N GLN G 359 -6.58 -54.46 21.52
CA GLN G 359 -7.60 -54.48 22.57
C GLN G 359 -9.03 -54.36 22.06
N GLY G 360 -9.23 -53.51 21.05
CA GLY G 360 -10.55 -53.29 20.49
C GLY G 360 -10.80 -53.78 19.08
N ILE G 361 -11.93 -54.43 18.87
CA ILE G 361 -12.32 -54.97 17.56
C ILE G 361 -12.40 -53.88 16.48
N ASP G 362 -12.10 -54.26 15.25
CA ASP G 362 -12.11 -53.32 14.13
C ASP G 362 -13.49 -52.72 13.88
N PRO G 363 -14.43 -53.53 13.37
CA PRO G 363 -15.80 -53.09 13.10
C PRO G 363 -16.52 -52.58 14.34
N MET G 364 -16.25 -53.17 15.51
CA MET G 364 -16.87 -52.68 16.73
C MET G 364 -16.44 -51.26 17.04
N LEU G 365 -15.12 -50.99 16.99
CA LEU G 365 -14.63 -49.65 17.25
C LEU G 365 -15.12 -48.67 16.19
N LEU G 366 -15.27 -49.15 14.96
CA LEU G 366 -15.75 -48.30 13.88
C LEU G 366 -17.16 -47.83 14.20
N LEU G 367 -18.04 -48.79 14.49
CA LEU G 367 -19.42 -48.50 14.83
C LEU G 367 -19.52 -47.70 16.13
N THR G 368 -18.66 -48.03 17.08
CA THR G 368 -18.64 -47.37 18.38
C THR G 368 -18.32 -45.87 18.26
N ASN G 369 -17.40 -45.53 17.37
CA ASN G 369 -17.03 -44.14 17.18
C ASN G 369 -18.21 -43.29 16.71
N LEU G 370 -18.99 -43.85 15.79
CA LEU G 370 -20.19 -43.18 15.26
C LEU G 370 -19.91 -41.79 14.71
#